data_2GW2
# 
_entry.id   2GW2 
# 
_audit_conform.dict_name       mmcif_pdbx.dic 
_audit_conform.dict_version    5.377 
_audit_conform.dict_location   http://mmcif.pdb.org/dictionaries/ascii/mmcif_pdbx.dic 
# 
loop_
_database_2.database_id 
_database_2.database_code 
_database_2.pdbx_database_accession 
_database_2.pdbx_DOI 
PDB   2GW2         pdb_00002gw2 10.2210/pdb2gw2/pdb 
RCSB  RCSB037618   ?            ?                   
WWPDB D_1000037618 ?            ?                   
# 
_pdbx_database_status.entry_id                        2GW2 
_pdbx_database_status.deposit_site                    RCSB 
_pdbx_database_status.process_site                    RCSB 
_pdbx_database_status.recvd_initial_deposition_date   2006-05-03 
_pdbx_database_status.status_code                     REL 
_pdbx_database_status.status_code_sf                  REL 
_pdbx_database_status.status_code_mr                  ? 
_pdbx_database_status.SG_entry                        Y 
_pdbx_database_status.pdb_format_compatible           Y 
_pdbx_database_status.status_code_cs                  ? 
_pdbx_database_status.methods_development_category    ? 
_pdbx_database_status.status_code_nmr_data            ? 
# 
loop_
_audit_author.name 
_audit_author.pdbx_ordinal 
'Bernstein, G.'                        1  
'Tempel, W.'                           2  
'Davis, T.'                            3  
'Newman, E.M.'                         4  
'Finerty Jr., P.J.'                    5  
'Mackenzie, F.'                        6  
'Weigelt, J.'                          7  
'Sundstrom, M.'                        8  
'Arrowsmith, C.H.'                     9  
'Edwards, A.M.'                        10 
'Bochkarev, A.'                        11 
'Dhe-Paganon, S.'                      12 
'Structural Genomics Consortium (SGC)' 13 
# 
_citation.id                        primary 
_citation.title                     
'Structural and biochemical characterization of the human cyclophilin family of peptidyl-prolyl isomerases.' 
_citation.journal_abbrev            'PLoS Biol.' 
_citation.journal_volume            8 
_citation.page_first                e1000439 
_citation.page_last                 e1000439 
_citation.year                      2010 
_citation.journal_id_ASTM           ? 
_citation.country                   US 
_citation.journal_id_ISSN           1545-7885 
_citation.journal_id_CSD            ? 
_citation.book_publisher            ? 
_citation.pdbx_database_id_PubMed   20676357 
_citation.pdbx_database_id_DOI      10.1371/journal.pbio.1000439 
# 
loop_
_citation_author.citation_id 
_citation_author.name 
_citation_author.ordinal 
_citation_author.identifier_ORCID 
primary 'Davis, T.L.'         1  ? 
primary 'Walker, J.R.'        2  ? 
primary 'Campagna-Slater, V.' 3  ? 
primary 'Finerty, P.J.'       4  ? 
primary 'Paramanathan, R.'    5  ? 
primary 'Bernstein, G.'       6  ? 
primary 'MacKenzie, F.'       7  ? 
primary 'Tempel, W.'          8  ? 
primary 'Ouyang, H.'          9  ? 
primary 'Lee, W.H.'           10 ? 
primary 'Eisenmesser, E.Z.'   11 ? 
primary 'Dhe-Paganon, S.'     12 ? 
# 
_cell.length_a           37.432 
_cell.length_b           65.504 
_cell.length_c           69.341 
_cell.angle_alpha        90.00 
_cell.angle_beta         90.00 
_cell.angle_gamma        90.00 
_cell.entry_id           2GW2 
_cell.pdbx_unique_axis   ? 
_cell.Z_PDB              4 
_cell.length_a_esd       ? 
_cell.length_b_esd       ? 
_cell.length_c_esd       ? 
_cell.angle_alpha_esd    ? 
_cell.angle_beta_esd     ? 
_cell.angle_gamma_esd    ? 
# 
_symmetry.space_group_name_H-M             'P 21 21 21' 
_symmetry.Int_Tables_number                19 
_symmetry.entry_id                         2GW2 
_symmetry.pdbx_full_space_group_name_H-M   ? 
_symmetry.cell_setting                     ? 
_symmetry.space_group_name_Hall            ? 
# 
loop_
_entity.id 
_entity.type 
_entity.src_method 
_entity.pdbx_description 
_entity.formula_weight 
_entity.pdbx_number_of_molecules 
_entity.pdbx_ec 
_entity.pdbx_mutation 
_entity.pdbx_fragment 
_entity.details 
1 polymer     man 'Peptidyl-prolyl cis-trans isomerase G' 21842.746 1   5.2.1.8 'K106A, E107A' 'residues 1-179' ? 
2 non-polymer syn 'UNKNOWN ATOM OR ION'                   ?         4   ?       ?              ?                ? 
3 water       nat water                                   18.015    103 ?       ?              ?                ? 
# 
_entity_name_com.entity_id   1 
_entity_name_com.name        
;Peptidyl-prolyl isomerase G, PPIase G, Rotamase G, Cyclophilin G, Clk-associating RS-cyclophilin, CARS-cyclophilin, CARS-Cyp, SR-cyclophilin, SRcyp, SR-cyp, CASP10
;
# 
_entity_poly.entity_id                      1 
_entity_poly.type                           'polypeptide(L)' 
_entity_poly.nstd_linkage                   no 
_entity_poly.nstd_monomer                   no 
_entity_poly.pdbx_seq_one_letter_code       
;MGSSHHHHHHSSGLVPRGSMGIKVQRPRCFFDIAINNQPAGRVVFELFSDVCPKTCENFRCLCTGEKGTGKSTQKPLHYK
SCLFHRVVKDFMVQGGDFSEGNGRGGESIYGGFFEDESFAVKHNAAFLLSMANRGKDTNGSQFFITTKPTPHLDGHHVVF
GQVISGQEVVREIENQKTDAASKPFAEVRILSCGELIP
;
_entity_poly.pdbx_seq_one_letter_code_can   
;MGSSHHHHHHSSGLVPRGSMGIKVQRPRCFFDIAINNQPAGRVVFELFSDVCPKTCENFRCLCTGEKGTGKSTQKPLHYK
SCLFHRVVKDFMVQGGDFSEGNGRGGESIYGGFFEDESFAVKHNAAFLLSMANRGKDTNGSQFFITTKPTPHLDGHHVVF
GQVISGQEVVREIENQKTDAASKPFAEVRILSCGELIP
;
_entity_poly.pdbx_strand_id                 A 
_entity_poly.pdbx_target_identifier         ? 
# 
loop_
_entity_poly_seq.entity_id 
_entity_poly_seq.num 
_entity_poly_seq.mon_id 
_entity_poly_seq.hetero 
1 1   MET n 
1 2   GLY n 
1 3   SER n 
1 4   SER n 
1 5   HIS n 
1 6   HIS n 
1 7   HIS n 
1 8   HIS n 
1 9   HIS n 
1 10  HIS n 
1 11  SER n 
1 12  SER n 
1 13  GLY n 
1 14  LEU n 
1 15  VAL n 
1 16  PRO n 
1 17  ARG n 
1 18  GLY n 
1 19  SER n 
1 20  MET n 
1 21  GLY n 
1 22  ILE n 
1 23  LYS n 
1 24  VAL n 
1 25  GLN n 
1 26  ARG n 
1 27  PRO n 
1 28  ARG n 
1 29  CYS n 
1 30  PHE n 
1 31  PHE n 
1 32  ASP n 
1 33  ILE n 
1 34  ALA n 
1 35  ILE n 
1 36  ASN n 
1 37  ASN n 
1 38  GLN n 
1 39  PRO n 
1 40  ALA n 
1 41  GLY n 
1 42  ARG n 
1 43  VAL n 
1 44  VAL n 
1 45  PHE n 
1 46  GLU n 
1 47  LEU n 
1 48  PHE n 
1 49  SER n 
1 50  ASP n 
1 51  VAL n 
1 52  CYS n 
1 53  PRO n 
1 54  LYS n 
1 55  THR n 
1 56  CYS n 
1 57  GLU n 
1 58  ASN n 
1 59  PHE n 
1 60  ARG n 
1 61  CYS n 
1 62  LEU n 
1 63  CYS n 
1 64  THR n 
1 65  GLY n 
1 66  GLU n 
1 67  LYS n 
1 68  GLY n 
1 69  THR n 
1 70  GLY n 
1 71  LYS n 
1 72  SER n 
1 73  THR n 
1 74  GLN n 
1 75  LYS n 
1 76  PRO n 
1 77  LEU n 
1 78  HIS n 
1 79  TYR n 
1 80  LYS n 
1 81  SER n 
1 82  CYS n 
1 83  LEU n 
1 84  PHE n 
1 85  HIS n 
1 86  ARG n 
1 87  VAL n 
1 88  VAL n 
1 89  LYS n 
1 90  ASP n 
1 91  PHE n 
1 92  MET n 
1 93  VAL n 
1 94  GLN n 
1 95  GLY n 
1 96  GLY n 
1 97  ASP n 
1 98  PHE n 
1 99  SER n 
1 100 GLU n 
1 101 GLY n 
1 102 ASN n 
1 103 GLY n 
1 104 ARG n 
1 105 GLY n 
1 106 GLY n 
1 107 GLU n 
1 108 SER n 
1 109 ILE n 
1 110 TYR n 
1 111 GLY n 
1 112 GLY n 
1 113 PHE n 
1 114 PHE n 
1 115 GLU n 
1 116 ASP n 
1 117 GLU n 
1 118 SER n 
1 119 PHE n 
1 120 ALA n 
1 121 VAL n 
1 122 LYS n 
1 123 HIS n 
1 124 ASN n 
1 125 ALA n 
1 126 ALA n 
1 127 PHE n 
1 128 LEU n 
1 129 LEU n 
1 130 SER n 
1 131 MET n 
1 132 ALA n 
1 133 ASN n 
1 134 ARG n 
1 135 GLY n 
1 136 LYS n 
1 137 ASP n 
1 138 THR n 
1 139 ASN n 
1 140 GLY n 
1 141 SER n 
1 142 GLN n 
1 143 PHE n 
1 144 PHE n 
1 145 ILE n 
1 146 THR n 
1 147 THR n 
1 148 LYS n 
1 149 PRO n 
1 150 THR n 
1 151 PRO n 
1 152 HIS n 
1 153 LEU n 
1 154 ASP n 
1 155 GLY n 
1 156 HIS n 
1 157 HIS n 
1 158 VAL n 
1 159 VAL n 
1 160 PHE n 
1 161 GLY n 
1 162 GLN n 
1 163 VAL n 
1 164 ILE n 
1 165 SER n 
1 166 GLY n 
1 167 GLN n 
1 168 GLU n 
1 169 VAL n 
1 170 VAL n 
1 171 ARG n 
1 172 GLU n 
1 173 ILE n 
1 174 GLU n 
1 175 ASN n 
1 176 GLN n 
1 177 LYS n 
1 178 THR n 
1 179 ASP n 
1 180 ALA n 
1 181 ALA n 
1 182 SER n 
1 183 LYS n 
1 184 PRO n 
1 185 PHE n 
1 186 ALA n 
1 187 GLU n 
1 188 VAL n 
1 189 ARG n 
1 190 ILE n 
1 191 LEU n 
1 192 SER n 
1 193 CYS n 
1 194 GLY n 
1 195 GLU n 
1 196 LEU n 
1 197 ILE n 
1 198 PRO n 
# 
_entity_src_gen.entity_id                          1 
_entity_src_gen.pdbx_src_id                        1 
_entity_src_gen.pdbx_alt_source_flag               sample 
_entity_src_gen.pdbx_seq_type                      ? 
_entity_src_gen.pdbx_beg_seq_num                   ? 
_entity_src_gen.pdbx_end_seq_num                   ? 
_entity_src_gen.gene_src_common_name               human 
_entity_src_gen.gene_src_genus                     Homo 
_entity_src_gen.pdbx_gene_src_gene                 PPIG 
_entity_src_gen.gene_src_species                   ? 
_entity_src_gen.gene_src_strain                    ? 
_entity_src_gen.gene_src_tissue                    ? 
_entity_src_gen.gene_src_tissue_fraction           ? 
_entity_src_gen.gene_src_details                   ? 
_entity_src_gen.pdbx_gene_src_fragment             ? 
_entity_src_gen.pdbx_gene_src_scientific_name      'Homo sapiens' 
_entity_src_gen.pdbx_gene_src_ncbi_taxonomy_id     9606 
_entity_src_gen.pdbx_gene_src_variant              ? 
_entity_src_gen.pdbx_gene_src_cell_line            ? 
_entity_src_gen.pdbx_gene_src_atcc                 ? 
_entity_src_gen.pdbx_gene_src_organ                ? 
_entity_src_gen.pdbx_gene_src_organelle            ? 
_entity_src_gen.pdbx_gene_src_cell                 ? 
_entity_src_gen.pdbx_gene_src_cellular_location    ? 
_entity_src_gen.host_org_common_name               ? 
_entity_src_gen.pdbx_host_org_scientific_name      'Escherichia coli' 
_entity_src_gen.pdbx_host_org_ncbi_taxonomy_id     562 
_entity_src_gen.host_org_genus                     Escherichia 
_entity_src_gen.pdbx_host_org_gene                 ? 
_entity_src_gen.pdbx_host_org_organ                ? 
_entity_src_gen.host_org_species                   ? 
_entity_src_gen.pdbx_host_org_tissue               ? 
_entity_src_gen.pdbx_host_org_tissue_fraction      ? 
_entity_src_gen.pdbx_host_org_strain               'BL21(DE3)Codon Plus RIL' 
_entity_src_gen.pdbx_host_org_variant              ? 
_entity_src_gen.pdbx_host_org_cell_line            ? 
_entity_src_gen.pdbx_host_org_atcc                 ? 
_entity_src_gen.pdbx_host_org_culture_collection   ? 
_entity_src_gen.pdbx_host_org_cell                 ? 
_entity_src_gen.pdbx_host_org_organelle            ? 
_entity_src_gen.pdbx_host_org_cellular_location    ? 
_entity_src_gen.pdbx_host_org_vector_type          plasmid 
_entity_src_gen.pdbx_host_org_vector               ? 
_entity_src_gen.host_org_details                   ? 
_entity_src_gen.expression_system_id               ? 
_entity_src_gen.plasmid_name                       pET28a 
_entity_src_gen.plasmid_details                    ? 
_entity_src_gen.pdbx_description                   ? 
# 
_struct_ref.id                         1 
_struct_ref.db_name                    UNP 
_struct_ref.db_code                    PPIG_HUMAN 
_struct_ref.pdbx_db_accession          Q13427 
_struct_ref.entity_id                  1 
_struct_ref.pdbx_seq_one_letter_code   
;MGIKVQRPRCFFDIAINNQPAGRVVFELFSDVCPKTCENFRCLCTGEKGTGKSTQKPLHYKSCLFHRVVKDFMVQGGDFS
EGNGRGGESIYGGFFEDESFAVKHNKEFLLSMANRGKDTNGSQFFITTKPTPHLDGHHVVFGQVISGQEVVREIENQKTD
AASKPFAEVRILSCGELIP
;
_struct_ref.pdbx_align_begin           1 
_struct_ref.pdbx_db_isoform            ? 
# 
_struct_ref_seq.align_id                      1 
_struct_ref_seq.ref_id                        1 
_struct_ref_seq.pdbx_PDB_id_code              2GW2 
_struct_ref_seq.pdbx_strand_id                A 
_struct_ref_seq.seq_align_beg                 20 
_struct_ref_seq.pdbx_seq_align_beg_ins_code   ? 
_struct_ref_seq.seq_align_end                 198 
_struct_ref_seq.pdbx_seq_align_end_ins_code   ? 
_struct_ref_seq.pdbx_db_accession             Q13427 
_struct_ref_seq.db_align_beg                  1 
_struct_ref_seq.pdbx_db_align_beg_ins_code    ? 
_struct_ref_seq.db_align_end                  179 
_struct_ref_seq.pdbx_db_align_end_ins_code    ? 
_struct_ref_seq.pdbx_auth_seq_align_beg       1 
_struct_ref_seq.pdbx_auth_seq_align_end       179 
# 
loop_
_struct_ref_seq_dif.align_id 
_struct_ref_seq_dif.pdbx_pdb_id_code 
_struct_ref_seq_dif.mon_id 
_struct_ref_seq_dif.pdbx_pdb_strand_id 
_struct_ref_seq_dif.seq_num 
_struct_ref_seq_dif.pdbx_pdb_ins_code 
_struct_ref_seq_dif.pdbx_seq_db_name 
_struct_ref_seq_dif.pdbx_seq_db_accession_code 
_struct_ref_seq_dif.db_mon_id 
_struct_ref_seq_dif.pdbx_seq_db_seq_num 
_struct_ref_seq_dif.details 
_struct_ref_seq_dif.pdbx_auth_seq_num 
_struct_ref_seq_dif.pdbx_ordinal 
1 2GW2 MET A 1   ? UNP Q13427 ?   ?   'cloning artifact'    -18 1  
1 2GW2 GLY A 2   ? UNP Q13427 ?   ?   'cloning artifact'    -17 2  
1 2GW2 SER A 3   ? UNP Q13427 ?   ?   'cloning artifact'    -16 3  
1 2GW2 SER A 4   ? UNP Q13427 ?   ?   'cloning artifact'    -15 4  
1 2GW2 HIS A 5   ? UNP Q13427 ?   ?   'expression tag'      -14 5  
1 2GW2 HIS A 6   ? UNP Q13427 ?   ?   'expression tag'      -13 6  
1 2GW2 HIS A 7   ? UNP Q13427 ?   ?   'expression tag'      -12 7  
1 2GW2 HIS A 8   ? UNP Q13427 ?   ?   'expression tag'      -11 8  
1 2GW2 HIS A 9   ? UNP Q13427 ?   ?   'expression tag'      -10 9  
1 2GW2 HIS A 10  ? UNP Q13427 ?   ?   'expression tag'      -9  10 
1 2GW2 SER A 11  ? UNP Q13427 ?   ?   'cloning artifact'    -8  11 
1 2GW2 SER A 12  ? UNP Q13427 ?   ?   'cloning artifact'    -7  12 
1 2GW2 GLY A 13  ? UNP Q13427 ?   ?   'cloning artifact'    -6  13 
1 2GW2 LEU A 14  ? UNP Q13427 ?   ?   'cloning artifact'    -5  14 
1 2GW2 VAL A 15  ? UNP Q13427 ?   ?   'cloning artifact'    -4  15 
1 2GW2 PRO A 16  ? UNP Q13427 ?   ?   'cloning artifact'    -3  16 
1 2GW2 ARG A 17  ? UNP Q13427 ?   ?   'cloning artifact'    -2  17 
1 2GW2 GLY A 18  ? UNP Q13427 ?   ?   'cloning artifact'    -1  18 
1 2GW2 SER A 19  ? UNP Q13427 ?   ?   'cloning artifact'    0   19 
1 2GW2 ALA A 125 ? UNP Q13427 LYS 106 'engineered mutation' 106 20 
1 2GW2 ALA A 126 ? UNP Q13427 GLU 107 'engineered mutation' 107 21 
# 
loop_
_chem_comp.id 
_chem_comp.type 
_chem_comp.mon_nstd_flag 
_chem_comp.name 
_chem_comp.pdbx_synonyms 
_chem_comp.formula 
_chem_comp.formula_weight 
ALA 'L-peptide linking' y ALANINE               ? 'C3 H7 N O2'     89.093  
ARG 'L-peptide linking' y ARGININE              ? 'C6 H15 N4 O2 1' 175.209 
ASN 'L-peptide linking' y ASPARAGINE            ? 'C4 H8 N2 O3'    132.118 
ASP 'L-peptide linking' y 'ASPARTIC ACID'       ? 'C4 H7 N O4'     133.103 
CYS 'L-peptide linking' y CYSTEINE              ? 'C3 H7 N O2 S'   121.158 
GLN 'L-peptide linking' y GLUTAMINE             ? 'C5 H10 N2 O3'   146.144 
GLU 'L-peptide linking' y 'GLUTAMIC ACID'       ? 'C5 H9 N O4'     147.129 
GLY 'peptide linking'   y GLYCINE               ? 'C2 H5 N O2'     75.067  
HIS 'L-peptide linking' y HISTIDINE             ? 'C6 H10 N3 O2 1' 156.162 
HOH non-polymer         . WATER                 ? 'H2 O'           18.015  
ILE 'L-peptide linking' y ISOLEUCINE            ? 'C6 H13 N O2'    131.173 
LEU 'L-peptide linking' y LEUCINE               ? 'C6 H13 N O2'    131.173 
LYS 'L-peptide linking' y LYSINE                ? 'C6 H15 N2 O2 1' 147.195 
MET 'L-peptide linking' y METHIONINE            ? 'C5 H11 N O2 S'  149.211 
PHE 'L-peptide linking' y PHENYLALANINE         ? 'C9 H11 N O2'    165.189 
PRO 'L-peptide linking' y PROLINE               ? 'C5 H9 N O2'     115.130 
SER 'L-peptide linking' y SERINE                ? 'C3 H7 N O3'     105.093 
THR 'L-peptide linking' y THREONINE             ? 'C4 H9 N O3'     119.119 
TYR 'L-peptide linking' y TYROSINE              ? 'C9 H11 N O3'    181.189 
UNX non-polymer         . 'UNKNOWN ATOM OR ION' ? ?                ?       
VAL 'L-peptide linking' y VALINE                ? 'C5 H11 N O2'    117.146 
# 
_exptl.crystals_number   1 
_exptl.method            'X-RAY DIFFRACTION' 
_exptl.entry_id          2GW2 
# 
_exptl_crystal.id                    1 
_exptl_crystal.density_percent_sol   36.77 
_exptl_crystal.density_Matthews      1.95 
_exptl_crystal.density_meas          ? 
_exptl_crystal.description           ? 
_exptl_crystal.F_000                 ? 
_exptl_crystal.preparation           ? 
# 
_exptl_crystal_grow.crystal_id      1 
_exptl_crystal_grow.method          'VAPOR DIFFUSION, SITTING DROP' 
_exptl_crystal_grow.pH              7.5 
_exptl_crystal_grow.temp            291 
_exptl_crystal_grow.pdbx_details    
'2M ammonium sulfate, 0.2M sodium chloride, 0.1M HEPES, pH 7.5, vapor diffusion, sitting drop, temperature 291K' 
_exptl_crystal_grow.temp_details    ? 
_exptl_crystal_grow.pdbx_pH_range   . 
# 
_diffrn.id                     1 
_diffrn.ambient_temp           100 
_diffrn.ambient_temp_details   ? 
_diffrn.crystal_id             1 
# 
_diffrn_detector.diffrn_id              1 
_diffrn_detector.detector               'IMAGE PLATE' 
_diffrn_detector.type                   'RIGAKU RAXIS' 
_diffrn_detector.pdbx_collection_date   2006-04-28 
_diffrn_detector.details                ? 
# 
_diffrn_radiation.diffrn_id                        1 
_diffrn_radiation.pdbx_diffrn_protocol             'SINGLE WAVELENGTH' 
_diffrn_radiation.monochromator                    ? 
_diffrn_radiation.wavelength_id                    1 
_diffrn_radiation.pdbx_monochromatic_or_laue_m_l   M 
_diffrn_radiation.pdbx_scattering_type             x-ray 
# 
_diffrn_radiation_wavelength.id           1 
_diffrn_radiation_wavelength.wavelength   1.5418 
_diffrn_radiation_wavelength.wt           1.0 
# 
_diffrn_source.diffrn_id                   1 
_diffrn_source.source                      'ROTATING ANODE' 
_diffrn_source.type                        'RIGAKU FR-E' 
_diffrn_source.pdbx_wavelength_list        1.5418 
_diffrn_source.pdbx_wavelength             ? 
_diffrn_source.pdbx_synchrotron_site       ? 
_diffrn_source.pdbx_synchrotron_beamline   ? 
# 
_reflns.entry_id                     2GW2 
_reflns.d_resolution_high            1.800 
_reflns.d_resolution_low             30.000 
_reflns.number_obs                   14841 
_reflns.pdbx_Rmerge_I_obs            0.148 
_reflns.pdbx_netI_over_sigmaI        5.800 
_reflns.pdbx_chi_squared             1.660 
_reflns.pdbx_redundancy              4.000 
_reflns.percent_possible_obs         90.000 
_reflns.observed_criterion_sigma_F   ? 
_reflns.observed_criterion_sigma_I   ? 
_reflns.number_all                   ? 
_reflns.pdbx_Rsym_value              ? 
_reflns.B_iso_Wilson_estimate        ? 
_reflns.R_free_details               ? 
_reflns.limit_h_max                  ? 
_reflns.limit_h_min                  ? 
_reflns.limit_k_max                  ? 
_reflns.limit_k_min                  ? 
_reflns.limit_l_max                  ? 
_reflns.limit_l_min                  ? 
_reflns.observed_criterion_F_max     ? 
_reflns.observed_criterion_F_min     ? 
_reflns.pdbx_scaling_rejects         ? 
_reflns.pdbx_diffrn_id               1 
_reflns.pdbx_ordinal                 1 
# 
loop_
_reflns_shell.d_res_high 
_reflns_shell.d_res_low 
_reflns_shell.number_measured_obs 
_reflns_shell.number_measured_all 
_reflns_shell.number_unique_obs 
_reflns_shell.Rmerge_I_obs 
_reflns_shell.meanI_over_sigI_obs 
_reflns_shell.pdbx_Rsym_value 
_reflns_shell.pdbx_chi_squared 
_reflns_shell.pdbx_redundancy 
_reflns_shell.percent_possible_obs 
_reflns_shell.number_unique_all 
_reflns_shell.percent_possible_all 
_reflns_shell.pdbx_diffrn_id 
_reflns_shell.pdbx_ordinal 
1.80 1.86  ? ? 908  0.63  ? ? 0.854 2.20 56.40 ? ? ? 1  
1.86 1.94  ? ? 1144 0.514 ? ? 0.996 2.70 71.80 ? ? ? 2  
1.94 2.03  ? ? 1478 0.44  ? ? 1.063 3.50 90.60 ? ? ? 3  
2.03 2.13  ? ? 1578 0.388 ? ? 1.235 4.30 97.10 ? ? ? 4  
2.13 2.27  ? ? 1584 0.267 ? ? 1.600 4.30 97.70 ? ? ? 5  
2.27 2.44  ? ? 1616 0.297 ? ? 1.497 4.30 98.50 ? ? ? 6  
2.44 2.69  ? ? 1620 0.215 ? ? 1.528 4.40 98.40 ? ? ? 7  
2.69 3.08  ? ? 1622 0.154 ? ? 1.807 4.40 98.40 ? ? ? 8  
3.08 3.88  ? ? 1624 0.098 ? ? 2.549 4.40 96.70 ? ? ? 9  
3.88 30.00 ? ? 1667 0.07  ? ? 2.153 4.40 92.90 ? ? ? 10 
# 
_refine.details                                  
'HYDROGENS HAVE BEEN ADDED IN THE RIDING POSITIONS. ARP/WARP, Molprobity were also used for the refinement.' 
_refine.B_iso_mean                               14.140 
_refine.aniso_B[1][1]                            1.093 
_refine.aniso_B[2][2]                            -0.175 
_refine.aniso_B[3][3]                            -0.917 
_refine.aniso_B[1][2]                            0.000 
_refine.aniso_B[1][3]                            0.000 
_refine.aniso_B[2][3]                            0.000 
_refine.solvent_model_details                    'MASK BULK SOLVENT' 
_refine.pdbx_solvent_vdw_probe_radii             1.400 
_refine.pdbx_solvent_ion_probe_radii             0.800 
_refine.pdbx_solvent_shrinkage_radii             0.800 
_refine.ls_d_res_high                            1.800 
_refine.ls_d_res_low                             29.617 
_refine.ls_number_reflns_R_free                  728 
_refine.ls_number_reflns_obs                     14604 
_refine.ls_R_factor_R_work                       0.2168 
_refine.ls_R_factor_R_free                       0.2793 
_refine.ls_R_factor_all                          0.22 
_refine.ls_wR_factor_R_work                      0.189 
_refine.ls_wR_factor_R_free                      0.241 
_refine.ls_percent_reflns_obs                    89.136 
_refine.ls_percent_reflns_R_free                 4.985 
_refine.correlation_coeff_Fo_to_Fc               0.932 
_refine.correlation_coeff_Fo_to_Fc_free          0.874 
_refine.pdbx_overall_ESU_R                       0.175 
_refine.pdbx_overall_ESU_R_Free                  0.172 
_refine.overall_SU_ML                            0.129 
_refine.overall_SU_B                             4.199 
_refine.entry_id                                 2GW2 
_refine.pdbx_ls_sigma_F                          ? 
_refine.pdbx_ls_sigma_I                          ? 
_refine.ls_number_reflns_all                     ? 
_refine.ls_R_factor_obs                          ? 
_refine.ls_redundancy_reflns_obs                 ? 
_refine.pdbx_data_cutoff_high_absF               ? 
_refine.pdbx_data_cutoff_low_absF                ? 
_refine.ls_number_parameters                     ? 
_refine.ls_number_restraints                     ? 
_refine.ls_R_factor_R_free_error                 ? 
_refine.ls_R_factor_R_free_error_details         ? 
_refine.pdbx_method_to_determine_struct          'MOLECULAR REPLACEMENT' 
_refine.pdbx_starting_model                      'pdb entry 1A58' 
_refine.pdbx_ls_cross_valid_method               ? 
_refine.pdbx_R_Free_selection_details            Random 
_refine.pdbx_stereochem_target_val_spec_case     ? 
_refine.pdbx_stereochemistry_target_values       ? 
_refine.solvent_model_param_bsol                 ? 
_refine.solvent_model_param_ksol                 ? 
_refine.occupancy_max                            ? 
_refine.occupancy_min                            ? 
_refine.pdbx_isotropic_thermal_model             ? 
_refine.B_iso_min                                ? 
_refine.B_iso_max                                ? 
_refine.overall_SU_R_Cruickshank_DPI             ? 
_refine.overall_SU_R_free                        ? 
_refine.pdbx_data_cutoff_high_rms_absF           ? 
_refine.overall_FOM_free_R_set                   ? 
_refine.overall_FOM_work_R_set                   ? 
_refine.pdbx_refine_id                           'X-RAY DIFFRACTION' 
_refine.pdbx_diffrn_id                           1 
_refine.pdbx_TLS_residual_ADP_flag               ? 
_refine.pdbx_overall_phase_error                 ? 
_refine.pdbx_overall_SU_R_free_Cruickshank_DPI   ? 
_refine.pdbx_overall_SU_R_Blow_DPI               ? 
_refine.pdbx_overall_SU_R_free_Blow_DPI          ? 
# 
_refine_hist.pdbx_refine_id                   'X-RAY DIFFRACTION' 
_refine_hist.cycle_id                         LAST 
_refine_hist.pdbx_number_atoms_protein        1342 
_refine_hist.pdbx_number_atoms_nucleic_acid   0 
_refine_hist.pdbx_number_atoms_ligand         4 
_refine_hist.number_atoms_solvent             103 
_refine_hist.number_atoms_total               1449 
_refine_hist.d_res_high                       1.800 
_refine_hist.d_res_low                        29.617 
# 
loop_
_refine_ls_restr.type 
_refine_ls_restr.number 
_refine_ls_restr.dev_ideal 
_refine_ls_restr.dev_ideal_target 
_refine_ls_restr.weight 
_refine_ls_restr.pdbx_refine_id 
_refine_ls_restr.pdbx_restraint_function 
r_bond_refined_d         1374 0.017  0.022  ? 'X-RAY DIFFRACTION' ? 
r_bond_other_d           958  0.002  0.020  ? 'X-RAY DIFFRACTION' ? 
r_angle_refined_deg      1851 1.474  1.941  ? 'X-RAY DIFFRACTION' ? 
r_angle_other_deg        2327 0.981  3.000  ? 'X-RAY DIFFRACTION' ? 
r_dihedral_angle_1_deg   174  7.468  5.000  ? 'X-RAY DIFFRACTION' ? 
r_dihedral_angle_2_deg   66   36.550 24.242 ? 'X-RAY DIFFRACTION' ? 
r_dihedral_angle_3_deg   230  12.443 15.000 ? 'X-RAY DIFFRACTION' ? 
r_dihedral_angle_4_deg   7    18.908 15.000 ? 'X-RAY DIFFRACTION' ? 
r_chiral_restr           195  0.091  0.200  ? 'X-RAY DIFFRACTION' ? 
r_gen_planes_refined     1562 0.006  0.020  ? 'X-RAY DIFFRACTION' ? 
r_gen_planes_other       293  0.001  0.020  ? 'X-RAY DIFFRACTION' ? 
r_nbd_refined            258  0.180  0.200  ? 'X-RAY DIFFRACTION' ? 
r_nbd_other              1060 0.196  0.200  ? 'X-RAY DIFFRACTION' ? 
r_nbtor_refined          659  0.171  0.200  ? 'X-RAY DIFFRACTION' ? 
r_nbtor_other            673  0.083  0.200  ? 'X-RAY DIFFRACTION' ? 
r_xyhbond_nbd_refined    82   0.124  0.200  ? 'X-RAY DIFFRACTION' ? 
r_symmetry_vdw_refined   9    0.186  0.200  ? 'X-RAY DIFFRACTION' ? 
r_symmetry_vdw_other     22   0.238  0.200  ? 'X-RAY DIFFRACTION' ? 
r_symmetry_hbond_refined 12   0.120  0.200  ? 'X-RAY DIFFRACTION' ? 
r_mcbond_it              1103 2.836  2.000  ? 'X-RAY DIFFRACTION' ? 
r_mcbond_other           356  0.928  2.000  ? 'X-RAY DIFFRACTION' ? 
r_mcangle_it             1380 3.264  3.000  ? 'X-RAY DIFFRACTION' ? 
r_scbond_it              592  2.939  2.000  ? 'X-RAY DIFFRACTION' ? 
r_scangle_it             470  3.592  3.000  ? 'X-RAY DIFFRACTION' ? 
# 
loop_
_refine_ls_shell.pdbx_total_number_of_bins_used 
_refine_ls_shell.d_res_low 
_refine_ls_shell.d_res_high 
_refine_ls_shell.number_reflns_all 
_refine_ls_shell.percent_reflns_obs 
_refine_ls_shell.number_reflns_R_work 
_refine_ls_shell.R_factor_R_work 
_refine_ls_shell.R_factor_all 
_refine_ls_shell.number_reflns_R_free 
_refine_ls_shell.R_factor_R_free 
_refine_ls_shell.number_reflns_obs 
_refine_ls_shell.R_factor_R_free_error 
_refine_ls_shell.percent_reflns_R_free 
_refine_ls_shell.redundancy_reflns_obs 
_refine_ls_shell.pdbx_refine_id 
20 1.847  1.800 1159 55.651 606 0.373 0.376 39 0.418 . . . . 'X-RAY DIFFRACTION' 
20 1.897  1.847 1156 64.187 708 0.378 0.383 34 0.48  . . . . 'X-RAY DIFFRACTION' 
20 1.952  1.897 1122 79.234 855 0.302 0.304 34 0.36  . . . . 'X-RAY DIFFRACTION' 
20 2.012  1.952 1090 91.376 938 0.244 0.247 58 0.288 . . . . 'X-RAY DIFFRACTION' 
20 2.077  2.012 1081 96.762 996 0.213 0.214 50 0.247 . . . . 'X-RAY DIFFRACTION' 
20 2.150  2.077 1012 97.332 936 0.209 0.212 49 0.262 . . . . 'X-RAY DIFFRACTION' 
20 2.230  2.150 1013 91.116 876 0.267 0.268 47 0.285 . . . . 'X-RAY DIFFRACTION' 
20 2.321  2.230 971  88.980 813 0.315 0.321 51 0.426 . . . . 'X-RAY DIFFRACTION' 
20 2.424  2.321 906  97.903 834 0.193 0.196 53 0.254 . . . . 'X-RAY DIFFRACTION' 
20 2.541  2.424 888  98.423 828 0.195 0.199 46 0.28  . . . . 'X-RAY DIFFRACTION' 
20 2.677  2.541 854  98.712 805 0.205 0.209 38 0.306 . . . . 'X-RAY DIFFRACTION' 
20 2.838  2.677 797  98.871 749 0.191 0.194 39 0.247 . . . . 'X-RAY DIFFRACTION' 
20 3.032  2.838 755  98.278 708 0.21  0.213 34 0.265 . . . . 'X-RAY DIFFRACTION' 
20 3.272  3.032 708  97.881 664 0.192 0.198 29 0.314 . . . . 'X-RAY DIFFRACTION' 
20 3.580  3.272 654  96.942 603 0.183 0.184 31 0.192 . . . . 'X-RAY DIFFRACTION' 
20 3.996  3.580 599  91.820 517 0.204 0.205 33 0.213 . . . . 'X-RAY DIFFRACTION' 
20 4.600  3.996 542  95.018 493 0.156 0.160 22 0.267 . . . . 'X-RAY DIFFRACTION' 
20 5.600  4.600 459  93.682 411 0.188 0.191 19 0.27  . . . . 'X-RAY DIFFRACTION' 
20 7.782  5.600 381  92.388 339 0.232 0.234 13 0.293 . . . . 'X-RAY DIFFRACTION' 
20 29.617 7.782 237  86.920 197 0.21  0.212 9  0.263 . . . . 'X-RAY DIFFRACTION' 
# 
_struct.entry_id                  2GW2 
_struct.title                     'Crystal structure of the peptidyl-prolyl isomerase domain of human cyclophilin G' 
_struct.pdbx_model_details        ? 
_struct.pdbx_CASP_flag            ? 
_struct.pdbx_model_type_details   ? 
# 
_struct_keywords.text            
;mutation, surface mutagenesis, mutant, ppiase, cis-trans isomerization, peptidyl-prolyl isomerase, protein folding, Structural Genomics, Structural Genomics Consortium, SGC, ISOMERASE
;
_struct_keywords.entry_id        2GW2 
_struct_keywords.pdbx_keywords   ISOMERASE 
# 
loop_
_struct_asym.id 
_struct_asym.pdbx_blank_PDB_chainid_flag 
_struct_asym.pdbx_modified 
_struct_asym.entity_id 
_struct_asym.details 
A N N 1 ? 
B N N 2 ? 
C N N 2 ? 
D N N 2 ? 
E N N 2 ? 
F N N 3 ? 
# 
_struct_biol.id                    1 
_struct_biol.details               'not known' 
_struct_biol.pdbx_parent_biol_id   ? 
# 
loop_
_struct_conf.conf_type_id 
_struct_conf.id 
_struct_conf.pdbx_PDB_helix_id 
_struct_conf.beg_label_comp_id 
_struct_conf.beg_label_asym_id 
_struct_conf.beg_label_seq_id 
_struct_conf.pdbx_beg_PDB_ins_code 
_struct_conf.end_label_comp_id 
_struct_conf.end_label_asym_id 
_struct_conf.end_label_seq_id 
_struct_conf.pdbx_end_PDB_ins_code 
_struct_conf.beg_auth_comp_id 
_struct_conf.beg_auth_asym_id 
_struct_conf.beg_auth_seq_id 
_struct_conf.end_auth_comp_id 
_struct_conf.end_auth_asym_id 
_struct_conf.end_auth_seq_id 
_struct_conf.pdbx_PDB_helix_class 
_struct_conf.details 
_struct_conf.pdbx_PDB_helix_length 
HELX_P HELX_P1 1 CYS A 52  ? GLY A 65  ? CYS A 33  GLY A 46  1 ? 14 
HELX_P HELX_P2 2 THR A 150 ? ASP A 154 ? THR A 131 ASP A 135 5 ? 5  
HELX_P HELX_P3 3 GLY A 166 ? ASN A 175 ? GLY A 147 ASN A 156 1 ? 10 
# 
_struct_conf_type.id          HELX_P 
_struct_conf_type.criteria    ? 
_struct_conf_type.reference   ? 
# 
_struct_sheet.id               A 
_struct_sheet.type             ? 
_struct_sheet.number_strands   8 
_struct_sheet.details          ? 
# 
loop_
_struct_sheet_order.sheet_id 
_struct_sheet_order.range_id_1 
_struct_sheet_order.range_id_2 
_struct_sheet_order.offset 
_struct_sheet_order.sense 
A 1 2 ? anti-parallel 
A 2 3 ? anti-parallel 
A 3 4 ? anti-parallel 
A 4 5 ? anti-parallel 
A 5 6 ? anti-parallel 
A 6 7 ? anti-parallel 
A 7 8 ? anti-parallel 
# 
loop_
_struct_sheet_range.sheet_id 
_struct_sheet_range.id 
_struct_sheet_range.beg_label_comp_id 
_struct_sheet_range.beg_label_asym_id 
_struct_sheet_range.beg_label_seq_id 
_struct_sheet_range.pdbx_beg_PDB_ins_code 
_struct_sheet_range.end_label_comp_id 
_struct_sheet_range.end_label_asym_id 
_struct_sheet_range.end_label_seq_id 
_struct_sheet_range.pdbx_end_PDB_ins_code 
_struct_sheet_range.beg_auth_comp_id 
_struct_sheet_range.beg_auth_asym_id 
_struct_sheet_range.beg_auth_seq_id 
_struct_sheet_range.end_auth_comp_id 
_struct_sheet_range.end_auth_asym_id 
_struct_sheet_range.end_auth_seq_id 
A 1 ARG A 86  ? VAL A 88  ? ARG A 67  VAL A 69  
A 2 MET A 92  ? GLY A 95  ? MET A 73  GLY A 76  
A 3 PHE A 143 ? THR A 146 ? PHE A 124 THR A 127 
A 4 LEU A 128 ? MET A 131 ? LEU A 109 MET A 112 
A 5 VAL A 159 ? SER A 165 ? VAL A 140 SER A 146 
A 6 GLN A 38  ? LEU A 47  ? GLN A 19  LEU A 28  
A 7 ARG A 28  ? ILE A 35  ? ARG A 9   ILE A 16  
A 8 VAL A 188 ? LEU A 196 ? VAL A 169 LEU A 177 
# 
loop_
_pdbx_struct_sheet_hbond.sheet_id 
_pdbx_struct_sheet_hbond.range_id_1 
_pdbx_struct_sheet_hbond.range_id_2 
_pdbx_struct_sheet_hbond.range_1_label_atom_id 
_pdbx_struct_sheet_hbond.range_1_label_comp_id 
_pdbx_struct_sheet_hbond.range_1_label_asym_id 
_pdbx_struct_sheet_hbond.range_1_label_seq_id 
_pdbx_struct_sheet_hbond.range_1_PDB_ins_code 
_pdbx_struct_sheet_hbond.range_1_auth_atom_id 
_pdbx_struct_sheet_hbond.range_1_auth_comp_id 
_pdbx_struct_sheet_hbond.range_1_auth_asym_id 
_pdbx_struct_sheet_hbond.range_1_auth_seq_id 
_pdbx_struct_sheet_hbond.range_2_label_atom_id 
_pdbx_struct_sheet_hbond.range_2_label_comp_id 
_pdbx_struct_sheet_hbond.range_2_label_asym_id 
_pdbx_struct_sheet_hbond.range_2_label_seq_id 
_pdbx_struct_sheet_hbond.range_2_PDB_ins_code 
_pdbx_struct_sheet_hbond.range_2_auth_atom_id 
_pdbx_struct_sheet_hbond.range_2_auth_comp_id 
_pdbx_struct_sheet_hbond.range_2_auth_asym_id 
_pdbx_struct_sheet_hbond.range_2_auth_seq_id 
A 1 2 N ARG A 86  ? N ARG A 67  O GLN A 94  ? O GLN A 75  
A 2 3 N VAL A 93  ? N VAL A 74  O ILE A 145 ? O ILE A 126 
A 3 4 O PHE A 144 ? O PHE A 125 N SER A 130 ? N SER A 111 
A 4 5 N LEU A 129 ? N LEU A 110 O PHE A 160 ? O PHE A 141 
A 5 6 O ILE A 164 ? O ILE A 145 N VAL A 44  ? N VAL A 25  
A 6 7 O ALA A 40  ? O ALA A 21  N ILE A 33  ? N ILE A 14  
A 7 8 N ARG A 28  ? N ARG A 9   O LEU A 196 ? O LEU A 177 
# 
loop_
_struct_site.id 
_struct_site.pdbx_evidence_code 
_struct_site.pdbx_auth_asym_id 
_struct_site.pdbx_auth_comp_id 
_struct_site.pdbx_auth_seq_id 
_struct_site.pdbx_auth_ins_code 
_struct_site.pdbx_num_residues 
_struct_site.details 
AC1 Software A UNX 1001 ? 1 'BINDING SITE FOR RESIDUE UNX A 1001' 
AC2 Software A UNX 1002 ? 5 'BINDING SITE FOR RESIDUE UNX A 1002' 
AC3 Software A UNX 1003 ? 3 'BINDING SITE FOR RESIDUE UNX A 1003' 
AC4 Software A UNX 1004 ? 3 'BINDING SITE FOR RESIDUE UNX A 1004' 
# 
loop_
_struct_site_gen.id 
_struct_site_gen.site_id 
_struct_site_gen.pdbx_num_res 
_struct_site_gen.label_comp_id 
_struct_site_gen.label_asym_id 
_struct_site_gen.label_seq_id 
_struct_site_gen.pdbx_auth_ins_code 
_struct_site_gen.auth_comp_id 
_struct_site_gen.auth_asym_id 
_struct_site_gen.auth_seq_id 
_struct_site_gen.label_atom_id 
_struct_site_gen.label_alt_id 
_struct_site_gen.symmetry 
_struct_site_gen.details 
1  AC1 1 ARG A 171 ? ARG A 152 . ? 1_555 ? 
2  AC2 5 HIS A 78  ? HIS A 59  . ? 1_555 ? 
3  AC2 5 TYR A 79  ? TYR A 60  . ? 1_555 ? 
4  AC2 5 LYS A 80  ? LYS A 61  . ? 1_555 ? 
5  AC2 5 CYS A 82  ? CYS A 63  . ? 1_555 ? 
6  AC2 5 PHE A 98  ? PHE A 79  . ? 1_555 ? 
7  AC3 3 ALA A 132 ? ALA A 113 . ? 1_555 ? 
8  AC3 3 ASN A 133 ? ASN A 114 . ? 1_555 ? 
9  AC3 3 HIS A 157 ? HIS A 138 . ? 1_555 ? 
10 AC4 3 GLU A 57  ? GLU A 38  . ? 4_465 ? 
11 AC4 3 LYS A 67  ? LYS A 48  . ? 4_465 ? 
12 AC4 3 HOH F .   ? HOH A 210 . ? 1_555 ? 
# 
_atom_sites.entry_id                    2GW2 
_atom_sites.fract_transf_matrix[1][1]   0.00551425 
_atom_sites.fract_transf_matrix[1][2]   -0.01350173 
_atom_sites.fract_transf_matrix[1][3]   0.02237678 
_atom_sites.fract_transf_matrix[2][1]   0.01408197 
_atom_sites.fract_transf_matrix[2][2]   -0.00283445 
_atom_sites.fract_transf_matrix[2][3]   -0.00518043 
_atom_sites.fract_transf_matrix[3][1]   0.00471533 
_atom_sites.fract_transf_matrix[3][2]   0.01215069 
_atom_sites.fract_transf_matrix[3][3]   0.00616951 
_atom_sites.fract_transf_vector[1]      0.685220 
_atom_sites.fract_transf_vector[2]      0.877360 
_atom_sites.fract_transf_vector[3]      0.190419 
# 
loop_
_atom_type.symbol 
C 
N 
O 
S 
X 
# 
loop_
_atom_site.group_PDB 
_atom_site.id 
_atom_site.type_symbol 
_atom_site.label_atom_id 
_atom_site.label_alt_id 
_atom_site.label_comp_id 
_atom_site.label_asym_id 
_atom_site.label_entity_id 
_atom_site.label_seq_id 
_atom_site.pdbx_PDB_ins_code 
_atom_site.Cartn_x 
_atom_site.Cartn_y 
_atom_site.Cartn_z 
_atom_site.occupancy 
_atom_site.B_iso_or_equiv 
_atom_site.pdbx_formal_charge 
_atom_site.auth_seq_id 
_atom_site.auth_comp_id 
_atom_site.auth_asym_id 
_atom_site.auth_atom_id 
_atom_site.pdbx_PDB_model_num 
ATOM   1    N N   . ARG A 1 26  ? -14.590 -2.319  11.417  1.00 22.23 ? 7    ARG A N   1 
ATOM   2    C CA  . ARG A 1 26  ? -13.546 -2.095  10.365  1.00 19.46 ? 7    ARG A CA  1 
ATOM   3    C C   . ARG A 1 26  ? -12.136 -1.947  10.976  1.00 18.95 ? 7    ARG A C   1 
ATOM   4    O O   . ARG A 1 26  ? -11.913 -1.111  11.823  1.00 20.18 ? 7    ARG A O   1 
ATOM   5    C CB  . ARG A 1 26  ? -13.849 -0.852  9.508   1.00 17.04 ? 7    ARG A CB  1 
ATOM   6    C CG  . ARG A 1 26  ? -14.873 -1.062  8.416   1.00 17.82 ? 7    ARG A CG  1 
ATOM   7    C CD  . ARG A 1 26  ? -14.974 0.164   7.484   1.00 14.77 ? 7    ARG A CD  1 
ATOM   8    N NE  . ARG A 1 26  ? -16.072 -0.022  6.549   1.00 17.34 ? 7    ARG A NE  1 
ATOM   9    C CZ  . ARG A 1 26  ? -16.717 0.952   5.898   1.00 12.82 ? 7    ARG A CZ  1 
ATOM   10   N NH1 . ARG A 1 26  ? -16.396 2.227   6.068   1.00 9.83  ? 7    ARG A NH1 1 
ATOM   11   N NH2 . ARG A 1 26  ? -17.725 0.638   5.096   1.00 14.69 ? 7    ARG A NH2 1 
ATOM   12   N N   . PRO A 1 27  ? -11.163 -2.710  10.469  1.00 18.29 ? 8    PRO A N   1 
ATOM   13   C CA  . PRO A 1 27  ? -9.763  -2.555  10.942  1.00 13.19 ? 8    PRO A CA  1 
ATOM   14   C C   . PRO A 1 27  ? -9.127  -1.187  10.666  1.00 14.76 ? 8    PRO A C   1 
ATOM   15   O O   . PRO A 1 27  ? -9.349  -0.621  9.580   1.00 13.37 ? 8    PRO A O   1 
ATOM   16   C CB  . PRO A 1 27  ? -8.996  -3.635  10.157  1.00 14.70 ? 8    PRO A CB  1 
ATOM   17   C CG  . PRO A 1 27  ? -10.040 -4.574  9.616   1.00 20.77 ? 8    PRO A CG  1 
ATOM   18   C CD  . PRO A 1 27  ? -11.314 -3.806  9.493   1.00 19.58 ? 8    PRO A CD  1 
ATOM   19   N N   . ARG A 1 28  ? -8.328  -0.694  11.614  1.00 16.68 ? 9    ARG A N   1 
ATOM   20   C CA  . ARG A 1 28  ? -7.409  0.430   11.367  1.00 15.92 ? 9    ARG A CA  1 
ATOM   21   C C   . ARG A 1 28  ? -5.934  0.062   11.459  1.00 15.54 ? 9    ARG A C   1 
ATOM   22   O O   . ARG A 1 28  ? -5.491  -0.515  12.440  1.00 15.27 ? 9    ARG A O   1 
ATOM   23   C CB  . ARG A 1 28  ? -7.681  1.577   12.317  1.00 21.42 ? 9    ARG A CB  1 
ATOM   24   C CG  . ARG A 1 28  ? -8.913  2.344   11.974  1.00 25.06 ? 9    ARG A CG  1 
ATOM   25   C CD  . ARG A 1 28  ? -9.236  3.323   13.054  1.00 27.27 ? 9    ARG A CD  1 
ATOM   26   N NE  . ARG A 1 28  ? -10.468 4.052   12.740  1.00 32.01 ? 9    ARG A NE  1 
ATOM   27   C CZ  . ARG A 1 28  ? -10.805 5.219   13.289  1.00 33.69 ? 9    ARG A CZ  1 
ATOM   28   N NH1 . ARG A 1 28  ? -10.001 5.812   14.174  1.00 37.10 ? 9    ARG A NH1 1 
ATOM   29   N NH2 . ARG A 1 28  ? -11.943 5.807   12.944  1.00 32.28 ? 9    ARG A NH2 1 
ATOM   30   N N   . CYS A 1 29  ? -5.182  0.459   10.438  1.00 14.94 ? 10   CYS A N   1 
ATOM   31   C CA  . CYS A 1 29  ? -3.747  0.235   10.362  1.00 17.21 ? 10   CYS A CA  1 
ATOM   32   C C   . CYS A 1 29  ? -2.970  1.530   10.227  1.00 14.06 ? 10   CYS A C   1 
ATOM   33   O O   . CYS A 1 29  ? -3.535  2.572   9.863   1.00 13.87 ? 10   CYS A O   1 
ATOM   34   C CB  . CYS A 1 29  ? -3.435  -0.695  9.206   1.00 13.51 ? 10   CYS A CB  1 
ATOM   35   S SG  . CYS A 1 29  ? -4.062  -2.311  9.502   1.00 16.63 ? 10   CYS A SG  1 
ATOM   36   N N   . PHE A 1 30  ? -1.680  1.463   10.527  1.00 13.74 ? 11   PHE A N   1 
ATOM   37   C CA  . PHE A 1 30  ? -0.836  2.634   10.484  1.00 16.56 ? 11   PHE A CA  1 
ATOM   38   C C   . PHE A 1 30  ? 0.512   2.352   9.802   1.00 16.89 ? 11   PHE A C   1 
ATOM   39   O O   . PHE A 1 30  ? 1.025   1.218   9.824   1.00 19.55 ? 11   PHE A O   1 
ATOM   40   C CB  . PHE A 1 30  ? -0.652  3.278   11.886  1.00 16.22 ? 11   PHE A CB  1 
ATOM   41   C CG  . PHE A 1 30  ? 0.265   2.511   12.798  1.00 18.79 ? 11   PHE A CG  1 
ATOM   42   C CD1 . PHE A 1 30  ? 1.637   2.738   12.790  1.00 16.63 ? 11   PHE A CD1 1 
ATOM   43   C CD2 . PHE A 1 30  ? -0.241  1.550   13.679  1.00 18.47 ? 11   PHE A CD2 1 
ATOM   44   C CE1 . PHE A 1 30  ? 2.468   2.020   13.623  1.00 14.77 ? 11   PHE A CE1 1 
ATOM   45   C CE2 . PHE A 1 30  ? 0.615   0.835   14.522  1.00 18.83 ? 11   PHE A CE2 1 
ATOM   46   C CZ  . PHE A 1 30  ? 1.958   1.068   14.487  1.00 16.11 ? 11   PHE A CZ  1 
ATOM   47   N N   . PHE A 1 31  ? 1.011   3.414   9.163   1.00 16.89 ? 12   PHE A N   1 
ATOM   48   C CA  . PHE A 1 31  ? 2.417   3.591   8.738   1.00 17.35 ? 12   PHE A CA  1 
ATOM   49   C C   . PHE A 1 31  ? 3.017   4.828   9.447   1.00 13.19 ? 12   PHE A C   1 
ATOM   50   O O   . PHE A 1 31  ? 2.410   5.896   9.454   1.00 16.34 ? 12   PHE A O   1 
ATOM   51   C CB  . PHE A 1 31  ? 2.511   3.910   7.249   1.00 14.83 ? 12   PHE A CB  1 
ATOM   52   C CG  . PHE A 1 31  ? 2.111   2.786   6.335   1.00 15.56 ? 12   PHE A CG  1 
ATOM   53   C CD1 . PHE A 1 31  ? 1.942   1.473   6.788   1.00 8.66  ? 12   PHE A CD1 1 
ATOM   54   C CD2 . PHE A 1 31  ? 1.904   3.048   4.994   1.00 11.60 ? 12   PHE A CD2 1 
ATOM   55   C CE1 . PHE A 1 31  ? 1.581   0.472   5.895   1.00 14.70 ? 12   PHE A CE1 1 
ATOM   56   C CE2 . PHE A 1 31  ? 1.569   2.050   4.129   1.00 9.26  ? 12   PHE A CE2 1 
ATOM   57   C CZ  . PHE A 1 31  ? 1.384   0.782   4.564   1.00 9.28  ? 12   PHE A CZ  1 
ATOM   58   N N   . ASP A 1 32  ? 4.203   4.664   10.013  1.00 12.60 ? 13   ASP A N   1 
ATOM   59   C CA  . ASP A 1 32  ? 5.078   5.777   10.417  1.00 14.29 ? 13   ASP A CA  1 
ATOM   60   C C   . ASP A 1 32  ? 6.123   5.899   9.316   1.00 13.17 ? 13   ASP A C   1 
ATOM   61   O O   . ASP A 1 32  ? 6.928   4.989   9.098   1.00 14.33 ? 13   ASP A O   1 
ATOM   62   C CB  . ASP A 1 32  ? 5.747   5.523   11.763  1.00 14.49 ? 13   ASP A CB  1 
ATOM   63   C CG  . ASP A 1 32  ? 4.751   5.501   12.934  1.00 16.13 ? 13   ASP A CG  1 
ATOM   64   O OD1 . ASP A 1 32  ? 3.903   6.380   13.037  1.00 20.68 ? 13   ASP A OD1 1 
ATOM   65   O OD2 . ASP A 1 32  ? 4.831   4.590   13.758  1.00 21.00 ? 13   ASP A OD2 1 
ATOM   66   N N   . ILE A 1 33  ? 6.052   7.023   8.604   1.00 14.27 ? 14   ILE A N   1 
ATOM   67   C CA  . ILE A 1 33  ? 6.880   7.326   7.462   1.00 13.86 ? 14   ILE A CA  1 
ATOM   68   C C   . ILE A 1 33  ? 8.116   8.187   7.784   1.00 15.38 ? 14   ILE A C   1 
ATOM   69   O O   . ILE A 1 33  ? 7.998   9.274   8.372   1.00 19.67 ? 14   ILE A O   1 
ATOM   70   C CB  . ILE A 1 33  ? 6.077   8.103   6.387   1.00 14.08 ? 14   ILE A CB  1 
ATOM   71   C CG1 . ILE A 1 33  ? 4.835   7.298   5.905   1.00 18.02 ? 14   ILE A CG1 1 
ATOM   72   C CG2 . ILE A 1 33  ? 7.035   8.551   5.261   1.00 10.91 ? 14   ILE A CG2 1 
ATOM   73   C CD1 . ILE A 1 33  ? 5.167   5.921   5.341   1.00 11.60 ? 14   ILE A CD1 1 
ATOM   74   N N   . ALA A 1 34  ? 9.282   7.723   7.330   1.00 12.78 ? 15   ALA A N   1 
ATOM   75   C CA  . ALA A 1 34  ? 10.487  8.559   7.247   1.00 18.09 ? 15   ALA A CA  1 
ATOM   76   C C   . ALA A 1 34  ? 10.884  8.887   5.810   1.00 16.60 ? 15   ALA A C   1 
ATOM   77   O O   . ALA A 1 34  ? 10.708  8.073   4.869   1.00 21.25 ? 15   ALA A O   1 
ATOM   78   C CB  . ALA A 1 34  ? 11.672  7.883   7.969   1.00 14.59 ? 15   ALA A CB  1 
ATOM   79   N N   . ILE A 1 35  ? 11.452  10.067  5.639   1.00 16.19 ? 16   ILE A N   1 
ATOM   80   C CA  . ILE A 1 35  ? 11.946  10.508  4.320   1.00 16.17 ? 16   ILE A CA  1 
ATOM   81   C C   . ILE A 1 35  ? 13.424  10.862  4.486   1.00 15.21 ? 16   ILE A C   1 
ATOM   82   O O   . ILE A 1 35  ? 13.785  11.845  5.175   1.00 13.75 ? 16   ILE A O   1 
ATOM   83   C CB  . ILE A 1 35  ? 11.134  11.662  3.736   1.00 12.42 ? 16   ILE A CB  1 
ATOM   84   C CG1 . ILE A 1 35  ? 9.645   11.264  3.541   1.00 14.57 ? 16   ILE A CG1 1 
ATOM   85   C CG2 . ILE A 1 35  ? 11.750  12.148  2.350   1.00 13.60 ? 16   ILE A CG2 1 
ATOM   86   C CD1 . ILE A 1 35  ? 8.777   12.378  3.039   1.00 15.03 ? 16   ILE A CD1 1 
ATOM   87   N N   . ASN A 1 36  ? 14.274  10.037  3.863   1.00 13.75 ? 17   ASN A N   1 
ATOM   88   C CA  . ASN A 1 36  ? 15.704  10.075  4.070   1.00 15.71 ? 17   ASN A CA  1 
ATOM   89   C C   . ASN A 1 36  ? 16.010  10.039  5.566   1.00 13.93 ? 17   ASN A C   1 
ATOM   90   O O   . ASN A 1 36  ? 16.779  10.865  6.105   1.00 15.14 ? 17   ASN A O   1 
ATOM   91   C CB  . ASN A 1 36  ? 16.327  11.307  3.387   1.00 17.46 ? 17   ASN A CB  1 
ATOM   92   C CG  . ASN A 1 36  ? 16.761  11.038  1.991   1.00 18.73 ? 17   ASN A CG  1 
ATOM   93   O OD1 . ASN A 1 36  ? 16.884  9.883   1.580   1.00 17.74 ? 17   ASN A OD1 1 
ATOM   94   N ND2 . ASN A 1 36  ? 17.030  12.113  1.235   1.00 22.42 ? 17   ASN A ND2 1 
ATOM   95   N N   . ASN A 1 37  ? 15.306  9.126   6.230   1.00 11.71 ? 18   ASN A N   1 
ATOM   96   C CA  . ASN A 1 37  ? 15.532  8.782   7.627   1.00 14.17 ? 18   ASN A CA  1 
ATOM   97   C C   . ASN A 1 37  ? 15.045  9.799   8.666   1.00 17.57 ? 18   ASN A C   1 
ATOM   98   O O   . ASN A 1 37  ? 15.299  9.630   9.868   1.00 13.35 ? 18   ASN A O   1 
ATOM   99   C CB  . ASN A 1 37  ? 17.004  8.505   7.869   1.00 18.12 ? 18   ASN A CB  1 
ATOM   100  C CG  . ASN A 1 37  ? 17.234  7.325   8.780   1.00 26.36 ? 18   ASN A CG  1 
ATOM   101  O OD1 . ASN A 1 37  ? 16.296  6.791   9.384   1.00 29.27 ? 18   ASN A OD1 1 
ATOM   102  N ND2 . ASN A 1 37  ? 18.489  6.887   8.865   1.00 26.49 ? 18   ASN A ND2 1 
ATOM   103  N N   . GLN A 1 38  ? 14.357  10.839  8.192   1.00 15.07 ? 19   GLN A N   1 
ATOM   104  C CA  . GLN A 1 38  ? 13.727  11.835  9.034   1.00 13.52 ? 19   GLN A CA  1 
ATOM   105  C C   . GLN A 1 38  ? 12.205  11.560  9.129   1.00 13.86 ? 19   GLN A C   1 
ATOM   106  O O   . GLN A 1 38  ? 11.531  11.518  8.127   1.00 13.12 ? 19   GLN A O   1 
ATOM   107  C CB  . GLN A 1 38  ? 13.911  13.191  8.410   1.00 12.20 ? 19   GLN A CB  1 
ATOM   108  C CG  . GLN A 1 38  ? 13.300  14.320  9.182   1.00 14.23 ? 19   GLN A CG  1 
ATOM   109  C CD  . GLN A 1 38  ? 13.715  15.661  8.643   1.00 16.50 ? 19   GLN A CD  1 
ATOM   110  O OE1 . GLN A 1 38  ? 13.696  15.888  7.439   1.00 17.33 ? 19   GLN A OE1 1 
ATOM   111  N NE2 . GLN A 1 38  ? 14.117  16.568  9.553   1.00 13.63 ? 19   GLN A NE2 1 
ATOM   112  N N   . PRO A 1 39  ? 11.670  11.420  10.341  1.00 15.76 ? 20   PRO A N   1 
ATOM   113  C CA  . PRO A 1 39  ? 10.221  11.192  10.472  1.00 17.60 ? 20   PRO A CA  1 
ATOM   114  C C   . PRO A 1 39  ? 9.380   12.284  9.797   1.00 16.07 ? 20   PRO A C   1 
ATOM   115  O O   . PRO A 1 39  ? 9.600   13.471  10.044  1.00 16.79 ? 20   PRO A O   1 
ATOM   116  C CB  . PRO A 1 39  ? 10.014  11.114  11.996  1.00 16.44 ? 20   PRO A CB  1 
ATOM   117  C CG  . PRO A 1 39  ? 11.328  10.593  12.499  1.00 14.83 ? 20   PRO A CG  1 
ATOM   118  C CD  . PRO A 1 39  ? 12.346  11.363  11.646  1.00 19.75 ? 20   PRO A CD  1 
ATOM   119  N N   . ALA A 1 40  ? 8.472   11.873  8.899   1.00 13.98 ? 21   ALA A N   1 
ATOM   120  C CA  . ALA A 1 40  ? 7.502   12.777  8.249   1.00 15.16 ? 21   ALA A CA  1 
ATOM   121  C C   . ALA A 1 40  ? 6.156   12.733  8.956   1.00 16.31 ? 21   ALA A C   1 
ATOM   122  O O   . ALA A 1 40  ? 5.336   13.642  8.796   1.00 23.27 ? 21   ALA A O   1 
ATOM   123  C CB  . ALA A 1 40  ? 7.316   12.422  6.757   1.00 9.58  ? 21   ALA A CB  1 
ATOM   124  N N   . GLY A 1 41  ? 5.926   11.664  9.708   1.00 15.53 ? 22   GLY A N   1 
ATOM   125  C CA  . GLY A 1 41  ? 4.690   11.454  10.464  1.00 14.25 ? 22   GLY A CA  1 
ATOM   126  C C   . GLY A 1 41  ? 3.967   10.161  10.096  1.00 12.15 ? 22   GLY A C   1 
ATOM   127  O O   . GLY A 1 41  ? 4.441   9.373   9.269   1.00 13.95 ? 22   GLY A O   1 
ATOM   128  N N   . ARG A 1 42  ? 2.789   9.985   10.709  1.00 11.75 ? 23   ARG A N   1 
ATOM   129  C CA  . ARG A 1 42  ? 1.977   8.783   10.630  1.00 14.47 ? 23   ARG A CA  1 
ATOM   130  C C   . ARG A 1 42  ? 0.766   8.898   9.681   1.00 13.62 ? 23   ARG A C   1 
ATOM   131  O O   . ARG A 1 42  ? -0.026  9.828   9.766   1.00 12.63 ? 23   ARG A O   1 
ATOM   132  C CB  . ARG A 1 42  ? 1.454   8.386   12.025  1.00 16.23 ? 23   ARG A CB  1 
ATOM   133  C CG  . ARG A 1 42  ? 0.532   7.177   12.024  1.00 19.45 ? 23   ARG A CG  1 
ATOM   134  C CD  . ARG A 1 42  ? 0.187   6.665   13.431  1.00 17.61 ? 23   ARG A CD  1 
ATOM   135  N NE  . ARG A 1 42  ? 1.346   6.126   14.104  1.00 20.51 ? 23   ARG A NE  1 
ATOM   136  C CZ  . ARG A 1 42  ? 1.316   5.364   15.200  1.00 22.16 ? 23   ARG A CZ  1 
ATOM   137  N NH1 . ARG A 1 42  ? 0.167   5.018   15.774  1.00 18.55 ? 23   ARG A NH1 1 
ATOM   138  N NH2 . ARG A 1 42  ? 2.464   4.931   15.718  1.00 18.94 ? 23   ARG A NH2 1 
ATOM   139  N N   . VAL A 1 43  ? 0.632   7.894   8.831   1.00 16.97 ? 24   VAL A N   1 
ATOM   140  C CA  . VAL A 1 43  ? -0.558  7.686   8.018   1.00 14.63 ? 24   VAL A CA  1 
ATOM   141  C C   . VAL A 1 43  ? -1.411  6.537   8.621   1.00 12.59 ? 24   VAL A C   1 
ATOM   142  O O   . VAL A 1 43  ? -0.913  5.429   8.856   1.00 17.67 ? 24   VAL A O   1 
ATOM   143  C CB  . VAL A 1 43  ? -0.153  7.379   6.555   1.00 17.72 ? 24   VAL A CB  1 
ATOM   144  C CG1 . VAL A 1 43  ? -1.409  7.068   5.702   1.00 13.42 ? 24   VAL A CG1 1 
ATOM   145  C CG2 . VAL A 1 43  ? 0.710   8.530   5.951   1.00 10.86 ? 24   VAL A CG2 1 
ATOM   146  N N   . VAL A 1 44  ? -2.681  6.821   8.887   1.00 14.41 ? 25   VAL A N   1 
ATOM   147  C CA  . VAL A 1 44  ? -3.631  5.862   9.433   1.00 14.24 ? 25   VAL A CA  1 
ATOM   148  C C   . VAL A 1 44  ? -4.687  5.563   8.376   1.00 18.01 ? 25   VAL A C   1 
ATOM   149  O O   . VAL A 1 44  ? -5.263  6.495   7.800   1.00 13.59 ? 25   VAL A O   1 
ATOM   150  C CB  . VAL A 1 44  ? -4.321  6.342   10.738  1.00 15.42 ? 25   VAL A CB  1 
ATOM   151  C CG1 . VAL A 1 44  ? -5.294  5.236   11.302  1.00 14.16 ? 25   VAL A CG1 1 
ATOM   152  C CG2 . VAL A 1 44  ? -3.271  6.672   11.795  1.00 16.58 ? 25   VAL A CG2 1 
ATOM   153  N N   . PHE A 1 45  ? -4.941  4.270   8.160   1.00 16.82 ? 26   PHE A N   1 
ATOM   154  C CA  . PHE A 1 45  ? -5.945  3.773   7.197   1.00 18.65 ? 26   PHE A CA  1 
ATOM   155  C C   . PHE A 1 45  ? -7.103  3.062   7.902   1.00 16.92 ? 26   PHE A C   1 
ATOM   156  O O   . PHE A 1 45  ? -6.929  2.384   8.909   1.00 18.99 ? 26   PHE A O   1 
ATOM   157  C CB  . PHE A 1 45  ? -5.353  2.748   6.219   1.00 14.64 ? 26   PHE A CB  1 
ATOM   158  C CG  . PHE A 1 45  ? -4.103  3.195   5.535   1.00 15.73 ? 26   PHE A CG  1 
ATOM   159  C CD1 . PHE A 1 45  ? -4.168  3.986   4.406   1.00 15.88 ? 26   PHE A CD1 1 
ATOM   160  C CD2 . PHE A 1 45  ? -2.859  2.793   6.009   1.00 12.99 ? 26   PHE A CD2 1 
ATOM   161  C CE1 . PHE A 1 45  ? -2.962  4.362   3.750   1.00 18.25 ? 26   PHE A CE1 1 
ATOM   162  C CE2 . PHE A 1 45  ? -1.685  3.202   5.394   1.00 10.59 ? 26   PHE A CE2 1 
ATOM   163  C CZ  . PHE A 1 45  ? -1.739  3.947   4.265   1.00 15.34 ? 26   PHE A CZ  1 
ATOM   164  N N   . GLU A 1 46  ? -8.279  3.210   7.328   1.00 15.77 ? 27   GLU A N   1 
ATOM   165  C CA  . GLU A 1 46  ? -9.420  2.390   7.684   1.00 17.36 ? 27   GLU A CA  1 
ATOM   166  C C   . GLU A 1 46  ? -9.545  1.377   6.553   1.00 13.53 ? 27   GLU A C   1 
ATOM   167  O O   . GLU A 1 46  ? -9.470  1.735   5.372   1.00 14.28 ? 27   GLU A O   1 
ATOM   168  C CB  . GLU A 1 46  ? -10.690 3.225   7.818   1.00 15.93 ? 27   GLU A CB  1 
ATOM   169  C CG  . GLU A 1 46  ? -11.958 2.419   8.144   1.00 17.50 ? 27   GLU A CG  1 
ATOM   170  C CD  . GLU A 1 46  ? -13.111 3.315   8.600   1.00 20.09 ? 27   GLU A CD  1 
ATOM   171  O OE1 . GLU A 1 46  ? -12.961 4.003   9.644   1.00 23.98 ? 27   GLU A OE1 1 
ATOM   172  O OE2 . GLU A 1 46  ? -14.154 3.328   7.912   1.00 17.89 ? 27   GLU A OE2 1 
ATOM   173  N N   . LEU A 1 47  ? -9.756  0.127   6.925   1.00 11.61 ? 28   LEU A N   1 
ATOM   174  C CA  . LEU A 1 47  ? -9.930  -0.946  5.960   1.00 15.04 ? 28   LEU A CA  1 
ATOM   175  C C   . LEU A 1 47  ? -11.395 -1.383  5.826   1.00 13.20 ? 28   LEU A C   1 
ATOM   176  O O   . LEU A 1 47  ? -12.102 -1.598  6.835   1.00 11.61 ? 28   LEU A O   1 
ATOM   177  C CB  . LEU A 1 47  ? -9.012  -2.103  6.335   1.00 16.22 ? 28   LEU A CB  1 
ATOM   178  C CG  . LEU A 1 47  ? -7.532  -1.733  6.497   1.00 12.36 ? 28   LEU A CG  1 
ATOM   179  C CD1 . LEU A 1 47  ? -6.753  -3.031  6.740   1.00 13.93 ? 28   LEU A CD1 1 
ATOM   180  C CD2 . LEU A 1 47  ? -6.974  -0.959  5.276   1.00 14.10 ? 28   LEU A CD2 1 
ATOM   181  N N   . PHE A 1 48  ? -11.863 -1.426  4.570   1.00 14.99 ? 29   PHE A N   1 
ATOM   182  C CA  . PHE A 1 48  ? -13.274 -1.719  4.221   1.00 16.18 ? 29   PHE A CA  1 
ATOM   183  C C   . PHE A 1 48  ? -13.500 -3.249  4.272   1.00 15.45 ? 29   PHE A C   1 
ATOM   184  O O   . PHE A 1 48  ? -13.826 -3.890  3.273   1.00 15.83 ? 29   PHE A O   1 
ATOM   185  C CB  . PHE A 1 48  ? -13.684 -1.158  2.828   1.00 14.33 ? 29   PHE A CB  1 
ATOM   186  C CG  . PHE A 1 48  ? -13.430 0.328   2.635   1.00 13.21 ? 29   PHE A CG  1 
ATOM   187  C CD1 . PHE A 1 48  ? -13.656 1.249   3.667   1.00 14.53 ? 29   PHE A CD1 1 
ATOM   188  C CD2 . PHE A 1 48  ? -12.994 0.816   1.396   1.00 15.62 ? 29   PHE A CD2 1 
ATOM   189  C CE1 . PHE A 1 48  ? -13.419 2.607   3.511   1.00 15.10 ? 29   PHE A CE1 1 
ATOM   190  C CE2 . PHE A 1 48  ? -12.750 2.189   1.200   1.00 17.44 ? 29   PHE A CE2 1 
ATOM   191  C CZ  . PHE A 1 48  ? -12.998 3.114   2.263   1.00 17.03 ? 29   PHE A CZ  1 
ATOM   192  N N   . SER A 1 49  ? -13.314 -3.830  5.450   1.00 12.75 ? 30   SER A N   1 
ATOM   193  C CA  . SER A 1 49  ? -13.359 -5.273  5.602   1.00 10.71 ? 30   SER A CA  1 
ATOM   194  C C   . SER A 1 49  ? -14.762 -5.816  5.335   1.00 12.53 ? 30   SER A C   1 
ATOM   195  O O   . SER A 1 49  ? -14.925 -6.988  5.025   1.00 8.88  ? 30   SER A O   1 
ATOM   196  C CB  . SER A 1 49  ? -12.865 -5.679  7.006   1.00 12.05 ? 30   SER A CB  1 
ATOM   197  O OG  . SER A 1 49  ? -13.632 -5.039  8.033   1.00 17.27 ? 30   SER A OG  1 
ATOM   198  N N   . ASP A 1 50  ? -15.772 -4.957  5.427   1.00 14.99 ? 31   ASP A N   1 
ATOM   199  C CA  . ASP A 1 50  ? -17.149 -5.335  5.050   1.00 17.53 ? 31   ASP A CA  1 
ATOM   200  C C   . ASP A 1 50  ? -17.310 -5.453  3.530   1.00 19.03 ? 31   ASP A C   1 
ATOM   201  O O   . ASP A 1 50  ? -18.283 -6.012  3.076   1.00 20.83 ? 31   ASP A O   1 
ATOM   202  C CB  . ASP A 1 50  ? -18.201 -4.361  5.651   1.00 18.94 ? 31   ASP A CB  1 
ATOM   203  C CG  . ASP A 1 50  ? -17.942 -2.888  5.286   1.00 17.82 ? 31   ASP A CG  1 
ATOM   204  O OD1 . ASP A 1 50  ? -16.767 -2.463  5.334   1.00 14.29 ? 31   ASP A OD1 1 
ATOM   205  O OD2 . ASP A 1 50  ? -18.916 -2.164  4.952   1.00 18.74 ? 31   ASP A OD2 1 
ATOM   206  N N   . VAL A 1 51  ? -16.348 -4.927  2.758   1.00 18.74 ? 32   VAL A N   1 
ATOM   207  C CA  . VAL A 1 51  ? -16.449 -4.889  1.288   1.00 17.91 ? 32   VAL A CA  1 
ATOM   208  C C   . VAL A 1 51  ? -15.529 -5.908  0.607   1.00 13.12 ? 32   VAL A C   1 
ATOM   209  O O   . VAL A 1 51  ? -15.945 -6.579  -0.363  1.00 16.95 ? 32   VAL A O   1 
ATOM   210  C CB  . VAL A 1 51  ? -16.166 -3.470  0.734   1.00 19.15 ? 32   VAL A CB  1 
ATOM   211  C CG1 . VAL A 1 51  ? -16.109 -3.471  -0.820  1.00 18.09 ? 32   VAL A CG1 1 
ATOM   212  C CG2 . VAL A 1 51  ? -17.219 -2.473  1.246   1.00 18.60 ? 32   VAL A CG2 1 
ATOM   213  N N   . CYS A 1 52  ? -14.287 -5.996  1.093   1.00 17.03 ? 33   CYS A N   1 
ATOM   214  C CA  A CYS A 1 52  ? -13.246 -6.875  0.546   0.50 14.39 ? 33   CYS A CA  1 
ATOM   215  C CA  B CYS A 1 52  ? -13.303 -6.942  0.544   0.50 14.81 ? 33   CYS A CA  1 
ATOM   216  C C   . CYS A 1 52  ? -12.473 -7.534  1.672   1.00 13.15 ? 33   CYS A C   1 
ATOM   217  O O   . CYS A 1 52  ? -11.310 -7.199  1.874   1.00 10.23 ? 33   CYS A O   1 
ATOM   218  C CB  A CYS A 1 52  ? -12.229 -6.073  -0.292  0.50 15.27 ? 33   CYS A CB  1 
ATOM   219  C CB  B CYS A 1 52  ? -12.438 -6.261  -0.496  0.50 16.23 ? 33   CYS A CB  1 
ATOM   220  S SG  A CYS A 1 52  ? -12.837 -4.721  -1.281  0.50 12.27 ? 33   CYS A SG  1 
ATOM   221  S SG  B CYS A 1 52  ? -11.818 -4.752  0.119   0.50 14.24 ? 33   CYS A SG  1 
ATOM   222  N N   . PRO A 1 53  ? -13.094 -8.435  2.415   1.00 16.37 ? 34   PRO A N   1 
ATOM   223  C CA  . PRO A 1 53  ? -12.424 -8.943  3.607   1.00 17.60 ? 34   PRO A CA  1 
ATOM   224  C C   . PRO A 1 53  ? -11.078 -9.627  3.381   1.00 14.53 ? 34   PRO A C   1 
ATOM   225  O O   . PRO A 1 53  ? -10.198 -9.450  4.191   1.00 13.20 ? 34   PRO A O   1 
ATOM   226  C CB  . PRO A 1 53  ? -13.459 -9.913  4.207   1.00 15.82 ? 34   PRO A CB  1 
ATOM   227  C CG  . PRO A 1 53  ? -14.329 -10.305 3.046   1.00 13.75 ? 34   PRO A CG  1 
ATOM   228  C CD  . PRO A 1 53  ? -14.440 -9.028  2.243   1.00 16.08 ? 34   PRO A CD  1 
ATOM   229  N N   . LYS A 1 54  ? -10.905 -10.338 2.263   1.00 15.75 ? 35   LYS A N   1 
ATOM   230  C CA  . LYS A 1 54  ? -9.690  -11.108 2.013   1.00 17.00 ? 35   LYS A CA  1 
ATOM   231  C C   . LYS A 1 54  ? -8.517  -10.159 1.720   1.00 16.18 ? 35   LYS A C   1 
ATOM   232  O O   . LYS A 1 54  ? -7.408  -10.349 2.250   1.00 14.06 ? 35   LYS A O   1 
ATOM   233  C CB  . LYS A 1 54  ? -9.907  -12.148 0.879   1.00 17.58 ? 35   LYS A CB  1 
ATOM   234  C CG  . LYS A 1 54  ? -8.804  -13.218 0.819   1.00 17.07 ? 35   LYS A CG  1 
ATOM   235  C CD  . LYS A 1 54  ? -9.044  -14.387 -0.132  1.00 18.23 ? 35   LYS A CD  1 
ATOM   236  C CE  . LYS A 1 54  ? -7.818  -15.313 -0.118  1.00 16.86 ? 35   LYS A CE  1 
ATOM   237  N NZ  . LYS A 1 54  ? -8.017  -16.712 -0.692  1.00 16.64 ? 35   LYS A NZ  1 
ATOM   238  N N   . THR A 1 55  ? -8.805  -9.125  0.909   1.00 13.02 ? 36   THR A N   1 
ATOM   239  C CA  . THR A 1 55  ? -7.894  -8.032  0.599   1.00 13.92 ? 36   THR A CA  1 
ATOM   240  C C   . THR A 1 55  ? -7.452  -7.262  1.853   1.00 10.12 ? 36   THR A C   1 
ATOM   241  O O   . THR A 1 55  ? -6.264  -7.030  2.063   1.00 13.12 ? 36   THR A O   1 
ATOM   242  C CB  . THR A 1 55  ? -8.553  -7.064  -0.426  1.00 10.00 ? 36   THR A CB  1 
ATOM   243  O OG1 . THR A 1 55  ? -9.049  -7.826  -1.537  1.00 11.94 ? 36   THR A OG1 1 
ATOM   244  C CG2 . THR A 1 55  ? -7.497  -6.013  -0.942  1.00 11.42 ? 36   THR A CG2 1 
ATOM   245  N N   . CYS A 1 56  ? -8.422  -6.958  2.711   1.00 9.89  ? 37   CYS A N   1 
ATOM   246  C CA  . CYS A 1 56  ? -8.193  -6.263  3.962   1.00 11.07 ? 37   CYS A CA  1 
ATOM   247  C C   . CYS A 1 56  ? -7.347  -7.109  4.906   1.00 12.98 ? 37   CYS A C   1 
ATOM   248  O O   . CYS A 1 56  ? -6.425  -6.587  5.541   1.00 12.47 ? 37   CYS A O   1 
ATOM   249  C CB  . CYS A 1 56  ? -9.546  -5.832  4.595   1.00 10.05 ? 37   CYS A CB  1 
ATOM   250  S SG  . CYS A 1 56  ? -10.297 -4.428  3.688   1.00 13.20 ? 37   CYS A SG  1 
ATOM   251  N N   . GLU A 1 57  ? -7.605  -8.412  4.959   1.00 15.34 ? 38   GLU A N   1 
ATOM   252  C CA  . GLU A 1 57  ? -6.867  -9.283  5.909   1.00 11.59 ? 38   GLU A CA  1 
ATOM   253  C C   . GLU A 1 57  ? -5.397  -9.358  5.550   1.00 9.78  ? 38   GLU A C   1 
ATOM   254  O O   . GLU A 1 57  ? -4.541  -9.279  6.413   1.00 9.61  ? 38   GLU A O   1 
ATOM   255  C CB  . GLU A 1 57  ? -7.500  -10.674 5.974   1.00 13.64 ? 38   GLU A CB  1 
ATOM   256  C CG  . GLU A 1 57  ? -6.775  -11.599 6.872   1.00 13.36 ? 38   GLU A CG  1 
ATOM   257  C CD  . GLU A 1 57  ? -6.825  -11.188 8.343   1.00 13.68 ? 38   GLU A CD  1 
ATOM   258  O OE1 . GLU A 1 57  ? -7.557  -10.224 8.727   1.00 14.24 ? 38   GLU A OE1 1 
ATOM   259  O OE2 . GLU A 1 57  ? -6.145  -11.867 9.134   1.00 13.37 ? 38   GLU A OE2 1 
ATOM   260  N N   . ASN A 1 58  ? -5.119  -9.430  4.246   1.00 11.22 ? 39   ASN A N   1 
ATOM   261  C CA  . ASN A 1 58  ? -3.793  -9.432  3.710   1.00 12.08 ? 39   ASN A CA  1 
ATOM   262  C C   . ASN A 1 58  ? -3.014  -8.183  4.176   1.00 14.03 ? 39   ASN A C   1 
ATOM   263  O O   . ASN A 1 58  ? -1.919  -8.311  4.782   1.00 13.87 ? 39   ASN A O   1 
ATOM   264  C CB  . ASN A 1 58  ? -3.869  -9.521  2.158   1.00 13.01 ? 39   ASN A CB  1 
ATOM   265  C CG  . ASN A 1 58  ? -2.502  -9.535  1.511   1.00 14.99 ? 39   ASN A CG  1 
ATOM   266  O OD1 . ASN A 1 58  ? -1.679  -10.390 1.827   1.00 11.28 ? 39   ASN A OD1 1 
ATOM   267  N ND2 . ASN A 1 58  ? -2.237  -8.561  0.606   1.00 11.51 ? 39   ASN A ND2 1 
ATOM   268  N N   . PHE A 1 59  ? -3.575  -7.004  3.875   1.00 13.71 ? 40   PHE A N   1 
ATOM   269  C CA  . PHE A 1 59  ? -2.974  -5.717  4.216   1.00 15.58 ? 40   PHE A CA  1 
ATOM   270  C C   . PHE A 1 59  ? -2.814  -5.598  5.727   1.00 13.46 ? 40   PHE A C   1 
ATOM   271  O O   . PHE A 1 59  ? -1.747  -5.230  6.214   1.00 11.37 ? 40   PHE A O   1 
ATOM   272  C CB  . PHE A 1 59  ? -3.785  -4.546  3.680   1.00 13.87 ? 40   PHE A CB  1 
ATOM   273  C CG  . PHE A 1 59  ? -3.102  -3.188  3.820   1.00 14.79 ? 40   PHE A CG  1 
ATOM   274  C CD1 . PHE A 1 59  ? -2.212  -2.724  2.819   1.00 9.38  ? 40   PHE A CD1 1 
ATOM   275  C CD2 . PHE A 1 59  ? -3.390  -2.338  4.900   1.00 11.51 ? 40   PHE A CD2 1 
ATOM   276  C CE1 . PHE A 1 59  ? -1.650  -1.519  2.909   1.00 10.79 ? 40   PHE A CE1 1 
ATOM   277  C CE2 . PHE A 1 59  ? -2.794  -1.129  5.000   1.00 12.93 ? 40   PHE A CE2 1 
ATOM   278  C CZ  . PHE A 1 59  ? -1.934  -0.689  3.977   1.00 12.39 ? 40   PHE A CZ  1 
ATOM   279  N N   . ARG A 1 60  ? -3.849  -5.966  6.463   1.00 18.24 ? 41   ARG A N   1 
ATOM   280  C CA  . ARG A 1 60  ? -3.762  -5.950  7.917   1.00 16.02 ? 41   ARG A CA  1 
ATOM   281  C C   . ARG A 1 60  ? -2.523  -6.718  8.406   1.00 18.46 ? 41   ARG A C   1 
ATOM   282  O O   . ARG A 1 60  ? -1.698  -6.152  9.146   1.00 10.88 ? 41   ARG A O   1 
ATOM   283  C CB  . ARG A 1 60  ? -5.039  -6.496  8.567   1.00 15.25 ? 41   ARG A CB  1 
ATOM   284  C CG  . ARG A 1 60  ? -5.095  -6.336  10.087  1.00 15.11 ? 41   ARG A CG  1 
ATOM   285  C CD  . ARG A 1 60  ? -6.305  -7.080  10.675  1.00 17.98 ? 41   ARG A CD  1 
ATOM   286  N NE  . ARG A 1 60  ? -6.059  -8.511  10.639  1.00 14.36 ? 41   ARG A NE  1 
ATOM   287  C CZ  . ARG A 1 60  ? -5.238  -9.144  11.476  1.00 14.50 ? 41   ARG A CZ  1 
ATOM   288  N NH1 . ARG A 1 60  ? -4.578  -8.488  12.437  1.00 13.30 ? 41   ARG A NH1 1 
ATOM   289  N NH2 . ARG A 1 60  ? -5.053  -10.437 11.342  1.00 17.06 ? 41   ARG A NH2 1 
ATOM   290  N N   . CYS A 1 61  ? -2.375  -7.967  7.946   1.00 15.82 ? 42   CYS A N   1 
ATOM   291  C CA  . CYS A 1 61  ? -1.332  -8.863  8.414   1.00 11.33 ? 42   CYS A CA  1 
ATOM   292  C C   . CYS A 1 61  ? 0.059   -8.447  7.946   1.00 15.38 ? 42   CYS A C   1 
ATOM   293  O O   . CYS A 1 61  ? 1.048   -8.702  8.620   1.00 14.45 ? 42   CYS A O   1 
ATOM   294  C CB  . CYS A 1 61  ? -1.613  -10.264 7.930   1.00 10.96 ? 42   CYS A CB  1 
ATOM   295  S SG  . CYS A 1 61  ? -2.914  -11.054 8.713   1.00 14.75 ? 42   CYS A SG  1 
ATOM   296  N N   . LEU A 1 62  ? 0.131   -7.826  6.770   1.00 15.83 ? 43   LEU A N   1 
ATOM   297  C CA  . LEU A 1 62  ? 1.387   -7.252  6.288   1.00 10.30 ? 43   LEU A CA  1 
ATOM   298  C C   . LEU A 1 62  ? 1.857   -6.085  7.168   1.00 12.43 ? 43   LEU A C   1 
ATOM   299  O O   . LEU A 1 62  ? 3.065   -5.813  7.257   1.00 17.68 ? 43   LEU A O   1 
ATOM   300  C CB  . LEU A 1 62  ? 1.248   -6.813  4.807   1.00 9.87  ? 43   LEU A CB  1 
ATOM   301  C CG  . LEU A 1 62  ? 1.141   -7.994  3.789   1.00 9.14  ? 43   LEU A CG  1 
ATOM   302  C CD1 . LEU A 1 62  ? 0.599   -7.545  2.394   1.00 13.66 ? 43   LEU A CD1 1 
ATOM   303  C CD2 . LEU A 1 62  ? 2.440   -8.710  3.643   1.00 15.27 ? 43   LEU A CD2 1 
ATOM   304  N N   . CYS A 1 63  ? 0.907   -5.403  7.804   1.00 15.03 ? 44   CYS A N   1 
ATOM   305  C CA  . CYS A 1 63  ? 1.211   -4.261  8.686   1.00 13.00 ? 44   CYS A CA  1 
ATOM   306  C C   . CYS A 1 63  ? 1.712   -4.749  10.036  1.00 16.82 ? 44   CYS A C   1 
ATOM   307  O O   . CYS A 1 63  ? 2.638   -4.155  10.628  1.00 12.46 ? 44   CYS A O   1 
ATOM   308  C CB  . CYS A 1 63  ? -0.011  -3.359  8.890   1.00 12.66 ? 44   CYS A CB  1 
ATOM   309  S SG  . CYS A 1 63  ? -0.512  -2.376  7.454   1.00 15.95 ? 44   CYS A SG  1 
ATOM   310  N N   . THR A 1 64  ? 1.116   -5.846  10.505  1.00 14.48 ? 45   THR A N   1 
ATOM   311  C CA  . THR A 1 64  ? 1.512   -6.435  11.767  1.00 15.38 ? 45   THR A CA  1 
ATOM   312  C C   . THR A 1 64  ? 2.703   -7.366  11.620  1.00 17.46 ? 45   THR A C   1 
ATOM   313  O O   . THR A 1 64  ? 3.455   -7.545  12.574  1.00 19.88 ? 45   THR A O   1 
ATOM   314  C CB  . THR A 1 64  ? 0.329   -7.194  12.447  1.00 17.38 ? 45   THR A CB  1 
ATOM   315  O OG1 . THR A 1 64  ? 0.113   -8.465  11.803  1.00 16.90 ? 45   THR A OG1 1 
ATOM   316  C CG2 . THR A 1 64  ? -0.959  -6.349  12.456  1.00 16.03 ? 45   THR A CG2 1 
ATOM   317  N N   . GLY A 1 65  ? 2.856   -7.965  10.433  1.00 18.03 ? 46   GLY A N   1 
ATOM   318  C CA  . GLY A 1 65  ? 3.856   -8.995  10.160  1.00 16.16 ? 46   GLY A CA  1 
ATOM   319  C C   . GLY A 1 65  ? 3.520   -10.362 10.762  1.00 17.78 ? 46   GLY A C   1 
ATOM   320  O O   . GLY A 1 65  ? 4.385   -11.231 10.842  1.00 18.27 ? 46   GLY A O   1 
ATOM   321  N N   . GLU A 1 66  ? 2.267   -10.557 11.186  1.00 19.93 ? 47   GLU A N   1 
ATOM   322  C CA  . GLU A 1 66  ? 1.883   -11.729 12.007  1.00 20.18 ? 47   GLU A CA  1 
ATOM   323  C C   . GLU A 1 66  ? 1.898   -13.103 11.302  1.00 21.89 ? 47   GLU A C   1 
ATOM   324  O O   . GLU A 1 66  ? 1.976   -14.153 11.975  1.00 21.52 ? 47   GLU A O   1 
ATOM   325  C CB  . GLU A 1 66  ? 0.523   -11.509 12.646  1.00 21.07 ? 47   GLU A CB  1 
ATOM   326  C CG  . GLU A 1 66  ? -0.630  -11.421 11.702  1.00 19.82 ? 47   GLU A CG  1 
ATOM   327  C CD  . GLU A 1 66  ? -1.871  -10.990 12.436  1.00 20.11 ? 47   GLU A CD  1 
ATOM   328  O OE1 . GLU A 1 66  ? -1.946  -9.812  12.872  1.00 20.30 ? 47   GLU A OE1 1 
ATOM   329  O OE2 . GLU A 1 66  ? -2.752  -11.851 12.618  1.00 15.61 ? 47   GLU A OE2 1 
ATOM   330  N N   . LYS A 1 67  ? 1.834   -13.092 9.972   1.00 18.24 ? 48   LYS A N   1 
ATOM   331  C CA  . LYS A 1 67  ? 1.823   -14.328 9.173   1.00 19.64 ? 48   LYS A CA  1 
ATOM   332  C C   . LYS A 1 67  ? 3.250   -14.872 8.852   1.00 21.60 ? 48   LYS A C   1 
ATOM   333  O O   . LYS A 1 67  ? 3.416   -15.947 8.253   1.00 18.33 ? 48   LYS A O   1 
ATOM   334  C CB  . LYS A 1 67  ? 0.975   -14.122 7.887   1.00 13.79 ? 48   LYS A CB  1 
ATOM   335  C CG  . LYS A 1 67  ? -0.493  -13.848 8.131   1.00 16.78 ? 48   LYS A CG  1 
ATOM   336  C CD  . LYS A 1 67  ? -1.208  -15.021 8.777   1.00 14.62 ? 48   LYS A CD  1 
ATOM   337  C CE  . LYS A 1 67  ? -2.708  -14.938 8.642   1.00 17.73 ? 48   LYS A CE  1 
ATOM   338  N NZ  . LYS A 1 67  ? -3.486  -15.764 9.641   1.00 15.40 ? 48   LYS A NZ  1 
ATOM   339  N N   . GLY A 1 68  ? 4.279   -14.148 9.270   1.00 20.68 ? 49   GLY A N   1 
ATOM   340  C CA  . GLY A 1 68  ? 5.639   -14.665 9.173   1.00 22.31 ? 49   GLY A CA  1 
ATOM   341  C C   . GLY A 1 68  ? 6.308   -14.550 7.810   1.00 21.85 ? 49   GLY A C   1 
ATOM   342  O O   . GLY A 1 68  ? 6.467   -13.449 7.302   1.00 16.67 ? 49   GLY A O   1 
ATOM   343  N N   . THR A 1 69  ? 6.746   -15.685 7.247   1.00 20.65 ? 50   THR A N   1 
ATOM   344  C CA  . THR A 1 69  ? 7.625   -15.674 6.063   1.00 20.79 ? 50   THR A CA  1 
ATOM   345  C C   . THR A 1 69  ? 6.875   -15.896 4.758   1.00 19.56 ? 50   THR A C   1 
ATOM   346  O O   . THR A 1 69  ? 6.050   -16.798 4.653   1.00 21.21 ? 50   THR A O   1 
ATOM   347  C CB  . THR A 1 69  ? 8.728   -16.741 6.149   1.00 22.23 ? 50   THR A CB  1 
ATOM   348  O OG1 . THR A 1 69  ? 9.513   -16.515 7.324   1.00 18.76 ? 50   THR A OG1 1 
ATOM   349  C CG2 . THR A 1 69  ? 9.627   -16.670 4.909   1.00 21.85 ? 50   THR A CG2 1 
ATOM   350  N N   . GLY A 1 70  ? 7.197   -15.081 3.765   1.00 21.55 ? 51   GLY A N   1 
ATOM   351  C CA  . GLY A 1 70  ? 6.601   -15.184 2.444   1.00 18.96 ? 51   GLY A CA  1 
ATOM   352  C C   . GLY A 1 70  ? 6.936   -16.553 1.874   1.00 21.54 ? 51   GLY A C   1 
ATOM   353  O O   . GLY A 1 70  ? 8.031   -17.106 2.128   1.00 21.14 ? 51   GLY A O   1 
ATOM   354  N N   . LYS A 1 71  ? 5.987   -17.132 1.157   1.00 19.85 ? 52   LYS A N   1 
ATOM   355  C CA  . LYS A 1 71  ? 6.172   -18.500 0.718   1.00 20.92 ? 52   LYS A CA  1 
ATOM   356  C C   . LYS A 1 71  ? 7.141   -18.598 -0.449  1.00 16.93 ? 52   LYS A C   1 
ATOM   357  O O   . LYS A 1 71  ? 8.077   -19.381 -0.367  1.00 21.59 ? 52   LYS A O   1 
ATOM   358  C CB  . LYS A 1 71  ? 4.847   -19.206 0.430   1.00 23.77 ? 52   LYS A CB  1 
ATOM   359  C CG  . LYS A 1 71  ? 5.024   -20.692 0.244   1.00 27.91 ? 52   LYS A CG  1 
ATOM   360  C CD  . LYS A 1 71  ? 5.739   -21.371 1.431   1.00 29.24 ? 52   LYS A CD  1 
ATOM   361  C CE  . LYS A 1 71  ? 6.440   -22.634 1.000   1.00 29.79 ? 52   LYS A CE  1 
ATOM   362  N NZ  . LYS A 1 71  ? 5.461   -23.657 0.580   1.00 31.26 ? 52   LYS A NZ  1 
ATOM   363  N N   . SER A 1 72  ? 6.936   -17.805 -1.507  1.00 17.96 ? 53   SER A N   1 
ATOM   364  C CA  . SER A 1 72  ? 7.844   -17.776 -2.652  1.00 20.11 ? 53   SER A CA  1 
ATOM   365  C C   . SER A 1 72  ? 9.058   -16.883 -2.392  1.00 21.59 ? 53   SER A C   1 
ATOM   366  O O   . SER A 1 72  ? 10.153  -17.175 -2.863  1.00 19.33 ? 53   SER A O   1 
ATOM   367  C CB  . SER A 1 72  ? 7.115   -17.334 -3.935  1.00 23.60 ? 53   SER A CB  1 
ATOM   368  O OG  . SER A 1 72  ? 6.589   -16.007 -3.867  1.00 29.54 ? 53   SER A OG  1 
ATOM   369  N N   . THR A 1 73  ? 8.849   -15.796 -1.650  1.00 19.08 ? 54   THR A N   1 
ATOM   370  C CA  . THR A 1 73  ? 9.852   -14.753 -1.467  1.00 20.47 ? 54   THR A CA  1 
ATOM   371  C C   . THR A 1 73  ? 10.883  -15.155 -0.409  1.00 18.99 ? 54   THR A C   1 
ATOM   372  O O   . THR A 1 73  ? 12.042  -14.762 -0.504  1.00 22.83 ? 54   THR A O   1 
ATOM   373  C CB  . THR A 1 73  ? 9.195   -13.387 -1.063  1.00 21.52 ? 54   THR A CB  1 
ATOM   374  O OG1 . THR A 1 73  ? 8.421   -13.554 0.147   1.00 12.88 ? 54   THR A OG1 1 
ATOM   375  C CG2 . THR A 1 73  ? 8.279   -12.845 -2.212  1.00 17.46 ? 54   THR A CG2 1 
ATOM   376  N N   . GLN A 1 74  ? 10.444  -15.933 0.586   1.00 20.25 ? 55   GLN A N   1 
ATOM   377  C CA  . GLN A 1 74  ? 11.262  -16.306 1.744   1.00 22.36 ? 55   GLN A CA  1 
ATOM   378  C C   . GLN A 1 74  ? 11.729  -15.077 2.557   1.00 24.87 ? 55   GLN A C   1 
ATOM   379  O O   . GLN A 1 74  ? 12.819  -15.044 3.114   1.00 20.91 ? 55   GLN A O   1 
ATOM   380  C CB  . GLN A 1 74  ? 12.424  -17.241 1.325   1.00 25.10 ? 55   GLN A CB  1 
ATOM   381  C CG  . GLN A 1 74  ? 11.946  -18.662 0.960   1.00 25.62 ? 55   GLN A CG  1 
ATOM   382  C CD  . GLN A 1 74  ? 11.061  -19.268 2.054   1.00 30.37 ? 55   GLN A CD  1 
ATOM   383  O OE1 . GLN A 1 74  ? 11.531  -19.609 3.144   1.00 33.22 ? 55   GLN A OE1 1 
ATOM   384  N NE2 . GLN A 1 74  ? 9.770   -19.394 1.766   1.00 34.64 ? 55   GLN A NE2 1 
ATOM   385  N N   . LYS A 1 75  ? 10.865  -14.069 2.594   1.00 23.24 ? 56   LYS A N   1 
ATOM   386  C CA  . LYS A 1 75  ? 11.104  -12.847 3.326   1.00 22.57 ? 56   LYS A CA  1 
ATOM   387  C C   . LYS A 1 75  ? 9.859   -12.511 4.116   1.00 19.28 ? 56   LYS A C   1 
ATOM   388  O O   . LYS A 1 75  ? 8.738   -12.925 3.720   1.00 13.08 ? 56   LYS A O   1 
ATOM   389  C CB  . LYS A 1 75  ? 11.456  -11.705 2.376   1.00 24.65 ? 56   LYS A CB  1 
ATOM   390  C CG  . LYS A 1 75  ? 12.911  -11.764 1.913   1.00 24.10 ? 56   LYS A CG  1 
ATOM   391  C CD  . LYS A 1 75  ? 13.080  -11.136 0.543   1.00 28.25 ? 56   LYS A CD  1 
ATOM   392  C CE  . LYS A 1 75  ? 14.532  -11.278 0.040   1.00 30.36 ? 56   LYS A CE  1 
ATOM   393  N NZ  . LYS A 1 75  ? 15.530  -10.760 1.020   1.00 32.39 ? 56   LYS A NZ  1 
ATOM   394  N N   . PRO A 1 76  ? 10.041  -11.757 5.221   1.00 20.11 ? 57   PRO A N   1 
ATOM   395  C CA  . PRO A 1 76  ? 8.928   -11.432 6.087   1.00 19.57 ? 57   PRO A CA  1 
ATOM   396  C C   . PRO A 1 76  ? 7.784   -10.815 5.302   1.00 19.35 ? 57   PRO A C   1 
ATOM   397  O O   . PRO A 1 76  ? 7.995   -9.916  4.466   1.00 14.05 ? 57   PRO A O   1 
ATOM   398  C CB  . PRO A 1 76  ? 9.519   -10.396 7.038   1.00 18.95 ? 57   PRO A CB  1 
ATOM   399  C CG  . PRO A 1 76  ? 10.932  -10.685 7.078   1.00 16.90 ? 57   PRO A CG  1 
ATOM   400  C CD  . PRO A 1 76  ? 11.291  -11.152 5.728   1.00 17.73 ? 57   PRO A CD  1 
ATOM   401  N N   . LEU A 1 77  ? 6.588   -11.317 5.579   1.00 16.31 ? 58   LEU A N   1 
ATOM   402  C CA  . LEU A 1 77  ? 5.354   -10.723 5.118   1.00 14.83 ? 58   LEU A CA  1 
ATOM   403  C C   . LEU A 1 77  ? 5.062   -9.505  6.013   1.00 15.31 ? 58   LEU A C   1 
ATOM   404  O O   . LEU A 1 77  ? 4.177   -9.540  6.858   1.00 12.63 ? 58   LEU A O   1 
ATOM   405  C CB  . LEU A 1 77  ? 4.224   -11.760 5.205   1.00 14.01 ? 58   LEU A CB  1 
ATOM   406  C CG  . LEU A 1 77  ? 4.341   -12.984 4.293   1.00 13.74 ? 58   LEU A CG  1 
ATOM   407  C CD1 . LEU A 1 77  ? 3.498   -14.181 4.853   1.00 13.30 ? 58   LEU A CD1 1 
ATOM   408  C CD2 . LEU A 1 77  ? 4.010   -12.613 2.850   1.00 13.24 ? 58   LEU A CD2 1 
ATOM   409  N N   . HIS A 1 78  ? 5.795   -8.408  5.784   1.00 16.88 ? 59   HIS A N   1 
ATOM   410  C CA  . HIS A 1 78  ? 5.799   -7.260  6.700   1.00 17.15 ? 59   HIS A CA  1 
ATOM   411  C C   . HIS A 1 78  ? 6.240   -6.009  5.920   1.00 15.46 ? 59   HIS A C   1 
ATOM   412  O O   . HIS A 1 78  ? 7.262   -6.014  5.193   1.00 17.08 ? 59   HIS A O   1 
ATOM   413  C CB  . HIS A 1 78  ? 6.731   -7.553  7.903   1.00 19.30 ? 59   HIS A CB  1 
ATOM   414  C CG  . HIS A 1 78  ? 6.454   -6.741  9.137   1.00 17.86 ? 59   HIS A CG  1 
ATOM   415  N ND1 . HIS A 1 78  ? 7.365   -6.650  10.171  1.00 14.06 ? 59   HIS A ND1 1 
ATOM   416  C CD2 . HIS A 1 78  ? 5.386   -5.990  9.508   1.00 15.87 ? 59   HIS A CD2 1 
ATOM   417  C CE1 . HIS A 1 78  ? 6.873   -5.870  11.118  1.00 19.03 ? 59   HIS A CE1 1 
ATOM   418  N NE2 . HIS A 1 78  ? 5.658   -5.483  10.753  1.00 18.92 ? 59   HIS A NE2 1 
ATOM   419  N N   . TYR A 1 79  ? 5.465   -4.942  6.091   1.00 14.53 ? 60   TYR A N   1 
ATOM   420  C CA  . TYR A 1 79  ? 5.761   -3.654  5.498   1.00 16.83 ? 60   TYR A CA  1 
ATOM   421  C C   . TYR A 1 79  ? 6.872   -2.905  6.249   1.00 14.23 ? 60   TYR A C   1 
ATOM   422  O O   . TYR A 1 79  ? 7.398   -1.955  5.750   1.00 13.82 ? 60   TYR A O   1 
ATOM   423  C CB  . TYR A 1 79  ? 4.480   -2.796  5.449   1.00 11.83 ? 60   TYR A CB  1 
ATOM   424  C CG  . TYR A 1 79  ? 3.410   -3.216  4.440   1.00 10.58 ? 60   TYR A CG  1 
ATOM   425  C CD1 . TYR A 1 79  ? 3.750   -3.613  3.148   1.00 13.23 ? 60   TYR A CD1 1 
ATOM   426  C CD2 . TYR A 1 79  ? 2.043   -3.159  4.772   1.00 9.53  ? 60   TYR A CD2 1 
ATOM   427  C CE1 . TYR A 1 79  ? 2.792   -3.972  2.225   1.00 12.95 ? 60   TYR A CE1 1 
ATOM   428  C CE2 . TYR A 1 79  ? 1.055   -3.489  3.833   1.00 11.16 ? 60   TYR A CE2 1 
ATOM   429  C CZ  . TYR A 1 79  ? 1.437   -3.889  2.564   1.00 12.74 ? 60   TYR A CZ  1 
ATOM   430  O OH  . TYR A 1 79  ? 0.545   -4.234  1.591   1.00 11.45 ? 60   TYR A OH  1 
ATOM   431  N N   . LYS A 1 80  ? 7.221   -3.313  7.457   1.00 18.62 ? 61   LYS A N   1 
ATOM   432  C CA  . LYS A 1 80  ? 8.278   -2.600  8.195   1.00 19.30 ? 61   LYS A CA  1 
ATOM   433  C C   . LYS A 1 80  ? 9.563   -2.559  7.329   1.00 17.31 ? 61   LYS A C   1 
ATOM   434  O O   . LYS A 1 80  ? 9.950   -3.567  6.719   1.00 17.12 ? 61   LYS A O   1 
ATOM   435  C CB  . LYS A 1 80  ? 8.529   -3.287  9.531   1.00 23.37 ? 61   LYS A CB  1 
ATOM   436  C CG  . LYS A 1 80  ? 9.637   -2.677  10.365  1.00 25.46 ? 61   LYS A CG  1 
ATOM   437  C CD  . LYS A 1 80  ? 9.981   -3.598  11.504  1.00 24.44 ? 61   LYS A CD  1 
ATOM   438  C CE  . LYS A 1 80  ? 11.169  -3.064  12.302  1.00 25.58 ? 61   LYS A CE  1 
ATOM   439  N NZ  . LYS A 1 80  ? 10.791  -1.808  13.017  1.00 28.19 ? 61   LYS A NZ  1 
ATOM   440  N N   . SER A 1 81  ? 10.134  -1.360  7.218   1.00 20.07 ? 62   SER A N   1 
ATOM   441  C CA  . SER A 1 81  ? 11.300  -1.049  6.359   1.00 16.51 ? 62   SER A CA  1 
ATOM   442  C C   . SER A 1 81  ? 11.036  -1.054  4.830   1.00 17.07 ? 62   SER A C   1 
ATOM   443  O O   . SER A 1 81  ? 11.976  -0.904  4.034   1.00 16.89 ? 62   SER A O   1 
ATOM   444  C CB  . SER A 1 81  ? 12.481  -1.953  6.711   1.00 18.59 ? 62   SER A CB  1 
ATOM   445  O OG  . SER A 1 81  ? 12.816  -1.795  8.060   1.00 19.76 ? 62   SER A OG  1 
ATOM   446  N N   . CYS A 1 82  ? 9.779   -1.257  4.425   1.00 13.81 ? 63   CYS A N   1 
ATOM   447  C CA  . CYS A 1 82  ? 9.385   -1.184  3.017   1.00 13.12 ? 63   CYS A CA  1 
ATOM   448  C C   . CYS A 1 82  ? 9.398   0.249   2.493   1.00 16.96 ? 63   CYS A C   1 
ATOM   449  O O   . CYS A 1 82  ? 9.203   1.197   3.258   1.00 14.62 ? 63   CYS A O   1 
ATOM   450  C CB  . CYS A 1 82  ? 7.975   -1.783  2.835   1.00 13.17 ? 63   CYS A CB  1 
ATOM   451  S SG  . CYS A 1 82  ? 7.574   -2.289  1.161   1.00 17.36 ? 63   CYS A SG  1 
ATOM   452  N N   . LEU A 1 83  ? 9.594   0.378   1.175   1.00 15.02 ? 64   LEU A N   1 
ATOM   453  C CA  . LEU A 1 83  ? 9.677   1.650   0.492   1.00 14.13 ? 64   LEU A CA  1 
ATOM   454  C C   . LEU A 1 83  ? 8.391   1.953   -0.286  1.00 11.82 ? 64   LEU A C   1 
ATOM   455  O O   . LEU A 1 83  ? 7.717   1.049   -0.750  1.00 13.24 ? 64   LEU A O   1 
ATOM   456  C CB  . LEU A 1 83  ? 10.847  1.629   -0.521  1.00 17.65 ? 64   LEU A CB  1 
ATOM   457  C CG  . LEU A 1 83  ? 12.299  1.618   -0.023  1.00 18.21 ? 64   LEU A CG  1 
ATOM   458  C CD1 . LEU A 1 83  ? 13.260  1.767   -1.220  1.00 20.54 ? 64   LEU A CD1 1 
ATOM   459  C CD2 . LEU A 1 83  ? 12.541  2.672   1.038   1.00 19.59 ? 64   LEU A CD2 1 
ATOM   460  N N   . PHE A 1 84  ? 8.044   3.226   -0.360  1.00 9.92  ? 65   PHE A N   1 
ATOM   461  C CA  . PHE A 1 84  ? 7.196   3.756   -1.437  1.00 15.47 ? 65   PHE A CA  1 
ATOM   462  C C   . PHE A 1 84  ? 8.156   3.896   -2.616  1.00 16.46 ? 65   PHE A C   1 
ATOM   463  O O   . PHE A 1 84  ? 8.895   4.863   -2.705  1.00 15.24 ? 65   PHE A O   1 
ATOM   464  C CB  . PHE A 1 84  ? 6.542   5.076   -1.023  1.00 15.96 ? 65   PHE A CB  1 
ATOM   465  C CG  . PHE A 1 84  ? 5.406   4.893   -0.032  1.00 16.84 ? 65   PHE A CG  1 
ATOM   466  C CD1 . PHE A 1 84  ? 4.089   5.055   -0.427  1.00 17.73 ? 65   PHE A CD1 1 
ATOM   467  C CD2 . PHE A 1 84  ? 5.669   4.507   1.296   1.00 15.98 ? 65   PHE A CD2 1 
ATOM   468  C CE1 . PHE A 1 84  ? 3.030   4.887   0.471   1.00 15.30 ? 65   PHE A CE1 1 
ATOM   469  C CE2 . PHE A 1 84  ? 4.628   4.324   2.208   1.00 14.91 ? 65   PHE A CE2 1 
ATOM   470  C CZ  . PHE A 1 84  ? 3.306   4.506   1.803   1.00 17.57 ? 65   PHE A CZ  1 
ATOM   471  N N   . HIS A 1 85  ? 8.222   2.855   -3.443  1.00 17.39 ? 66   HIS A N   1 
ATOM   472  C CA  . HIS A 1 85  ? 9.162   2.796   -4.588  1.00 16.97 ? 66   HIS A CA  1 
ATOM   473  C C   . HIS A 1 85  ? 8.661   3.494   -5.842  1.00 15.75 ? 66   HIS A C   1 
ATOM   474  O O   . HIS A 1 85  ? 9.419   3.606   -6.817  1.00 13.59 ? 66   HIS A O   1 
ATOM   475  C CB  . HIS A 1 85  ? 9.479   1.337   -4.975  1.00 17.63 ? 66   HIS A CB  1 
ATOM   476  C CG  . HIS A 1 85  ? 8.297   0.598   -5.515  1.00 19.42 ? 66   HIS A CG  1 
ATOM   477  N ND1 . HIS A 1 85  ? 7.356   0.018   -4.697  1.00 20.97 ? 66   HIS A ND1 1 
ATOM   478  C CD2 . HIS A 1 85  ? 7.874   0.390   -6.790  1.00 19.33 ? 66   HIS A CD2 1 
ATOM   479  C CE1 . HIS A 1 85  ? 6.416   -0.541  -5.440  1.00 23.65 ? 66   HIS A CE1 1 
ATOM   480  N NE2 . HIS A 1 85  ? 6.708   -0.330  -6.714  1.00 18.42 ? 66   HIS A NE2 1 
ATOM   481  N N   . ARG A 1 86  ? 7.413   3.963   -5.851  1.00 13.00 ? 67   ARG A N   1 
ATOM   482  C CA  . ARG A 1 86  ? 6.938   4.689   -7.042  1.00 16.60 ? 67   ARG A CA  1 
ATOM   483  C C   . ARG A 1 86  ? 5.994   5.818   -6.624  1.00 11.91 ? 67   ARG A C   1 
ATOM   484  O O   . ARG A 1 86  ? 5.149   5.643   -5.742  1.00 14.13 ? 67   ARG A O   1 
ATOM   485  C CB  . ARG A 1 86  ? 6.319   3.719   -8.052  1.00 19.89 ? 67   ARG A CB  1 
ATOM   486  C CG  . ARG A 1 86  ? 5.610   4.394   -9.226  1.00 21.93 ? 67   ARG A CG  1 
ATOM   487  C CD  . ARG A 1 86  ? 5.489   3.477   -10.451 1.00 28.89 ? 67   ARG A CD  1 
ATOM   488  N NE  . ARG A 1 86  ? 5.102   4.265   -11.636 1.00 30.11 ? 67   ARG A NE  1 
ATOM   489  C CZ  . ARG A 1 86  ? 5.858   4.491   -12.719 1.00 33.70 ? 67   ARG A CZ  1 
ATOM   490  N NH1 . ARG A 1 86  ? 7.073   3.952   -12.858 1.00 34.98 ? 67   ARG A NH1 1 
ATOM   491  N NH2 . ARG A 1 86  ? 5.378   5.263   -13.693 1.00 34.88 ? 67   ARG A NH2 1 
ATOM   492  N N   . VAL A 1 87  ? 6.211   6.989   -7.227  1.00 10.62 ? 68   VAL A N   1 
ATOM   493  C CA  . VAL A 1 87  ? 5.505   8.225   -6.918  1.00 9.31  ? 68   VAL A CA  1 
ATOM   494  C C   . VAL A 1 87  ? 5.239   8.982   -8.214  1.00 10.84 ? 68   VAL A C   1 
ATOM   495  O O   . VAL A 1 87  ? 6.164   9.259   -8.992  1.00 11.11 ? 68   VAL A O   1 
ATOM   496  C CB  . VAL A 1 87  ? 6.312   9.144   -5.962  1.00 10.37 ? 68   VAL A CB  1 
ATOM   497  C CG1 . VAL A 1 87  ? 5.714   10.591  -5.948  1.00 5.33  ? 68   VAL A CG1 1 
ATOM   498  C CG2 . VAL A 1 87  ? 6.432   8.522   -4.480  1.00 4.67  ? 68   VAL A CG2 1 
ATOM   499  N N   . VAL A 1 88  ? 3.978   9.305   -8.447  1.00 15.09 ? 69   VAL A N   1 
ATOM   500  C CA  . VAL A 1 88  ? 3.579   10.052  -9.650  1.00 13.89 ? 69   VAL A CA  1 
ATOM   501  C C   . VAL A 1 88  ? 2.659   11.226  -9.228  1.00 14.53 ? 69   VAL A C   1 
ATOM   502  O O   . VAL A 1 88  ? 1.492   11.037  -8.902  1.00 14.51 ? 69   VAL A O   1 
ATOM   503  C CB  . VAL A 1 88  ? 2.908   9.130   -10.686 1.00 13.74 ? 69   VAL A CB  1 
ATOM   504  C CG1 . VAL A 1 88  ? 2.389   9.942   -11.862 1.00 12.73 ? 69   VAL A CG1 1 
ATOM   505  C CG2 . VAL A 1 88  ? 3.867   8.047   -11.136 1.00 12.15 ? 69   VAL A CG2 1 
ATOM   506  N N   . LYS A 1 89  ? 3.226   12.429  -9.213  1.00 17.75 ? 70   LYS A N   1 
ATOM   507  C CA  . LYS A 1 89  ? 2.518   13.637  -8.792  1.00 18.02 ? 70   LYS A CA  1 
ATOM   508  C C   . LYS A 1 89  ? 1.210   13.749  -9.579  1.00 14.58 ? 70   LYS A C   1 
ATOM   509  O O   . LYS A 1 89  ? 1.176   13.487  -10.792 1.00 13.91 ? 70   LYS A O   1 
ATOM   510  C CB  . LYS A 1 89  ? 3.402   14.884  -8.995  1.00 19.32 ? 70   LYS A CB  1 
ATOM   511  C CG  . LYS A 1 89  ? 2.739   16.255  -8.637  1.00 18.69 ? 70   LYS A CG  1 
ATOM   512  C CD  . LYS A 1 89  ? 2.503   16.438  -7.119  1.00 23.33 ? 70   LYS A CD  1 
ATOM   513  C CE  . LYS A 1 89  ? 2.058   17.874  -6.722  1.00 21.45 ? 70   LYS A CE  1 
ATOM   514  N NZ  . LYS A 1 89  ? 1.036   18.323  -7.640  1.00 26.89 ? 70   LYS A NZ  1 
ATOM   515  N N   . ASP A 1 90  ? 0.147   14.090  -8.869  1.00 18.34 ? 71   ASP A N   1 
ATOM   516  C CA  . ASP A 1 90  ? -1.217  14.185  -9.414  1.00 21.51 ? 71   ASP A CA  1 
ATOM   517  C C   . ASP A 1 90  ? -1.835  12.834  -9.774  1.00 18.70 ? 71   ASP A C   1 
ATOM   518  O O   . ASP A 1 90  ? -2.863  12.775  -10.451 1.00 17.47 ? 71   ASP A O   1 
ATOM   519  C CB  . ASP A 1 90  ? -1.287  15.169  -10.583 1.00 26.23 ? 71   ASP A CB  1 
ATOM   520  C CG  . ASP A 1 90  ? -1.097  16.612  -10.151 1.00 28.92 ? 71   ASP A CG  1 
ATOM   521  O OD1 . ASP A 1 90  ? -1.481  16.982  -9.007  1.00 28.29 ? 71   ASP A OD1 1 
ATOM   522  O OD2 . ASP A 1 90  ? -0.569  17.393  -10.981 1.00 31.06 ? 71   ASP A OD2 1 
ATOM   523  N N   . PHE A 1 91  ? -1.273  11.738  -9.257  1.00 14.61 ? 72   PHE A N   1 
ATOM   524  C CA  . PHE A 1 91  ? -1.835  10.416  -9.561  1.00 15.09 ? 72   PHE A CA  1 
ATOM   525  C C   . PHE A 1 91  ? -1.896  9.504   -8.343  1.00 15.00 ? 72   PHE A C   1 
ATOM   526  O O   . PHE A 1 91  ? -2.991  9.249   -7.810  1.00 14.71 ? 72   PHE A O   1 
ATOM   527  C CB  . PHE A 1 91  ? -1.052  9.820   -10.743 1.00 20.21 ? 72   PHE A CB  1 
ATOM   528  C CG  . PHE A 1 91  ? -1.497  8.473   -11.189 1.00 18.41 ? 72   PHE A CG  1 
ATOM   529  C CD1 . PHE A 1 91  ? -2.848  8.105   -11.201 1.00 25.34 ? 72   PHE A CD1 1 
ATOM   530  C CD2 . PHE A 1 91  ? -0.560  7.558   -11.672 1.00 23.25 ? 72   PHE A CD2 1 
ATOM   531  C CE1 . PHE A 1 91  ? -3.244  6.821   -11.656 1.00 23.12 ? 72   PHE A CE1 1 
ATOM   532  C CE2 . PHE A 1 91  ? -0.957  6.289   -12.125 1.00 23.52 ? 72   PHE A CE2 1 
ATOM   533  C CZ  . PHE A 1 91  ? -2.292  5.926   -12.114 1.00 21.85 ? 72   PHE A CZ  1 
ATOM   534  N N   . MET A 1 92  ? -0.738  9.046   -7.870  1.00 14.39 ? 73   MET A N   1 
ATOM   535  C CA  . MET A 1 92  ? -0.696  8.123   -6.726  1.00 14.91 ? 73   MET A CA  1 
ATOM   536  C C   . MET A 1 92  ? 0.733   7.902   -6.188  1.00 12.73 ? 73   MET A C   1 
ATOM   537  O O   . MET A 1 92  ? 1.732   8.297   -6.816  1.00 15.37 ? 73   MET A O   1 
ATOM   538  C CB  . MET A 1 92  ? -1.341  6.774   -7.117  1.00 13.72 ? 73   MET A CB  1 
ATOM   539  C CG  . MET A 1 92  ? -0.583  5.988   -8.243  1.00 22.16 ? 73   MET A CG  1 
ATOM   540  S SD  . MET A 1 92  ? 0.835   5.102   -7.600  1.00 22.82 ? 73   MET A SD  1 
ATOM   541  C CE  . MET A 1 92  ? 1.920   4.901   -9.035  1.00 21.25 ? 73   MET A CE  1 
ATOM   542  N N   . VAL A 1 93  ? 0.809   7.280   -5.024  1.00 9.08  ? 74   VAL A N   1 
ATOM   543  C CA  . VAL A 1 93  ? 2.095   6.828   -4.438  1.00 12.23 ? 74   VAL A CA  1 
ATOM   544  C C   . VAL A 1 93  ? 1.945   5.326   -4.148  1.00 11.97 ? 74   VAL A C   1 
ATOM   545  O O   . VAL A 1 93  ? 0.910   4.865   -3.590  1.00 13.98 ? 74   VAL A O   1 
ATOM   546  C CB  . VAL A 1 93  ? 2.561   7.655   -3.218  1.00 7.08  ? 74   VAL A CB  1 
ATOM   547  C CG1 . VAL A 1 93  ? 2.848   9.102   -3.656  1.00 8.90  ? 74   VAL A CG1 1 
ATOM   548  C CG2 . VAL A 1 93  ? 1.548   7.630   -2.063  1.00 10.60 ? 74   VAL A CG2 1 
ATOM   549  N N   . GLN A 1 94  ? 2.962   4.576   -4.570  1.00 13.44 ? 75   GLN A N   1 
ATOM   550  C CA  . GLN A 1 94  ? 2.928   3.130   -4.537  1.00 11.17 ? 75   GLN A CA  1 
ATOM   551  C C   . GLN A 1 94  ? 4.070   2.558   -3.703  1.00 11.11 ? 75   GLN A C   1 
ATOM   552  O O   . GLN A 1 94  ? 5.196   2.991   -3.830  1.00 12.22 ? 75   GLN A O   1 
ATOM   553  C CB  . GLN A 1 94  ? 3.014   2.583   -5.933  1.00 14.18 ? 75   GLN A CB  1 
ATOM   554  C CG  . GLN A 1 94  ? 2.992   1.089   -6.030  1.00 13.86 ? 75   GLN A CG  1 
ATOM   555  C CD  . GLN A 1 94  ? 3.168   0.596   -7.459  1.00 17.84 ? 75   GLN A CD  1 
ATOM   556  O OE1 . GLN A 1 94  ? 2.885   1.323   -8.424  1.00 19.73 ? 75   GLN A OE1 1 
ATOM   557  N NE2 . GLN A 1 94  ? 3.643   -0.642  -7.601  1.00 16.72 ? 75   GLN A NE2 1 
ATOM   558  N N   . GLY A 1 95  ? 3.759   1.562   -2.880  1.00 13.18 ? 76   GLY A N   1 
ATOM   559  C CA  . GLY A 1 95  ? 4.762   0.841   -2.095  1.00 13.86 ? 76   GLY A CA  1 
ATOM   560  C C   . GLY A 1 95  ? 4.292   -0.570  -1.823  1.00 14.53 ? 76   GLY A C   1 
ATOM   561  O O   . GLY A 1 95  ? 3.318   -1.055  -2.446  1.00 14.36 ? 76   GLY A O   1 
ATOM   562  N N   . GLY A 1 96  ? 4.932   -1.206  -0.846  1.00 13.40 ? 77   GLY A N   1 
ATOM   563  C CA  . GLY A 1 96  ? 4.584   -2.583  -0.448  1.00 17.24 ? 77   GLY A CA  1 
ATOM   564  C C   . GLY A 1 96  ? 5.444   -3.691  -1.041  1.00 16.22 ? 77   GLY A C   1 
ATOM   565  O O   . GLY A 1 96  ? 5.206   -4.860  -0.746  1.00 22.07 ? 77   GLY A O   1 
ATOM   566  N N   . ASP A 1 97  ? 6.437   -3.356  -1.876  1.00 16.28 ? 78   ASP A N   1 
ATOM   567  C CA  . ASP A 1 97  ? 7.318   -4.388  -2.469  1.00 18.19 ? 78   ASP A CA  1 
ATOM   568  C C   . ASP A 1 97  ? 8.404   -4.721  -1.464  1.00 16.53 ? 78   ASP A C   1 
ATOM   569  O O   . ASP A 1 97  ? 9.482   -4.136  -1.451  1.00 16.85 ? 78   ASP A O   1 
ATOM   570  C CB  . ASP A 1 97  ? 7.887   -3.930  -3.804  1.00 16.28 ? 78   ASP A CB  1 
ATOM   571  C CG  . ASP A 1 97  ? 8.819   -4.938  -4.451  1.00 17.16 ? 78   ASP A CG  1 
ATOM   572  O OD1 . ASP A 1 97  ? 9.186   -5.954  -3.844  1.00 16.04 ? 78   ASP A OD1 1 
ATOM   573  O OD2 . ASP A 1 97  ? 9.221   -4.670  -5.597  1.00 19.04 ? 78   ASP A OD2 1 
ATOM   574  N N   . PHE A 1 98  ? 8.103   -5.657  -0.593  1.00 14.30 ? 79   PHE A N   1 
ATOM   575  C CA  . PHE A 1 98  ? 8.966   -5.824  0.583   1.00 19.87 ? 79   PHE A CA  1 
ATOM   576  C C   . PHE A 1 98  ? 10.207  -6.639  0.262   1.00 19.15 ? 79   PHE A C   1 
ATOM   577  O O   . PHE A 1 98  ? 11.175  -6.624  1.005   1.00 18.21 ? 79   PHE A O   1 
ATOM   578  C CB  . PHE A 1 98  ? 8.200   -6.430  1.745   1.00 17.24 ? 79   PHE A CB  1 
ATOM   579  C CG  . PHE A 1 98  ? 7.575   -7.762  1.439   1.00 19.63 ? 79   PHE A CG  1 
ATOM   580  C CD1 . PHE A 1 98  ? 8.347   -8.916  1.385   1.00 16.93 ? 79   PHE A CD1 1 
ATOM   581  C CD2 . PHE A 1 98  ? 6.198   -7.867  1.205   1.00 15.90 ? 79   PHE A CD2 1 
ATOM   582  C CE1 . PHE A 1 98  ? 7.772   -10.145 1.097   1.00 17.92 ? 79   PHE A CE1 1 
ATOM   583  C CE2 . PHE A 1 98  ? 5.627   -9.112  0.918   1.00 14.54 ? 79   PHE A CE2 1 
ATOM   584  C CZ  . PHE A 1 98  ? 6.421   -10.248 0.882   1.00 16.12 ? 79   PHE A CZ  1 
ATOM   585  N N   . SER A 1 99  ? 10.173  -7.363  -0.845  1.00 21.75 ? 80   SER A N   1 
ATOM   586  C CA  . SER A 1 99  ? 11.257  -8.303  -1.155  1.00 19.23 ? 80   SER A CA  1 
ATOM   587  C C   . SER A 1 99  ? 12.280  -7.738  -2.171  1.00 22.05 ? 80   SER A C   1 
ATOM   588  O O   . SER A 1 99  ? 13.450  -8.174  -2.203  1.00 20.69 ? 80   SER A O   1 
ATOM   589  C CB  . SER A 1 99  ? 10.643  -9.618  -1.622  1.00 17.73 ? 80   SER A CB  1 
ATOM   590  O OG  . SER A 1 99  ? 9.943   -9.476  -2.843  1.00 17.70 ? 80   SER A OG  1 
ATOM   591  N N   . GLU A 1 100 ? 11.841  -6.790  -3.013  1.00 21.73 ? 81   GLU A N   1 
ATOM   592  C CA  . GLU A 1 100 ? 12.731  -6.170  -4.009  1.00 19.52 ? 81   GLU A CA  1 
ATOM   593  C C   . GLU A 1 100 ? 12.821  -4.649  -3.921  1.00 23.42 ? 81   GLU A C   1 
ATOM   594  O O   . GLU A 1 100 ? 13.789  -4.071  -4.416  1.00 21.85 ? 81   GLU A O   1 
ATOM   595  C CB  . GLU A 1 100 ? 12.287  -6.505  -5.424  1.00 23.92 ? 81   GLU A CB  1 
ATOM   596  C CG  . GLU A 1 100 ? 11.904  -7.928  -5.646  1.00 29.66 ? 81   GLU A CG  1 
ATOM   597  C CD  . GLU A 1 100 ? 13.046  -8.775  -6.012  1.00 32.75 ? 81   GLU A CD  1 
ATOM   598  O OE1 . GLU A 1 100 ? 14.176  -8.472  -5.556  1.00 33.35 ? 81   GLU A OE1 1 
ATOM   599  O OE2 . GLU A 1 100 ? 12.799  -9.748  -6.772  1.00 36.64 ? 81   GLU A OE2 1 
ATOM   600  N N   . GLY A 1 101 ? 11.799  -3.992  -3.373  1.00 17.39 ? 82   GLY A N   1 
ATOM   601  C CA  . GLY A 1 101 ? 11.828  -2.536  -3.226  1.00 20.05 ? 82   GLY A CA  1 
ATOM   602  C C   . GLY A 1 101 ? 11.727  -1.757  -4.517  1.00 16.91 ? 82   GLY A C   1 
ATOM   603  O O   . GLY A 1 101 ? 12.128  -0.595  -4.570  1.00 17.16 ? 82   GLY A O   1 
ATOM   604  N N   . ASN A 1 102 ? 11.191  -2.365  -5.566  1.00 19.13 ? 83   ASN A N   1 
ATOM   605  C CA  . ASN A 1 102 ? 11.212  -1.707  -6.875  1.00 18.09 ? 83   ASN A CA  1 
ATOM   606  C C   . ASN A 1 102 ? 10.044  -2.015  -7.817  1.00 19.06 ? 83   ASN A C   1 
ATOM   607  O O   . ASN A 1 102 ? 10.081  -1.594  -8.984  1.00 17.63 ? 83   ASN A O   1 
ATOM   608  C CB  . ASN A 1 102 ? 12.546  -2.007  -7.589  1.00 18.06 ? 83   ASN A CB  1 
ATOM   609  C CG  . ASN A 1 102 ? 12.701  -3.468  -7.945  1.00 12.50 ? 83   ASN A CG  1 
ATOM   610  O OD1 . ASN A 1 102 ? 11.766  -4.259  -7.820  1.00 15.14 ? 83   ASN A OD1 1 
ATOM   611  N ND2 . ASN A 1 102 ? 13.899  -3.843  -8.366  1.00 13.00 ? 83   ASN A ND2 1 
ATOM   612  N N   . GLY A 1 103 ? 9.023   -2.732  -7.327  1.00 16.17 ? 84   GLY A N   1 
ATOM   613  C CA  . GLY A 1 103 ? 7.891   -3.156  -8.147  1.00 15.92 ? 84   GLY A CA  1 
ATOM   614  C C   . GLY A 1 103 ? 7.926   -4.610  -8.612  1.00 17.11 ? 84   GLY A C   1 
ATOM   615  O O   . GLY A 1 103 ? 6.893   -5.174  -8.886  1.00 15.53 ? 84   GLY A O   1 
ATOM   616  N N   . ARG A 1 104 ? 9.109   -5.227  -8.663  1.00 19.71 ? 85   ARG A N   1 
ATOM   617  C CA  . ARG A 1 104 ? 9.258   -6.626  -9.118  1.00 23.29 ? 85   ARG A CA  1 
ATOM   618  C C   . ARG A 1 104 ? 8.825   -7.721  -8.113  1.00 25.00 ? 85   ARG A C   1 
ATOM   619  O O   . ARG A 1 104 ? 8.597   -8.887  -8.493  1.00 23.23 ? 85   ARG A O   1 
ATOM   620  C CB  . ARG A 1 104 ? 10.726  -6.872  -9.523  1.00 25.02 ? 85   ARG A CB  1 
ATOM   621  C CG  . ARG A 1 104 ? 11.218  -5.936  -10.653 1.00 27.05 ? 85   ARG A CG  1 
ATOM   622  C CD  . ARG A 1 104 ? 12.676  -6.235  -11.011 1.00 28.57 ? 85   ARG A CD  1 
ATOM   623  N NE  . ARG A 1 104 ? 13.226  -5.304  -11.991 1.00 31.92 ? 85   ARG A NE  1 
ATOM   624  N N   . GLY A 1 105 ? 8.730   -7.360  -6.839  1.00 19.34 ? 86   GLY A N   1 
ATOM   625  C CA  . GLY A 1 105 ? 8.709   -8.352  -5.769  1.00 20.06 ? 86   GLY A CA  1 
ATOM   626  C C   . GLY A 1 105 ? 7.400   -8.314  -5.056  1.00 19.77 ? 86   GLY A C   1 
ATOM   627  O O   . GLY A 1 105 ? 6.424   -7.769  -5.565  1.00 21.18 ? 86   GLY A O   1 
ATOM   628  N N   . GLY A 1 106 ? 7.382   -8.871  -3.856  1.00 16.81 ? 87   GLY A N   1 
ATOM   629  C CA  . GLY A 1 106 ? 6.151   -8.896  -3.085  1.00 20.98 ? 87   GLY A CA  1 
ATOM   630  C C   . GLY A 1 106 ? 5.321   -10.151 -3.292  1.00 16.64 ? 87   GLY A C   1 
ATOM   631  O O   . GLY A 1 106 ? 5.428   -10.847 -4.313  1.00 20.20 ? 87   GLY A O   1 
ATOM   632  N N   . GLU A 1 107 ? 4.479   -10.413 -2.310  1.00 16.04 ? 88   GLU A N   1 
ATOM   633  C CA  . GLU A 1 107 ? 3.710   -11.630 -2.234  1.00 17.36 ? 88   GLU A CA  1 
ATOM   634  C C   . GLU A 1 107 ? 2.619   -11.406 -1.173  1.00 20.22 ? 88   GLU A C   1 
ATOM   635  O O   . GLU A 1 107 ? 2.837   -10.678 -0.184  1.00 15.13 ? 88   GLU A O   1 
ATOM   636  C CB  . GLU A 1 107 ? 4.655   -12.764 -1.850  1.00 19.73 ? 88   GLU A CB  1 
ATOM   637  C CG  . GLU A 1 107 ? 4.032   -14.001 -1.469  1.00 20.49 ? 88   GLU A CG  1 
ATOM   638  C CD  . GLU A 1 107 ? 5.012   -15.160 -1.378  1.00 21.53 ? 88   GLU A CD  1 
ATOM   639  O OE1 . GLU A 1 107 ? 6.157   -15.000 -0.861  1.00 16.69 ? 88   GLU A OE1 1 
ATOM   640  O OE2 . GLU A 1 107 ? 4.601   -16.246 -1.825  1.00 23.32 ? 88   GLU A OE2 1 
ATOM   641  N N   . SER A 1 108 ? 1.459   -12.028 -1.382  1.00 17.54 ? 89   SER A N   1 
ATOM   642  C CA  . SER A 1 108 ? 0.343   -11.941 -0.448  1.00 13.46 ? 89   SER A CA  1 
ATOM   643  C C   . SER A 1 108 ? 0.584   -12.907 0.709   1.00 14.60 ? 89   SER A C   1 
ATOM   644  O O   . SER A 1 108 ? 1.389   -13.827 0.580   1.00 15.03 ? 89   SER A O   1 
ATOM   645  C CB  . SER A 1 108 ? -0.944  -12.341 -1.144  1.00 15.33 ? 89   SER A CB  1 
ATOM   646  O OG  . SER A 1 108 ? -1.227  -13.736 -0.985  1.00 12.63 ? 89   SER A OG  1 
ATOM   647  N N   . ILE A 1 109 ? -0.195  -12.746 1.783   1.00 14.79 ? 90   ILE A N   1 
ATOM   648  C CA  . ILE A 1 109 ? -0.132  -13.638 2.947   1.00 13.81 ? 90   ILE A CA  1 
ATOM   649  C C   . ILE A 1 109 ? -0.609  -15.089 2.654   1.00 13.90 ? 90   ILE A C   1 
ATOM   650  O O   . ILE A 1 109 ? -0.420  -15.978 3.457   1.00 14.99 ? 90   ILE A O   1 
ATOM   651  C CB  . ILE A 1 109 ? -0.882  -13.044 4.182   1.00 13.88 ? 90   ILE A CB  1 
ATOM   652  C CG1 . ILE A 1 109 ? -2.401  -12.899 3.920   1.00 15.61 ? 90   ILE A CG1 1 
ATOM   653  C CG2 . ILE A 1 109 ? -0.276  -11.698 4.617   1.00 14.54 ? 90   ILE A CG2 1 
ATOM   654  C CD1 . ILE A 1 109 ? -3.222  -12.831 5.225   1.00 17.75 ? 90   ILE A CD1 1 
ATOM   655  N N   . TYR A 1 110 ? -1.223  -15.310 1.495   1.00 14.63 ? 91   TYR A N   1 
ATOM   656  C CA  . TYR A 1 110 ? -1.835  -16.588 1.166   1.00 16.75 ? 91   TYR A CA  1 
ATOM   657  C C   . TYR A 1 110 ? -0.890  -17.509 0.356   1.00 18.57 ? 91   TYR A C   1 
ATOM   658  O O   . TYR A 1 110 ? -1.260  -18.645 0.036   1.00 14.98 ? 91   TYR A O   1 
ATOM   659  C CB  . TYR A 1 110 ? -3.136  -16.307 0.405   1.00 16.10 ? 91   TYR A CB  1 
ATOM   660  C CG  . TYR A 1 110 ? -4.047  -15.306 1.112   1.00 14.15 ? 91   TYR A CG  1 
ATOM   661  C CD1 . TYR A 1 110 ? -4.597  -15.593 2.389   1.00 15.16 ? 91   TYR A CD1 1 
ATOM   662  C CD2 . TYR A 1 110 ? -4.363  -14.076 0.513   1.00 15.06 ? 91   TYR A CD2 1 
ATOM   663  C CE1 . TYR A 1 110 ? -5.420  -14.685 3.043   1.00 14.28 ? 91   TYR A CE1 1 
ATOM   664  C CE2 . TYR A 1 110 ? -5.207  -13.161 1.151   1.00 15.32 ? 91   TYR A CE2 1 
ATOM   665  C CZ  . TYR A 1 110 ? -5.721  -13.457 2.409   1.00 14.12 ? 91   TYR A CZ  1 
ATOM   666  O OH  . TYR A 1 110 ? -6.553  -12.554 3.012   1.00 14.04 ? 91   TYR A OH  1 
ATOM   667  N N   . GLY A 1 111 ? 0.335   -17.046 0.074   1.00 18.12 ? 92   GLY A N   1 
ATOM   668  C CA  . GLY A 1 111 ? 1.205   -17.686 -0.937  1.00 14.40 ? 92   GLY A CA  1 
ATOM   669  C C   . GLY A 1 111 ? 0.850   -17.159 -2.326  1.00 16.83 ? 92   GLY A C   1 
ATOM   670  O O   . GLY A 1 111 ? -0.288  -17.329 -2.795  1.00 18.06 ? 92   GLY A O   1 
ATOM   671  N N   . GLY A 1 112 ? 1.811   -16.514 -2.968  1.00 15.77 ? 93   GLY A N   1 
ATOM   672  C CA  . GLY A 1 112 ? 1.622   -15.900 -4.274  1.00 14.99 ? 93   GLY A CA  1 
ATOM   673  C C   . GLY A 1 112 ? 0.605   -14.777 -4.276  1.00 19.42 ? 93   GLY A C   1 
ATOM   674  O O   . GLY A 1 112 ? 0.519   -13.976 -3.323  1.00 15.45 ? 93   GLY A O   1 
ATOM   675  N N   . PHE A 1 113 ? -0.178  -14.715 -5.359  1.00 19.94 ? 94   PHE A N   1 
ATOM   676  C CA  . PHE A 1 113 ? -1.207  -13.703 -5.509  1.00 16.08 ? 94   PHE A CA  1 
ATOM   677  C C   . PHE A 1 113 ? -2.616  -14.216 -5.238  1.00 17.82 ? 94   PHE A C   1 
ATOM   678  O O   . PHE A 1 113 ? -2.862  -15.413 -5.226  1.00 18.14 ? 94   PHE A O   1 
ATOM   679  C CB  . PHE A 1 113 ? -1.168  -13.097 -6.906  1.00 19.49 ? 94   PHE A CB  1 
ATOM   680  C CG  . PHE A 1 113 ? 0.169   -12.545 -7.287  1.00 17.11 ? 94   PHE A CG  1 
ATOM   681  C CD1 . PHE A 1 113 ? 1.030   -11.986 -6.315  1.00 19.49 ? 94   PHE A CD1 1 
ATOM   682  C CD2 . PHE A 1 113 ? 0.592   -12.597 -8.595  1.00 18.99 ? 94   PHE A CD2 1 
ATOM   683  C CE1 . PHE A 1 113 ? 2.296   -11.489 -6.670  1.00 18.85 ? 94   PHE A CE1 1 
ATOM   684  C CE2 . PHE A 1 113 ? 1.848   -12.079 -8.957  1.00 18.80 ? 94   PHE A CE2 1 
ATOM   685  C CZ  . PHE A 1 113 ? 2.691   -11.539 -7.993  1.00 21.21 ? 94   PHE A CZ  1 
ATOM   686  N N   . PHE A 1 114 ? -3.544  -13.280 -5.051  1.00 18.92 ? 95   PHE A N   1 
ATOM   687  C CA  . PHE A 1 114 ? -4.952  -13.643 -4.947  1.00 13.92 ? 95   PHE A CA  1 
ATOM   688  C C   . PHE A 1 114 ? -5.874  -12.870 -5.911  1.00 14.36 ? 95   PHE A C   1 
ATOM   689  O O   . PHE A 1 114 ? -5.476  -11.882 -6.604  1.00 11.34 ? 95   PHE A O   1 
ATOM   690  C CB  . PHE A 1 114 ? -5.457  -13.591 -3.486  1.00 13.86 ? 95   PHE A CB  1 
ATOM   691  C CG  . PHE A 1 114 ? -5.321  -12.248 -2.824  1.00 16.00 ? 95   PHE A CG  1 
ATOM   692  C CD1 . PHE A 1 114 ? -6.435  -11.429 -2.646  1.00 14.64 ? 95   PHE A CD1 1 
ATOM   693  C CD2 . PHE A 1 114 ? -4.068  -11.774 -2.399  1.00 11.12 ? 95   PHE A CD2 1 
ATOM   694  C CE1 . PHE A 1 114 ? -6.324  -10.194 -2.012  1.00 14.38 ? 95   PHE A CE1 1 
ATOM   695  C CE2 . PHE A 1 114 ? -3.945  -10.524 -1.782  1.00 15.56 ? 95   PHE A CE2 1 
ATOM   696  C CZ  . PHE A 1 114 ? -5.060  -9.732  -1.594  1.00 15.28 ? 95   PHE A CZ  1 
ATOM   697  N N   . GLU A 1 115 ? -7.121  -13.346 -5.942  1.00 14.40 ? 96   GLU A N   1 
ATOM   698  C CA  . GLU A 1 115 ? -8.112  -12.879 -6.917  1.00 15.71 ? 96   GLU A CA  1 
ATOM   699  C C   . GLU A 1 115 ? -8.604  -11.486 -6.570  1.00 16.80 ? 96   GLU A C   1 
ATOM   700  O O   . GLU A 1 115 ? -8.638  -11.116 -5.388  1.00 16.63 ? 96   GLU A O   1 
ATOM   701  C CB  . GLU A 1 115 ? -9.284  -13.884 -7.008  1.00 21.02 ? 96   GLU A CB  1 
ATOM   702  C CG  . GLU A 1 115 ? -9.008  -15.078 -7.918  1.00 23.88 ? 96   GLU A CG  1 
ATOM   703  C CD  . GLU A 1 115 ? -8.249  -16.262 -7.269  1.00 30.42 ? 96   GLU A CD  1 
ATOM   704  O OE1 . GLU A 1 115 ? -7.847  -16.174 -6.071  1.00 32.56 ? 96   GLU A OE1 1 
ATOM   705  O OE2 . GLU A 1 115 ? -8.072  -17.302 -7.986  1.00 31.13 ? 96   GLU A OE2 1 
ATOM   706  N N   . ASP A 1 116 ? -8.907  -10.694 -7.612  1.00 16.09 ? 97   ASP A N   1 
ATOM   707  C CA  . ASP A 1 116 ? -9.636  -9.455  -7.456  1.00 14.09 ? 97   ASP A CA  1 
ATOM   708  C C   . ASP A 1 116 ? -10.982 -9.771  -6.789  1.00 13.57 ? 97   ASP A C   1 
ATOM   709  O O   . ASP A 1 116 ? -11.769 -10.571 -7.309  1.00 11.95 ? 97   ASP A O   1 
ATOM   710  C CB  . ASP A 1 116 ? -9.869  -8.806  -8.809  1.00 15.36 ? 97   ASP A CB  1 
ATOM   711  C CG  . ASP A 1 116 ? -8.564  -8.428  -9.517  1.00 16.10 ? 97   ASP A CG  1 
ATOM   712  O OD1 . ASP A 1 116 ? -7.624  -7.932  -8.855  1.00 15.66 ? 97   ASP A OD1 1 
ATOM   713  O OD2 . ASP A 1 116 ? -8.513  -8.583  -10.743 1.00 17.53 ? 97   ASP A OD2 1 
ATOM   714  N N   . GLU A 1 117 ? -11.223 -9.178  -5.612  1.00 11.57 ? 98   GLU A N   1 
ATOM   715  C CA  . GLU A 1 117 ? -12.379 -9.552  -4.816  1.00 13.06 ? 98   GLU A CA  1 
ATOM   716  C C   . GLU A 1 117 ? -13.641 -8.617  -5.002  1.00 15.18 ? 98   GLU A C   1 
ATOM   717  O O   . GLU A 1 117 ? -14.771 -9.092  -4.911  1.00 12.94 ? 98   GLU A O   1 
ATOM   718  C CB  . GLU A 1 117 ? -11.907 -9.616  -3.342  1.00 19.23 ? 98   GLU A CB  1 
ATOM   719  C CG  . GLU A 1 117 ? -12.987 -9.697  -2.250  1.00 16.14 ? 98   GLU A CG  1 
ATOM   720  C CD  . GLU A 1 117 ? -12.350 -9.850  -0.880  1.00 14.24 ? 98   GLU A CD  1 
ATOM   721  O OE1 . GLU A 1 117 ? -11.274 -9.261  -0.628  1.00 7.84  ? 98   GLU A OE1 1 
ATOM   722  O OE2 . GLU A 1 117 ? -12.913 -10.570 -0.054  1.00 11.75 ? 98   GLU A OE2 1 
ATOM   723  N N   . SER A 1 118 ? -13.423 -7.316  -5.282  1.00 14.85 ? 99   SER A N   1 
ATOM   724  C CA  . SER A 1 118 ? -14.488 -6.314  -5.376  1.00 16.16 ? 99   SER A CA  1 
ATOM   725  C C   . SER A 1 118 ? -14.065 -5.128  -6.233  1.00 17.06 ? 99   SER A C   1 
ATOM   726  O O   . SER A 1 118 ? -12.969 -4.596  -6.046  1.00 13.09 ? 99   SER A O   1 
ATOM   727  C CB  . SER A 1 118 ? -14.836 -5.744  -3.996  1.00 15.72 ? 99   SER A CB  1 
ATOM   728  O OG  . SER A 1 118 ? -15.778 -4.662  -4.105  1.00 23.00 ? 99   SER A OG  1 
ATOM   729  N N   . PHE A 1 119 ? -14.947 -4.710  -7.147  1.00 15.86 ? 100  PHE A N   1 
ATOM   730  C CA  . PHE A 1 119 ? -14.812 -3.405  -7.807  1.00 19.08 ? 100  PHE A CA  1 
ATOM   731  C C   . PHE A 1 119 ? -15.888 -2.387  -7.317  1.00 19.00 ? 100  PHE A C   1 
ATOM   732  O O   . PHE A 1 119 ? -16.130 -1.365  -7.971  1.00 24.16 ? 100  PHE A O   1 
ATOM   733  C CB  . PHE A 1 119 ? -14.879 -3.544  -9.331  1.00 18.22 ? 100  PHE A CB  1 
ATOM   734  C CG  . PHE A 1 119 ? -13.909 -4.530  -9.905  1.00 18.53 ? 100  PHE A CG  1 
ATOM   735  C CD1 . PHE A 1 119 ? -12.564 -4.532  -9.511  1.00 17.96 ? 100  PHE A CD1 1 
ATOM   736  C CD2 . PHE A 1 119 ? -14.343 -5.499  -10.865 1.00 16.89 ? 100  PHE A CD2 1 
ATOM   737  C CE1 . PHE A 1 119 ? -11.669 -5.425  -10.041 1.00 18.46 ? 100  PHE A CE1 1 
ATOM   738  C CE2 . PHE A 1 119 ? -13.437 -6.379  -11.419 1.00 15.62 ? 100  PHE A CE2 1 
ATOM   739  C CZ  . PHE A 1 119 ? -12.086 -6.352  -11.003 1.00 21.10 ? 100  PHE A CZ  1 
ATOM   740  N N   . ALA A 1 120 ? -16.481 -2.656  -6.162  1.00 19.94 ? 101  ALA A N   1 
ATOM   741  C CA  . ALA A 1 120 ? -17.606 -1.866  -5.620  1.00 18.70 ? 101  ALA A CA  1 
ATOM   742  C C   . ALA A 1 120 ? -17.220 -0.422  -5.238  1.00 21.06 ? 101  ALA A C   1 
ATOM   743  O O   . ALA A 1 120 ? -18.021 0.488   -5.416  1.00 26.12 ? 101  ALA A O   1 
ATOM   744  C CB  . ALA A 1 120 ? -18.254 -2.585  -4.398  1.00 15.63 ? 101  ALA A CB  1 
ATOM   745  N N   . VAL A 1 121 ? -16.009 -0.230  -4.704  1.00 18.95 ? 102  VAL A N   1 
ATOM   746  C CA  . VAL A 1 121 ? -15.560 1.071   -4.233  1.00 16.81 ? 102  VAL A CA  1 
ATOM   747  C C   . VAL A 1 121 ? -14.843 1.742   -5.409  1.00 14.73 ? 102  VAL A C   1 
ATOM   748  O O   . VAL A 1 121 ? -13.939 1.156   -6.028  1.00 15.46 ? 102  VAL A O   1 
ATOM   749  C CB  . VAL A 1 121 ? -14.664 0.950   -2.965  1.00 14.26 ? 102  VAL A CB  1 
ATOM   750  C CG1 . VAL A 1 121 ? -14.097 2.296   -2.597  1.00 14.13 ? 102  VAL A CG1 1 
ATOM   751  C CG2 . VAL A 1 121 ? -15.453 0.337   -1.777  1.00 9.41  ? 102  VAL A CG2 1 
ATOM   752  N N   . LYS A 1 122 ? -15.267 2.953   -5.731  1.00 16.65 ? 103  LYS A N   1 
ATOM   753  C CA  . LYS A 1 122 ? -14.771 3.639   -6.934  1.00 16.65 ? 103  LYS A CA  1 
ATOM   754  C C   . LYS A 1 122 ? -13.496 4.417   -6.590  1.00 17.21 ? 103  LYS A C   1 
ATOM   755  O O   . LYS A 1 122 ? -13.325 4.833   -5.456  1.00 13.97 ? 103  LYS A O   1 
ATOM   756  C CB  . LYS A 1 122 ? -15.822 4.565   -7.464  1.00 15.42 ? 103  LYS A CB  1 
ATOM   757  C CG  . LYS A 1 122 ? -17.104 3.887   -7.809  1.00 18.32 ? 103  LYS A CG  1 
ATOM   758  C CD  . LYS A 1 122 ? -18.108 4.919   -8.222  1.00 23.48 ? 103  LYS A CD  1 
ATOM   759  C CE  . LYS A 1 122 ? -17.707 5.600   -9.533  1.00 26.10 ? 103  LYS A CE  1 
ATOM   760  N NZ  . LYS A 1 122 ? -18.859 6.332   -10.127 1.00 25.28 ? 103  LYS A NZ  1 
ATOM   761  N N   . HIS A 1 123 ? -12.609 4.552   -7.574  1.00 14.05 ? 104  HIS A N   1 
ATOM   762  C CA  . HIS A 1 123 ? -11.421 5.415   -7.484  1.00 13.23 ? 104  HIS A CA  1 
ATOM   763  C C   . HIS A 1 123 ? -11.769 6.895   -7.741  1.00 16.77 ? 104  HIS A C   1 
ATOM   764  O O   . HIS A 1 123 ? -11.268 7.532   -8.688  1.00 19.93 ? 104  HIS A O   1 
ATOM   765  C CB  . HIS A 1 123 ? -10.378 4.966   -8.500  1.00 15.82 ? 104  HIS A CB  1 
ATOM   766  C CG  . HIS A 1 123 ? -9.731  3.643   -8.205  1.00 14.44 ? 104  HIS A CG  1 
ATOM   767  N ND1 . HIS A 1 123 ? -10.248 2.446   -8.662  1.00 15.24 ? 104  HIS A ND1 1 
ATOM   768  C CD2 . HIS A 1 123 ? -8.558  3.335   -7.599  1.00 13.17 ? 104  HIS A CD2 1 
ATOM   769  C CE1 . HIS A 1 123 ? -9.471  1.457   -8.274  1.00 12.03 ? 104  HIS A CE1 1 
ATOM   770  N NE2 . HIS A 1 123 ? -8.423  1.967   -7.653  1.00 13.71 ? 104  HIS A NE2 1 
ATOM   771  N N   . ASN A 1 124 ? -12.615 7.454   -6.893  1.00 14.22 ? 105  ASN A N   1 
ATOM   772  C CA  . ASN A 1 124 ? -13.213 8.747   -7.169  1.00 15.08 ? 105  ASN A CA  1 
ATOM   773  C C   . ASN A 1 124 ? -12.636 9.933   -6.365  1.00 19.26 ? 105  ASN A C   1 
ATOM   774  O O   . ASN A 1 124 ? -13.075 11.074  -6.559  1.00 20.64 ? 105  ASN A O   1 
ATOM   775  C CB  . ASN A 1 124 ? -14.766 8.652   -7.031  1.00 16.30 ? 105  ASN A CB  1 
ATOM   776  C CG  . ASN A 1 124 ? -15.226 8.321   -5.608  1.00 15.19 ? 105  ASN A CG  1 
ATOM   777  O OD1 . ASN A 1 124 ? -14.417 8.224   -4.681  1.00 12.49 ? 105  ASN A OD1 1 
ATOM   778  N ND2 . ASN A 1 124 ? -16.531 8.156   -5.439  1.00 19.98 ? 105  ASN A ND2 1 
ATOM   779  N N   . ALA A 1 125 ? -11.642 9.675   -5.508  1.00 18.14 ? 106  ALA A N   1 
ATOM   780  C CA  . ALA A 1 125 ? -11.052 10.703  -4.664  1.00 15.74 ? 106  ALA A CA  1 
ATOM   781  C C   . ALA A 1 125 ? -9.557  10.414  -4.460  1.00 12.25 ? 106  ALA A C   1 
ATOM   782  O O   . ALA A 1 125 ? -9.103  9.308   -4.700  1.00 14.96 ? 106  ALA A O   1 
ATOM   783  C CB  . ALA A 1 125 ? -11.790 10.741  -3.273  1.00 17.67 ? 106  ALA A CB  1 
ATOM   784  N N   . ALA A 1 126 ? -8.822  11.410  -3.966  1.00 15.21 ? 107  ALA A N   1 
ATOM   785  C CA  . ALA A 1 126 ? -7.534  11.179  -3.315  1.00 15.80 ? 107  ALA A CA  1 
ATOM   786  C C   . ALA A 1 126 ? -7.728  10.381  -2.033  1.00 14.88 ? 107  ALA A C   1 
ATOM   787  O O   . ALA A 1 126 ? -8.806  10.402  -1.410  1.00 18.29 ? 107  ALA A O   1 
ATOM   788  C CB  . ALA A 1 126 ? -6.850  12.517  -2.970  1.00 11.39 ? 107  ALA A CB  1 
ATOM   789  N N   . PHE A 1 127 ? -6.639  9.744   -1.627  1.00 13.95 ? 108  PHE A N   1 
ATOM   790  C CA  . PHE A 1 127 ? -6.463  9.167   -0.309  1.00 14.37 ? 108  PHE A CA  1 
ATOM   791  C C   . PHE A 1 127 ? -7.200  7.851   -0.156  1.00 13.15 ? 108  PHE A C   1 
ATOM   792  O O   . PHE A 1 127 ? -7.395  7.387   0.955   1.00 13.97 ? 108  PHE A O   1 
ATOM   793  C CB  . PHE A 1 127 ? -6.869  10.160  0.799   1.00 15.86 ? 108  PHE A CB  1 
ATOM   794  C CG  . PHE A 1 127 ? -6.116  11.469  0.761   1.00 15.24 ? 108  PHE A CG  1 
ATOM   795  C CD1 . PHE A 1 127 ? -4.687  11.520  0.850   1.00 12.00 ? 108  PHE A CD1 1 
ATOM   796  C CD2 . PHE A 1 127 ? -6.832  12.684  0.695   1.00 13.87 ? 108  PHE A CD2 1 
ATOM   797  C CE1 . PHE A 1 127 ? -4.026  12.740  0.814   1.00 17.18 ? 108  PHE A CE1 1 
ATOM   798  C CE2 . PHE A 1 127 ? -6.143  13.913  0.673   1.00 15.72 ? 108  PHE A CE2 1 
ATOM   799  C CZ  . PHE A 1 127 ? -4.758  13.938  0.700   1.00 16.27 ? 108  PHE A CZ  1 
ATOM   800  N N   . LEU A 1 128 ? -7.582  7.263   -1.300  1.00 11.80 ? 109  LEU A N   1 
ATOM   801  C CA  . LEU A 1 128 ? -8.066  5.886   -1.377  1.00 13.17 ? 109  LEU A CA  1 
ATOM   802  C C   . LEU A 1 128 ? -6.902  4.889   -1.487  1.00 13.59 ? 109  LEU A C   1 
ATOM   803  O O   . LEU A 1 128 ? -5.947  5.100   -2.234  1.00 15.44 ? 109  LEU A O   1 
ATOM   804  C CB  . LEU A 1 128 ? -9.082  5.725   -2.518  1.00 15.17 ? 109  LEU A CB  1 
ATOM   805  C CG  . LEU A 1 128 ? -10.377 6.539   -2.322  1.00 14.33 ? 109  LEU A CG  1 
ATOM   806  C CD1 . LEU A 1 128 ? -11.183 6.424   -3.602  1.00 16.72 ? 109  LEU A CD1 1 
ATOM   807  C CD2 . LEU A 1 128 ? -11.222 6.124   -1.136  1.00 11.33 ? 109  LEU A CD2 1 
ATOM   808  N N   . LEU A 1 129 ? -7.006  3.819   -0.691  1.00 9.30  ? 110  LEU A N   1 
ATOM   809  C CA  . LEU A 1 129 ? -6.060  2.689   -0.676  1.00 11.28 ? 110  LEU A CA  1 
ATOM   810  C C   . LEU A 1 129 ? -6.503  1.531   -1.567  1.00 11.15 ? 110  LEU A C   1 
ATOM   811  O O   . LEU A 1 129 ? -7.566  0.936   -1.370  1.00 15.18 ? 110  LEU A O   1 
ATOM   812  C CB  . LEU A 1 129 ? -5.877  2.200   0.754   1.00 13.45 ? 110  LEU A CB  1 
ATOM   813  C CG  . LEU A 1 129 ? -4.810  1.166   0.999   1.00 10.63 ? 110  LEU A CG  1 
ATOM   814  C CD1 . LEU A 1 129 ? -3.427  1.715   0.718   1.00 6.01  ? 110  LEU A CD1 1 
ATOM   815  C CD2 . LEU A 1 129 ? -4.960  0.630   2.479   1.00 13.33 ? 110  LEU A CD2 1 
ATOM   816  N N   . SER A 1 130 ? -5.649  1.184   -2.531  1.00 14.08 ? 111  SER A N   1 
ATOM   817  C CA  . SER A 1 130 ? -5.993  0.236   -3.555  1.00 12.50 ? 111  SER A CA  1 
ATOM   818  C C   . SER A 1 130 ? -4.814  -0.688  -3.925  1.00 14.80 ? 111  SER A C   1 
ATOM   819  O O   . SER A 1 130 ? -3.638  -0.356  -3.712  1.00 11.22 ? 111  SER A O   1 
ATOM   820  C CB  . SER A 1 130 ? -6.455  1.017   -4.775  1.00 12.00 ? 111  SER A CB  1 
ATOM   821  O OG  . SER A 1 130 ? -7.005  0.170   -5.774  1.00 12.96 ? 111  SER A OG  1 
ATOM   822  N N   . MET A 1 131 ? -5.141  -1.842  -4.485  1.00 15.35 ? 112  MET A N   1 
ATOM   823  C CA  . MET A 1 131 ? -4.119  -2.848  -4.769  1.00 12.98 ? 112  MET A CA  1 
ATOM   824  C C   . MET A 1 131 ? -3.477  -2.529  -6.105  1.00 8.51  ? 112  MET A C   1 
ATOM   825  O O   . MET A 1 131 ? -4.171  -2.410  -7.137  1.00 11.62 ? 112  MET A O   1 
ATOM   826  C CB  . MET A 1 131 ? -4.713  -4.259  -4.750  1.00 10.59 ? 112  MET A CB  1 
ATOM   827  C CG  . MET A 1 131 ? -5.028  -4.825  -3.318  1.00 16.15 ? 112  MET A CG  1 
ATOM   828  S SD  . MET A 1 131 ? -3.609  -4.764  -2.193  1.00 15.06 ? 112  MET A SD  1 
ATOM   829  C CE  . MET A 1 131 ? -2.741  -6.245  -2.686  1.00 18.91 ? 112  MET A CE  1 
ATOM   830  N N   . ALA A 1 132 ? -2.155  -2.413  -6.093  1.00 9.64  ? 113  ALA A N   1 
ATOM   831  C CA  . ALA A 1 132 ? -1.378  -2.438  -7.315  1.00 8.77  ? 113  ALA A CA  1 
ATOM   832  C C   . ALA A 1 132 ? -1.349  -3.887  -7.773  1.00 14.49 ? 113  ALA A C   1 
ATOM   833  O O   . ALA A 1 132 ? -1.514  -4.808  -6.955  1.00 13.67 ? 113  ALA A O   1 
ATOM   834  C CB  . ALA A 1 132 ? 0.038   -1.885  -7.085  1.00 8.55  ? 113  ALA A CB  1 
ATOM   835  N N   . ASN A 1 133 ? -1.229  -4.108  -9.073  1.00 12.61 ? 114  ASN A N   1 
ATOM   836  C CA  . ASN A 1 133 ? -1.104  -5.497  -9.584  1.00 12.97 ? 114  ASN A CA  1 
ATOM   837  C C   . ASN A 1 133 ? -0.356  -5.582  -10.903 1.00 11.48 ? 114  ASN A C   1 
ATOM   838  O O   . ASN A 1 133 ? 0.097   -4.556  -11.426 1.00 17.97 ? 114  ASN A O   1 
ATOM   839  C CB  . ASN A 1 133 ? -2.478  -6.171  -9.679  1.00 9.47  ? 114  ASN A CB  1 
ATOM   840  C CG  . ASN A 1 133 ? -3.428  -5.435  -10.562 1.00 14.98 ? 114  ASN A CG  1 
ATOM   841  O OD1 . ASN A 1 133 ? -3.171  -5.278  -11.761 1.00 17.64 ? 114  ASN A OD1 1 
ATOM   842  N ND2 . ASN A 1 133 ? -4.562  -5.004  -10.000 1.00 20.72 ? 114  ASN A ND2 1 
ATOM   843  N N   . ARG A 1 134 ? -0.227  -6.800  -11.420 1.00 14.39 ? 115  ARG A N   1 
ATOM   844  C CA  . ARG A 1 134 ? 0.414   -7.054  -12.727 1.00 21.22 ? 115  ARG A CA  1 
ATOM   845  C C   . ARG A 1 134 ? -0.620  -7.595  -13.732 1.00 20.03 ? 115  ARG A C   1 
ATOM   846  O O   . ARG A 1 134 ? -0.271  -8.491  -14.521 1.00 17.88 ? 115  ARG A O   1 
ATOM   847  C CB  . ARG A 1 134 ? 1.527   -8.104  -12.616 1.00 26.57 ? 115  ARG A CB  1 
ATOM   848  C CG  . ARG A 1 134 ? 2.670   -7.816  -11.711 1.00 30.80 ? 115  ARG A CG  1 
ATOM   849  C CD  . ARG A 1 134 ? 3.407   -9.142  -11.356 1.00 34.67 ? 115  ARG A CD  1 
ATOM   850  N NE  . ARG A 1 134 ? 4.570   -8.919  -10.484 1.00 37.12 ? 115  ARG A NE  1 
ATOM   851  C CZ  . ARG A 1 134 ? 4.500   -8.518  -9.212  1.00 39.51 ? 115  ARG A CZ  1 
ATOM   852  N NH1 . ARG A 1 134 ? 3.339   -8.292  -8.625  1.00 42.19 ? 115  ARG A NH1 1 
ATOM   853  N NH2 . ARG A 1 134 ? 5.600   -8.346  -8.516  1.00 41.21 ? 115  ARG A NH2 1 
ATOM   854  N N   . GLY A 1 135 ? -1.850  -7.057  -13.686 1.00 18.80 ? 116  GLY A N   1 
ATOM   855  C CA  . GLY A 1 135 ? -3.003  -7.524  -14.455 1.00 20.71 ? 116  GLY A CA  1 
ATOM   856  C C   . GLY A 1 135 ? -4.038  -8.264  -13.595 1.00 20.87 ? 116  GLY A C   1 
ATOM   857  O O   . GLY A 1 135 ? -3.948  -8.284  -12.361 1.00 18.39 ? 116  GLY A O   1 
ATOM   858  N N   . LYS A 1 136 ? -5.003  -8.901  -14.267 1.00 22.64 ? 117  LYS A N   1 
ATOM   859  C CA  . LYS A 1 136 ? -6.109  -9.635  -13.610 1.00 18.91 ? 117  LYS A CA  1 
ATOM   860  C C   . LYS A 1 136 ? -5.611  -10.674 -12.591 1.00 17.56 ? 117  LYS A C   1 
ATOM   861  O O   . LYS A 1 136 ? -4.720  -11.458 -12.899 1.00 18.38 ? 117  LYS A O   1 
ATOM   862  C CB  . LYS A 1 136 ? -6.980  -10.330 -14.671 1.00 23.95 ? 117  LYS A CB  1 
ATOM   863  C CG  . LYS A 1 136 ? -8.438  -10.600 -14.251 1.00 24.83 ? 117  LYS A CG  1 
ATOM   864  C CD  . LYS A 1 136 ? -9.142  -11.584 -15.218 1.00 25.21 ? 117  LYS A CD  1 
ATOM   865  C CE  . LYS A 1 136 ? -10.495 -12.112 -14.701 1.00 25.08 ? 117  LYS A CE  1 
ATOM   866  N NZ  . LYS A 1 136 ? -10.529 -12.402 -13.222 1.00 26.51 ? 117  LYS A NZ  1 
ATOM   867  N N   . ASP A 1 137 ? -6.164  -10.617 -11.376 1.00 13.69 ? 118  ASP A N   1 
ATOM   868  C CA  . ASP A 1 137 ? -5.989  -11.630 -10.304 1.00 14.35 ? 118  ASP A CA  1 
ATOM   869  C C   . ASP A 1 137 ? -4.504  -11.867 -9.914  1.00 13.40 ? 118  ASP A C   1 
ATOM   870  O O   . ASP A 1 137 ? -4.069  -13.011 -9.695  1.00 12.03 ? 118  ASP A O   1 
ATOM   871  C CB  . ASP A 1 137 ? -6.651  -12.964 -10.674 1.00 15.19 ? 118  ASP A CB  1 
ATOM   872  C CG  . ASP A 1 137 ? -8.173  -12.861 -10.904 1.00 18.06 ? 118  ASP A CG  1 
ATOM   873  O OD1 . ASP A 1 137 ? -8.849  -11.990 -10.321 1.00 17.42 ? 118  ASP A OD1 1 
ATOM   874  O OD2 . ASP A 1 137 ? -8.694  -13.692 -11.671 1.00 19.01 ? 118  ASP A OD2 1 
ATOM   875  N N   . THR A 1 138 ? -3.761  -10.770 -9.822  1.00 10.53 ? 119  THR A N   1 
ATOM   876  C CA  . THR A 1 138 ? -2.344  -10.776 -9.426  1.00 11.54 ? 119  THR A CA  1 
ATOM   877  C C   . THR A 1 138 ? -2.120  -9.858  -8.164  1.00 11.22 ? 119  THR A C   1 
ATOM   878  O O   . THR A 1 138 ? -1.100  -9.192  -8.054  1.00 12.65 ? 119  THR A O   1 
ATOM   879  C CB  . THR A 1 138 ? -1.424  -10.398 -10.641 1.00 14.57 ? 119  THR A CB  1 
ATOM   880  O OG1 . THR A 1 138 ? -1.695  -9.062  -11.062 1.00 16.93 ? 119  THR A OG1 1 
ATOM   881  C CG2 . THR A 1 138 ? -1.657  -11.322 -11.821 1.00 14.65 ? 119  THR A CG2 1 
ATOM   882  N N   . ASN A 1 139 ? -3.079  -9.842  -7.232  1.00 9.10  ? 120  ASN A N   1 
ATOM   883  C CA  . ASN A 1 139 ? -2.931  -9.137  -5.937  1.00 11.68 ? 120  ASN A CA  1 
ATOM   884  C C   . ASN A 1 139 ? -1.885  -9.812  -5.016  1.00 15.15 ? 120  ASN A C   1 
ATOM   885  O O   . ASN A 1 139 ? -2.004  -10.997 -4.666  1.00 14.05 ? 120  ASN A O   1 
ATOM   886  C CB  . ASN A 1 139 ? -4.265  -8.986  -5.197  1.00 12.90 ? 120  ASN A CB  1 
ATOM   887  C CG  . ASN A 1 139 ? -5.324  -8.230  -6.021  1.00 13.37 ? 120  ASN A CG  1 
ATOM   888  O OD1 . ASN A 1 139 ? -5.251  -7.021  -6.192  1.00 14.50 ? 120  ASN A OD1 1 
ATOM   889  N ND2 . ASN A 1 139 ? -6.290  -8.963  -6.555  1.00 12.51 ? 120  ASN A ND2 1 
ATOM   890  N N   . GLY A 1 140 ? -0.885  -9.040  -4.610  1.00 12.11 ? 121  GLY A N   1 
ATOM   891  C CA  . GLY A 1 140 ? 0.225   -9.518  -3.798  1.00 12.88 ? 121  GLY A CA  1 
ATOM   892  C C   . GLY A 1 140 ? 0.352   -8.810  -2.453  1.00 16.89 ? 121  GLY A C   1 
ATOM   893  O O   . GLY A 1 140 ? -0.501  -8.976  -1.589  1.00 16.71 ? 121  GLY A O   1 
ATOM   894  N N   . SER A 1 141 ? 1.436   -8.038  -2.270  1.00 16.98 ? 122  SER A N   1 
ATOM   895  C CA  . SER A 1 141 ? 1.593   -7.135  -1.110  1.00 16.20 ? 122  SER A CA  1 
ATOM   896  C C   . SER A 1 141 ? 1.586   -5.660  -1.547  1.00 16.76 ? 122  SER A C   1 
ATOM   897  O O   . SER A 1 141 ? 1.491   -4.773  -0.735  1.00 13.67 ? 122  SER A O   1 
ATOM   898  C CB  . SER A 1 141 ? 2.897   -7.437  -0.346  1.00 13.01 ? 122  SER A CB  1 
ATOM   899  O OG  . SER A 1 141 ? 4.043   -7.509  -1.203  1.00 9.59  ? 122  SER A OG  1 
ATOM   900  N N   . GLN A 1 142 ? 1.668   -5.392  -2.845  1.00 14.19 ? 123  GLN A N   1 
ATOM   901  C CA  . GLN A 1 142 ? 1.797   -4.034  -3.280  1.00 11.87 ? 123  GLN A CA  1 
ATOM   902  C C   . GLN A 1 142 ? 0.482   -3.251  -3.349  1.00 14.04 ? 123  GLN A C   1 
ATOM   903  O O   . GLN A 1 142 ? -0.565  -3.761  -3.783  1.00 15.39 ? 123  GLN A O   1 
ATOM   904  C CB  . GLN A 1 142 ? 2.556   -3.970  -4.582  1.00 12.45 ? 123  GLN A CB  1 
ATOM   905  C CG  . GLN A 1 142 ? 4.014   -4.342  -4.462  1.00 17.77 ? 123  GLN A CG  1 
ATOM   906  C CD  . GLN A 1 142 ? 4.686   -4.243  -5.783  1.00 16.49 ? 123  GLN A CD  1 
ATOM   907  O OE1 . GLN A 1 142 ? 4.773   -3.157  -6.354  1.00 12.02 ? 123  GLN A OE1 1 
ATOM   908  N NE2 . GLN A 1 142 ? 5.130   -5.380  -6.310  1.00 22.03 ? 123  GLN A NE2 1 
ATOM   909  N N   . PHE A 1 143 ? 0.566   -1.994  -2.908  1.00 14.75 ? 124  PHE A N   1 
ATOM   910  C CA  . PHE A 1 143 ? -0.575  -1.093  -2.762  1.00 12.02 ? 124  PHE A CA  1 
ATOM   911  C C   . PHE A 1 143 ? -0.235  0.297   -3.262  1.00 13.67 ? 124  PHE A C   1 
ATOM   912  O O   . PHE A 1 143 ? 0.955   0.674   -3.371  1.00 12.14 ? 124  PHE A O   1 
ATOM   913  C CB  . PHE A 1 143 ? -0.979  -0.982  -1.296  1.00 14.06 ? 124  PHE A CB  1 
ATOM   914  C CG  . PHE A 1 143 ? 0.087   -0.377  -0.435  1.00 13.98 ? 124  PHE A CG  1 
ATOM   915  C CD1 . PHE A 1 143 ? 0.166   0.985   -0.272  1.00 14.06 ? 124  PHE A CD1 1 
ATOM   916  C CD2 . PHE A 1 143 ? 1.092   -1.180  0.136   1.00 11.26 ? 124  PHE A CD2 1 
ATOM   917  C CE1 . PHE A 1 143 ? 1.162   1.559   0.492   1.00 16.41 ? 124  PHE A CE1 1 
ATOM   918  C CE2 . PHE A 1 143 ? 2.084   -0.610  0.904   1.00 12.97 ? 124  PHE A CE2 1 
ATOM   919  C CZ  . PHE A 1 143 ? 2.125   0.755   1.091   1.00 13.15 ? 124  PHE A CZ  1 
ATOM   920  N N   . PHE A 1 144 ? -1.283  1.073   -3.552  1.00 10.48 ? 125  PHE A N   1 
ATOM   921  C CA  . PHE A 1 144 ? -1.110  2.466   -3.854  1.00 11.98 ? 125  PHE A CA  1 
ATOM   922  C C   . PHE A 1 144 ? -2.204  3.359   -3.171  1.00 13.35 ? 125  PHE A C   1 
ATOM   923  O O   . PHE A 1 144 ? -3.329  2.900   -2.869  1.00 12.72 ? 125  PHE A O   1 
ATOM   924  C CB  . PHE A 1 144 ? -0.988  2.681   -5.359  1.00 12.79 ? 125  PHE A CB  1 
ATOM   925  C CG  . PHE A 1 144 ? -2.248  2.404   -6.125  1.00 11.89 ? 125  PHE A CG  1 
ATOM   926  C CD1 . PHE A 1 144 ? -3.101  3.459   -6.488  1.00 16.05 ? 125  PHE A CD1 1 
ATOM   927  C CD2 . PHE A 1 144 ? -2.580  1.113   -6.484  1.00 14.86 ? 125  PHE A CD2 1 
ATOM   928  C CE1 . PHE A 1 144 ? -4.310  3.210   -7.216  1.00 13.75 ? 125  PHE A CE1 1 
ATOM   929  C CE2 . PHE A 1 144 ? -3.767  0.848   -7.208  1.00 17.21 ? 125  PHE A CE2 1 
ATOM   930  C CZ  . PHE A 1 144 ? -4.630  1.909   -7.579  1.00 13.77 ? 125  PHE A CZ  1 
ATOM   931  N N   . ILE A 1 145 ? -1.825  4.610   -2.889  1.00 12.26 ? 126  ILE A N   1 
ATOM   932  C CA  . ILE A 1 145 ? -2.694  5.590   -2.281  1.00 9.17  ? 126  ILE A CA  1 
ATOM   933  C C   . ILE A 1 145 ? -2.919  6.594   -3.383  1.00 12.22 ? 126  ILE A C   1 
ATOM   934  O O   . ILE A 1 145 ? -1.965  7.254   -3.826  1.00 12.28 ? 126  ILE A O   1 
ATOM   935  C CB  . ILE A 1 145 ? -2.061  6.283   -1.025  1.00 12.92 ? 126  ILE A CB  1 
ATOM   936  C CG1 . ILE A 1 145 ? -1.773  5.277   0.119   1.00 9.07  ? 126  ILE A CG1 1 
ATOM   937  C CG2 . ILE A 1 145 ? -2.987  7.370   -0.453  1.00 8.19  ? 126  ILE A CG2 1 
ATOM   938  C CD1 . ILE A 1 145 ? -0.664  5.779   1.079   1.00 7.82  ? 126  ILE A CD1 1 
ATOM   939  N N   . THR A 1 146 ? -4.149  6.680   -3.874  1.00 14.15 ? 127  THR A N   1 
ATOM   940  C CA  . THR A 1 146 ? -4.485  7.706   -4.896  1.00 10.78 ? 127  THR A CA  1 
ATOM   941  C C   . THR A 1 146 ? -4.207  9.113   -4.379  1.00 13.38 ? 127  THR A C   1 
ATOM   942  O O   . THR A 1 146 ? -4.354  9.348   -3.203  1.00 8.49  ? 127  THR A O   1 
ATOM   943  C CB  . THR A 1 146 ? -5.977  7.630   -5.330  1.00 15.33 ? 127  THR A CB  1 
ATOM   944  O OG1 . THR A 1 146 ? -6.836  7.999   -4.247  1.00 12.14 ? 127  THR A OG1 1 
ATOM   945  C CG2 . THR A 1 146 ? -6.333  6.223   -5.860  1.00 9.49  ? 127  THR A CG2 1 
ATOM   946  N N   . THR A 1 147 ? -3.830  10.055  -5.264  1.00 11.82 ? 128  THR A N   1 
ATOM   947  C CA  . THR A 1 147 ? -3.707  11.474  -4.898  1.00 13.05 ? 128  THR A CA  1 
ATOM   948  C C   . THR A 1 147 ? -4.598  12.461  -5.664  1.00 13.70 ? 128  THR A C   1 
ATOM   949  O O   . THR A 1 147 ? -4.530  13.683  -5.409  1.00 13.82 ? 128  THR A O   1 
ATOM   950  C CB  . THR A 1 147 ? -2.247  11.975  -5.000  1.00 13.56 ? 128  THR A CB  1 
ATOM   951  O OG1 . THR A 1 147 ? -1.752  11.792  -6.339  1.00 8.68  ? 128  THR A OG1 1 
ATOM   952  C CG2 . THR A 1 147 ? -1.368  11.269  -3.980  1.00 9.59  ? 128  THR A CG2 1 
ATOM   953  N N   . LYS A 1 148 ? -5.383  11.931  -6.590  1.00 10.01 ? 129  LYS A N   1 
ATOM   954  C CA  . LYS A 1 148 ? -6.507  12.612  -7.265  1.00 15.69 ? 129  LYS A CA  1 
ATOM   955  C C   . LYS A 1 148 ? -7.564  11.553  -7.566  1.00 18.85 ? 129  LYS A C   1 
ATOM   956  O O   . LYS A 1 148 ? -7.343  10.375  -7.286  1.00 19.02 ? 129  LYS A O   1 
ATOM   957  C CB  . LYS A 1 148 ? -6.058  13.256  -8.590  1.00 16.21 ? 129  LYS A CB  1 
ATOM   958  C CG  . LYS A 1 148 ? -5.113  14.422  -8.424  1.00 17.54 ? 129  LYS A CG  1 
ATOM   959  C CD  . LYS A 1 148 ? -5.829  15.599  -7.788  1.00 24.09 ? 129  LYS A CD  1 
ATOM   960  C CE  . LYS A 1 148 ? -4.947  16.831  -7.704  1.00 24.56 ? 129  LYS A CE  1 
ATOM   961  N NZ  . LYS A 1 148 ? -5.082  17.414  -6.352  1.00 26.13 ? 129  LYS A NZ  1 
ATOM   962  N N   . PRO A 1 149 ? -8.731  11.974  -8.102  1.00 19.95 ? 130  PRO A N   1 
ATOM   963  C CA  . PRO A 1 149 ? -9.642  10.978  -8.658  1.00 16.83 ? 130  PRO A CA  1 
ATOM   964  C C   . PRO A 1 149 ? -8.991  10.272  -9.846  1.00 15.37 ? 130  PRO A C   1 
ATOM   965  O O   . PRO A 1 149 ? -8.453  10.919  -10.720 1.00 18.07 ? 130  PRO A O   1 
ATOM   966  C CB  . PRO A 1 149 ? -10.860 11.799  -9.067  1.00 18.26 ? 130  PRO A CB  1 
ATOM   967  C CG  . PRO A 1 149 ? -10.786 13.055  -8.270  1.00 18.42 ? 130  PRO A CG  1 
ATOM   968  C CD  . PRO A 1 149 ? -9.301  13.332  -8.191  1.00 20.25 ? 130  PRO A CD  1 
ATOM   969  N N   . THR A 1 150 ? -9.014  8.949   -9.820  1.00 14.02 ? 131  THR A N   1 
ATOM   970  C CA  . THR A 1 150 ? -8.425  8.097   -10.852 1.00 17.19 ? 131  THR A CA  1 
ATOM   971  C C   . THR A 1 150 ? -9.461  7.068   -11.316 1.00 13.59 ? 131  THR A C   1 
ATOM   972  O O   . THR A 1 150 ? -9.278  5.865   -11.095 1.00 14.03 ? 131  THR A O   1 
ATOM   973  C CB  . THR A 1 150 ? -7.149  7.361   -10.318 1.00 18.88 ? 131  THR A CB  1 
ATOM   974  O OG1 . THR A 1 150 ? -7.486  6.475   -9.225  1.00 15.69 ? 131  THR A OG1 1 
ATOM   975  C CG2 . THR A 1 150 ? -6.108  8.357   -9.861  1.00 20.61 ? 131  THR A CG2 1 
ATOM   976  N N   . PRO A 1 151 ? -10.546 7.534   -11.975 1.00 17.70 ? 132  PRO A N   1 
ATOM   977  C CA  . PRO A 1 151 ? -11.650 6.621   -12.263 1.00 18.49 ? 132  PRO A CA  1 
ATOM   978  C C   . PRO A 1 151 ? -11.273 5.574   -13.296 1.00 17.77 ? 132  PRO A C   1 
ATOM   979  O O   . PRO A 1 151 ? -11.904 4.527   -13.376 1.00 15.48 ? 132  PRO A O   1 
ATOM   980  C CB  . PRO A 1 151 ? -12.787 7.547   -12.718 1.00 20.47 ? 132  PRO A CB  1 
ATOM   981  C CG  . PRO A 1 151 ? -12.113 8.829   -13.182 1.00 21.51 ? 132  PRO A CG  1 
ATOM   982  C CD  . PRO A 1 151 ? -10.757 8.886   -12.536 1.00 19.77 ? 132  PRO A CD  1 
ATOM   983  N N   . HIS A 1 152 ? -10.232 5.831   -14.081 1.00 11.73 ? 133  HIS A N   1 
ATOM   984  C CA  . HIS A 1 152 ? -9.836  4.836   -15.073 1.00 17.93 ? 133  HIS A CA  1 
ATOM   985  C C   . HIS A 1 152 ? -9.270  3.537   -14.419 1.00 15.47 ? 133  HIS A C   1 
ATOM   986  O O   . HIS A 1 152 ? -9.158  2.527   -15.071 1.00 14.69 ? 133  HIS A O   1 
ATOM   987  C CB  . HIS A 1 152 ? -8.838  5.445   -16.061 1.00 18.12 ? 133  HIS A CB  1 
ATOM   988  C CG  . HIS A 1 152 ? -7.479  5.696   -15.481 1.00 20.42 ? 133  HIS A CG  1 
ATOM   989  N ND1 . HIS A 1 152 ? -7.210  6.757   -14.640 1.00 18.52 ? 133  HIS A ND1 1 
ATOM   990  C CD2 . HIS A 1 152 ? -6.312  5.024   -15.638 1.00 17.01 ? 133  HIS A CD2 1 
ATOM   991  C CE1 . HIS A 1 152 ? -5.935  6.723   -14.299 1.00 22.00 ? 133  HIS A CE1 1 
ATOM   992  N NE2 . HIS A 1 152 ? -5.368  5.684   -14.892 1.00 17.88 ? 133  HIS A NE2 1 
ATOM   993  N N   . LEU A 1 153 ? -8.950  3.573   -13.130 1.00 14.70 ? 134  LEU A N   1 
ATOM   994  C CA  . LEU A 1 153 ? -8.475  2.374   -12.459 1.00 15.80 ? 134  LEU A CA  1 
ATOM   995  C C   . LEU A 1 153 ? -9.606  1.469   -11.981 1.00 14.57 ? 134  LEU A C   1 
ATOM   996  O O   . LEU A 1 153 ? -9.349  0.382   -11.495 1.00 13.69 ? 134  LEU A O   1 
ATOM   997  C CB  . LEU A 1 153 ? -7.537  2.735   -11.309 1.00 17.24 ? 134  LEU A CB  1 
ATOM   998  C CG  . LEU A 1 153 ? -6.335  3.616   -11.703 1.00 21.04 ? 134  LEU A CG  1 
ATOM   999  C CD1 . LEU A 1 153 ? -5.458  3.895   -10.489 1.00 23.81 ? 134  LEU A CD1 1 
ATOM   1000 C CD2 . LEU A 1 153 ? -5.552  2.953   -12.833 1.00 15.66 ? 134  LEU A CD2 1 
ATOM   1001 N N   . ASP A 1 154 ? -10.851 1.934   -12.065 1.00 14.67 ? 135  ASP A N   1 
ATOM   1002 C CA  . ASP A 1 154 ? -11.996 1.095   -11.659 1.00 14.00 ? 135  ASP A CA  1 
ATOM   1003 C C   . ASP A 1 154 ? -12.057 -0.188  -12.554 1.00 11.81 ? 135  ASP A C   1 
ATOM   1004 O O   . ASP A 1 154 ? -11.871 -0.131  -13.781 1.00 12.64 ? 135  ASP A O   1 
ATOM   1005 C CB  . ASP A 1 154 ? -13.296 1.904   -11.761 1.00 13.51 ? 135  ASP A CB  1 
ATOM   1006 C CG  . ASP A 1 154 ? -13.406 3.026   -10.740 1.00 15.68 ? 135  ASP A CG  1 
ATOM   1007 O OD1 . ASP A 1 154 ? -12.692 3.029   -9.721  1.00 16.40 ? 135  ASP A OD1 1 
ATOM   1008 O OD2 . ASP A 1 154 ? -14.259 3.920   -10.945 1.00 20.77 ? 135  ASP A OD2 1 
ATOM   1009 N N   . GLY A 1 155 ? -12.278 -1.339  -11.919 1.00 16.48 ? 136  GLY A N   1 
ATOM   1010 C CA  . GLY A 1 155 ? -12.295 -2.649  -12.562 1.00 16.11 ? 136  GLY A CA  1 
ATOM   1011 C C   . GLY A 1 155 ? -10.929 -3.257  -12.796 1.00 14.98 ? 136  GLY A C   1 
ATOM   1012 O O   . GLY A 1 155 ? -10.798 -4.422  -13.198 1.00 15.73 ? 136  GLY A O   1 
ATOM   1013 N N   . HIS A 1 156 ? -9.886  -2.481  -12.562 1.00 15.90 ? 137  HIS A N   1 
ATOM   1014 C CA  . HIS A 1 156 ? -8.525  -2.993  -12.766 1.00 16.77 ? 137  HIS A CA  1 
ATOM   1015 C C   . HIS A 1 156 ? -7.788  -3.144  -11.444 1.00 15.37 ? 137  HIS A C   1 
ATOM   1016 O O   . HIS A 1 156 ? -6.852  -3.961  -11.329 1.00 16.81 ? 137  HIS A O   1 
ATOM   1017 C CB  . HIS A 1 156 ? -7.744  -2.049  -13.674 1.00 18.49 ? 137  HIS A CB  1 
ATOM   1018 C CG  . HIS A 1 156 ? -8.337  -1.888  -15.027 1.00 16.39 ? 137  HIS A CG  1 
ATOM   1019 N ND1 . HIS A 1 156 ? -8.046  -2.743  -16.065 1.00 19.71 ? 137  HIS A ND1 1 
ATOM   1020 C CD2 . HIS A 1 156 ? -9.189  -0.962  -15.528 1.00 15.46 ? 137  HIS A CD2 1 
ATOM   1021 C CE1 . HIS A 1 156 ? -8.702  -2.359  -17.144 1.00 17.00 ? 137  HIS A CE1 1 
ATOM   1022 N NE2 . HIS A 1 156 ? -9.396  -1.279  -16.846 1.00 18.95 ? 137  HIS A NE2 1 
ATOM   1023 N N   . HIS A 1 157 ? -8.159  -2.323  -10.467 1.00 19.37 ? 138  HIS A N   1 
ATOM   1024 C CA  . HIS A 1 157 ? -7.564  -2.383  -9.135  1.00 11.59 ? 138  HIS A CA  1 
ATOM   1025 C C   . HIS A 1 157 ? -8.654  -2.339  -8.075  1.00 12.42 ? 138  HIS A C   1 
ATOM   1026 O O   . HIS A 1 157 ? -9.606  -1.569  -8.171  1.00 15.68 ? 138  HIS A O   1 
ATOM   1027 C CB  . HIS A 1 157 ? -6.588  -1.214  -8.942  1.00 16.00 ? 138  HIS A CB  1 
ATOM   1028 C CG  . HIS A 1 157 ? -5.515  -1.158  -9.988  1.00 12.40 ? 138  HIS A CG  1 
ATOM   1029 N ND1 . HIS A 1 157 ? -4.314  -1.799  -9.839  1.00 10.85 ? 138  HIS A ND1 1 
ATOM   1030 C CD2 . HIS A 1 157 ? -5.473  -0.566  -11.206 1.00 13.05 ? 138  HIS A CD2 1 
ATOM   1031 C CE1 . HIS A 1 157 ? -3.567  -1.605  -10.910 1.00 12.46 ? 138  HIS A CE1 1 
ATOM   1032 N NE2 . HIS A 1 157 ? -4.244  -0.866  -11.757 1.00 11.14 ? 138  HIS A NE2 1 
ATOM   1033 N N   . VAL A 1 158 ? -8.460  -3.137  -7.028  1.00 12.68 ? 139  VAL A N   1 
ATOM   1034 C CA  . VAL A 1 158 ? -9.406  -3.286  -5.963  1.00 14.01 ? 139  VAL A CA  1 
ATOM   1035 C C   . VAL A 1 158 ? -9.148  -2.243  -4.882  1.00 13.78 ? 139  VAL A C   1 
ATOM   1036 O O   . VAL A 1 158 ? -8.176  -2.348  -4.124  1.00 9.51  ? 139  VAL A O   1 
ATOM   1037 C CB  . VAL A 1 158 ? -9.345  -4.723  -5.366  1.00 11.31 ? 139  VAL A CB  1 
ATOM   1038 C CG1 . VAL A 1 158 ? -10.215 -4.835  -4.104  1.00 13.02 ? 139  VAL A CG1 1 
ATOM   1039 C CG2 . VAL A 1 158 ? -9.739  -5.796  -6.446  1.00 11.19 ? 139  VAL A CG2 1 
ATOM   1040 N N   . VAL A 1 159 ? -10.056 -1.266  -4.797  1.00 15.93 ? 140  VAL A N   1 
ATOM   1041 C CA  . VAL A 1 159 ? -10.101 -0.309  -3.656  1.00 14.02 ? 140  VAL A CA  1 
ATOM   1042 C C   . VAL A 1 159 ? -10.572 -1.058  -2.384  1.00 11.31 ? 140  VAL A C   1 
ATOM   1043 O O   . VAL A 1 159 ? -11.647 -1.690  -2.388  1.00 14.16 ? 140  VAL A O   1 
ATOM   1044 C CB  . VAL A 1 159 ? -10.987 0.906   -4.002  1.00 13.88 ? 140  VAL A CB  1 
ATOM   1045 C CG1 . VAL A 1 159 ? -10.874 2.028   -2.947  1.00 8.91  ? 140  VAL A CG1 1 
ATOM   1046 C CG2 . VAL A 1 159 ? -10.579 1.436   -5.307  1.00 10.19 ? 140  VAL A CG2 1 
ATOM   1047 N N   . PHE A 1 160 ? -9.732  -1.045  -1.331  1.00 9.30  ? 141  PHE A N   1 
ATOM   1048 C CA  . PHE A 1 160 ? -10.040 -1.744  -0.082  1.00 14.67 ? 141  PHE A CA  1 
ATOM   1049 C C   . PHE A 1 160 ? -9.943  -0.902  1.207   1.00 15.59 ? 141  PHE A C   1 
ATOM   1050 O O   . PHE A 1 160 ? -10.250 -1.404  2.301   1.00 13.72 ? 141  PHE A O   1 
ATOM   1051 C CB  . PHE A 1 160 ? -9.181  -3.024  0.065   1.00 16.86 ? 141  PHE A CB  1 
ATOM   1052 C CG  . PHE A 1 160 ? -7.678  -2.760  0.258   1.00 17.39 ? 141  PHE A CG  1 
ATOM   1053 C CD1 . PHE A 1 160 ? -7.098  -2.821  1.528   1.00 18.49 ? 141  PHE A CD1 1 
ATOM   1054 C CD2 . PHE A 1 160 ? -6.849  -2.500  -0.844  1.00 16.45 ? 141  PHE A CD2 1 
ATOM   1055 C CE1 . PHE A 1 160 ? -5.723  -2.579  1.700   1.00 16.50 ? 141  PHE A CE1 1 
ATOM   1056 C CE2 . PHE A 1 160 ? -5.479  -2.253  -0.685  1.00 17.32 ? 141  PHE A CE2 1 
ATOM   1057 C CZ  . PHE A 1 160 ? -4.911  -2.293  0.582   1.00 18.81 ? 141  PHE A CZ  1 
ATOM   1058 N N   . GLY A 1 161 ? -9.562  0.361   1.090   1.00 19.18 ? 142  GLY A N   1 
ATOM   1059 C CA  . GLY A 1 161 ? -9.423  1.233   2.244   1.00 16.47 ? 142  GLY A CA  1 
ATOM   1060 C C   . GLY A 1 161 ? -9.263  2.714   1.904   1.00 14.35 ? 142  GLY A C   1 
ATOM   1061 O O   . GLY A 1 161 ? -9.406  3.136   0.758   1.00 15.41 ? 142  GLY A O   1 
ATOM   1062 N N   . GLN A 1 162 ? -8.941  3.484   2.933   1.00 18.15 ? 143  GLN A N   1 
ATOM   1063 C CA  . GLN A 1 162 ? -8.927  4.944   2.865   1.00 19.61 ? 143  GLN A CA  1 
ATOM   1064 C C   . GLN A 1 162 ? -8.048  5.499   3.978   1.00 16.21 ? 143  GLN A C   1 
ATOM   1065 O O   . GLN A 1 162 ? -8.077  5.005   5.123   1.00 17.80 ? 143  GLN A O   1 
ATOM   1066 C CB  . GLN A 1 162 ? -10.342 5.422   3.044   1.00 20.54 ? 143  GLN A CB  1 
ATOM   1067 C CG  . GLN A 1 162 ? -10.591 6.901   3.057   1.00 22.85 ? 143  GLN A CG  1 
ATOM   1068 C CD  . GLN A 1 162 ? -12.069 7.150   2.920   1.00 22.17 ? 143  GLN A CD  1 
ATOM   1069 O OE1 . GLN A 1 162 ? -12.848 6.571   3.652   1.00 20.82 ? 143  GLN A OE1 1 
ATOM   1070 N NE2 . GLN A 1 162 ? -12.463 7.953   1.946   1.00 21.61 ? 143  GLN A NE2 1 
ATOM   1071 N N   . VAL A 1 163 ? -7.282  6.538   3.639   1.00 18.57 ? 144  VAL A N   1 
ATOM   1072 C CA  . VAL A 1 163 ? -6.585  7.338   4.652   1.00 13.11 ? 144  VAL A CA  1 
ATOM   1073 C C   . VAL A 1 163 ? -7.566  8.093   5.588   1.00 15.15 ? 144  VAL A C   1 
ATOM   1074 O O   . VAL A 1 163 ? -8.436  8.848   5.107   1.00 9.72  ? 144  VAL A O   1 
ATOM   1075 C CB  . VAL A 1 163 ? -5.652  8.360   4.021   1.00 13.08 ? 144  VAL A CB  1 
ATOM   1076 C CG1 . VAL A 1 163 ? -5.045  9.230   5.112   1.00 15.72 ? 144  VAL A CG1 1 
ATOM   1077 C CG2 . VAL A 1 163 ? -4.525  7.657   3.226   1.00 14.34 ? 144  VAL A CG2 1 
ATOM   1078 N N   . ILE A 1 164 ? -7.423  7.903   6.912   1.00 13.08 ? 145  ILE A N   1 
ATOM   1079 C CA  . ILE A 1 164 ? -8.222  8.698   7.876   1.00 13.42 ? 145  ILE A CA  1 
ATOM   1080 C C   . ILE A 1 164 ? -7.432  9.839   8.579   1.00 18.01 ? 145  ILE A C   1 
ATOM   1081 O O   . ILE A 1 164 ? -8.012  10.870  8.946   1.00 16.73 ? 145  ILE A O   1 
ATOM   1082 C CB  . ILE A 1 164 ? -9.042  7.855   8.897   1.00 16.69 ? 145  ILE A CB  1 
ATOM   1083 C CG1 . ILE A 1 164 ? -8.130  7.093   9.867   1.00 12.52 ? 145  ILE A CG1 1 
ATOM   1084 C CG2 . ILE A 1 164 ? -10.060 6.955   8.181   1.00 16.71 ? 145  ILE A CG2 1 
ATOM   1085 C CD1 . ILE A 1 164 ? -8.820  6.120   10.726  1.00 17.17 ? 145  ILE A CD1 1 
ATOM   1086 N N   . SER A 1 165 ? -6.126  9.676   8.701   1.00 13.49 ? 146  SER A N   1 
ATOM   1087 C CA  . SER A 1 165 ? -5.247  10.763  9.090   1.00 17.87 ? 146  SER A CA  1 
ATOM   1088 C C   . SER A 1 165 ? -3.870  10.576  8.444   1.00 17.26 ? 146  SER A C   1 
ATOM   1089 O O   . SER A 1 165 ? -3.500  9.450   8.049   1.00 14.12 ? 146  SER A O   1 
ATOM   1090 C CB  . SER A 1 165 ? -5.112  10.845  10.621  1.00 17.36 ? 146  SER A CB  1 
ATOM   1091 O OG  . SER A 1 165 ? -4.640  9.624   11.132  1.00 15.70 ? 146  SER A OG  1 
ATOM   1092 N N   . GLY A 1 166 ? -3.137  11.685  8.363   1.00 19.78 ? 147  GLY A N   1 
ATOM   1093 C CA  . GLY A 1 166 ? -1.833  11.745  7.697   1.00 17.16 ? 147  GLY A CA  1 
ATOM   1094 C C   . GLY A 1 166 ? -1.925  12.104  6.225   1.00 14.36 ? 147  GLY A C   1 
ATOM   1095 O O   . GLY A 1 166 ? -1.040  11.787  5.450   1.00 11.27 ? 147  GLY A O   1 
ATOM   1096 N N   . GLN A 1 167 ? -2.992  12.784  5.829   1.00 12.63 ? 148  GLN A N   1 
ATOM   1097 C CA  . GLN A 1 167 ? -3.126  13.212  4.437   1.00 16.90 ? 148  GLN A CA  1 
ATOM   1098 C C   . GLN A 1 167 ? -1.909  14.091  3.978   1.00 11.26 ? 148  GLN A C   1 
ATOM   1099 O O   . GLN A 1 167 ? -1.387  13.957  2.850   1.00 15.46 ? 148  GLN A O   1 
ATOM   1100 C CB  . GLN A 1 167 ? -4.464  13.960  4.252   1.00 16.01 ? 148  GLN A CB  1 
ATOM   1101 C CG  . GLN A 1 167 ? -5.720  13.075  4.415   1.00 20.60 ? 148  GLN A CG  1 
ATOM   1102 C CD  . GLN A 1 167 ? -6.222  12.911  5.870   1.00 17.84 ? 148  GLN A CD  1 
ATOM   1103 O OE1 . GLN A 1 167 ? -5.564  13.301  6.846   1.00 20.19 ? 148  GLN A OE1 1 
ATOM   1104 N NE2 . GLN A 1 167 ? -7.406  12.340  6.007   1.00 22.14 ? 148  GLN A NE2 1 
ATOM   1105 N N   . GLU A 1 168 ? -1.489  14.994  4.853   1.00 14.51 ? 149  GLU A N   1 
ATOM   1106 C CA  . GLU A 1 168 ? -0.321  15.857  4.617   1.00 19.49 ? 149  GLU A CA  1 
ATOM   1107 C C   . GLU A 1 168 ? 1.007   15.078  4.434   1.00 15.91 ? 149  GLU A C   1 
ATOM   1108 O O   . GLU A 1 168 ? 1.873   15.450  3.597   1.00 12.16 ? 149  GLU A O   1 
ATOM   1109 C CB  . GLU A 1 168 ? -0.263  16.972  5.702   1.00 22.69 ? 149  GLU A CB  1 
ATOM   1110 C CG  . GLU A 1 168 ? 0.208   16.563  7.122   1.00 27.85 ? 149  GLU A CG  1 
ATOM   1111 C CD  . GLU A 1 168 ? -0.752  15.643  7.917   1.00 31.08 ? 149  GLU A CD  1 
ATOM   1112 O OE1 . GLU A 1 168 ? -2.016  15.647  7.682   1.00 30.27 ? 149  GLU A OE1 1 
ATOM   1113 O OE2 . GLU A 1 168 ? -0.204  14.922  8.794   1.00 29.50 ? 149  GLU A OE2 1 
ATOM   1114 N N   . VAL A 1 169 ? 1.130   13.942  5.107   1.00 17.77 ? 150  VAL A N   1 
ATOM   1115 C CA  . VAL A 1 169 ? 2.279   13.057  4.871   1.00 18.92 ? 150  VAL A CA  1 
ATOM   1116 C C   . VAL A 1 169 ? 2.242   12.433  3.450   1.00 16.53 ? 150  VAL A C   1 
ATOM   1117 O O   . VAL A 1 169 ? 3.268   12.359  2.775   1.00 13.25 ? 150  VAL A O   1 
ATOM   1118 C CB  . VAL A 1 169 ? 2.370   11.955  5.936   1.00 17.90 ? 150  VAL A CB  1 
ATOM   1119 C CG1 . VAL A 1 169 ? 3.601   11.060  5.668   1.00 15.71 ? 150  VAL A CG1 1 
ATOM   1120 C CG2 . VAL A 1 169 ? 2.406   12.564  7.353   1.00 21.97 ? 150  VAL A CG2 1 
ATOM   1121 N N   . VAL A 1 170 ? 1.062   11.971  3.025   1.00 16.23 ? 151  VAL A N   1 
ATOM   1122 C CA  . VAL A 1 170 ? 0.828   11.473  1.666   1.00 18.06 ? 151  VAL A CA  1 
ATOM   1123 C C   . VAL A 1 170 ? 1.234   12.547  0.622   1.00 16.07 ? 151  VAL A C   1 
ATOM   1124 O O   . VAL A 1 170 ? 1.999   12.260  -0.286  1.00 14.93 ? 151  VAL A O   1 
ATOM   1125 C CB  . VAL A 1 170 ? -0.654  11.005  1.498   1.00 15.06 ? 151  VAL A CB  1 
ATOM   1126 C CG1 . VAL A 1 170 ? -0.949  10.506  0.071   1.00 18.65 ? 151  VAL A CG1 1 
ATOM   1127 C CG2 . VAL A 1 170 ? -0.953  9.872   2.465   1.00 10.50 ? 151  VAL A CG2 1 
ATOM   1128 N N   . ARG A 1 171 ? 0.783   13.796  0.807   1.00 18.47 ? 152  ARG A N   1 
ATOM   1129 C CA  . ARG A 1 171 ? 1.198   14.918  -0.079  1.00 16.10 ? 152  ARG A CA  1 
ATOM   1130 C C   . ARG A 1 171 ? 2.721   15.094  -0.093  1.00 16.34 ? 152  ARG A C   1 
ATOM   1131 O O   . ARG A 1 171 ? 3.328   15.319  -1.142  1.00 10.69 ? 152  ARG A O   1 
ATOM   1132 C CB  . ARG A 1 171 ? 0.545   16.242  0.319   1.00 15.94 ? 152  ARG A CB  1 
ATOM   1133 C CG  . ARG A 1 171 ? -0.967  16.272  0.212   1.00 19.77 ? 152  ARG A CG  1 
ATOM   1134 C CD  . ARG A 1 171 ? -1.428  16.098  -1.239  1.00 21.38 ? 152  ARG A CD  1 
ATOM   1135 N NE  . ARG A 1 171 ? -2.890  16.095  -1.334  1.00 21.91 ? 152  ARG A NE  1 
ATOM   1136 C CZ  . ARG A 1 171 ? -3.572  15.719  -2.413  1.00 21.77 ? 152  ARG A CZ  1 
ATOM   1137 N NH1 . ARG A 1 171 ? -4.895  15.750  -2.395  1.00 21.74 ? 152  ARG A NH1 1 
ATOM   1138 N NH2 . ARG A 1 171 ? -2.943  15.343  -3.517  1.00 17.03 ? 152  ARG A NH2 1 
ATOM   1139 N N   . GLU A 1 172 ? 3.334   14.966  1.070   1.00 11.77 ? 153  GLU A N   1 
ATOM   1140 C CA  . GLU A 1 172 ? 4.772   15.109  1.180   1.00 15.20 ? 153  GLU A CA  1 
ATOM   1141 C C   . GLU A 1 172 ? 5.497   14.035  0.330   1.00 16.25 ? 153  GLU A C   1 
ATOM   1142 O O   . GLU A 1 172 ? 6.500   14.310  -0.318  1.00 11.74 ? 153  GLU A O   1 
ATOM   1143 C CB  . GLU A 1 172 ? 5.202   15.085  2.652   1.00 14.36 ? 153  GLU A CB  1 
ATOM   1144 C CG  . GLU A 1 172 ? 6.729   15.065  2.790   1.00 19.02 ? 153  GLU A CG  1 
ATOM   1145 C CD  . GLU A 1 172 ? 7.264   15.605  4.100   1.00 21.60 ? 153  GLU A CD  1 
ATOM   1146 O OE1 . GLU A 1 172 ? 6.490   15.745  5.067   1.00 28.26 ? 153  GLU A OE1 1 
ATOM   1147 O OE2 . GLU A 1 172 ? 8.486   15.861  4.150   1.00 23.02 ? 153  GLU A OE2 1 
ATOM   1148 N N   . ILE A 1 173 ? 4.960   12.821  0.350   1.00 17.68 ? 154  ILE A N   1 
ATOM   1149 C CA  . ILE A 1 173 ? 5.483   11.692  -0.439  1.00 16.31 ? 154  ILE A CA  1 
ATOM   1150 C C   . ILE A 1 173 ? 5.252   11.949  -1.927  1.00 17.09 ? 154  ILE A C   1 
ATOM   1151 O O   . ILE A 1 173 ? 6.158   11.819  -2.733  1.00 15.99 ? 154  ILE A O   1 
ATOM   1152 C CB  . ILE A 1 173 ? 4.781   10.359  -0.058  1.00 15.21 ? 154  ILE A CB  1 
ATOM   1153 C CG1 . ILE A 1 173 ? 5.068   9.981   1.411   1.00 15.27 ? 154  ILE A CG1 1 
ATOM   1154 C CG2 . ILE A 1 173 ? 5.164   9.235   -1.081  1.00 16.68 ? 154  ILE A CG2 1 
ATOM   1155 C CD1 . ILE A 1 173 ? 4.310   8.740   1.889   1.00 15.85 ? 154  ILE A CD1 1 
ATOM   1156 N N   . GLU A 1 174 ? 4.025   12.328  -2.272  1.00 18.11 ? 155  GLU A N   1 
ATOM   1157 C CA  . GLU A 1 174 ? 3.657   12.679  -3.640  1.00 16.54 ? 155  GLU A CA  1 
ATOM   1158 C C   . GLU A 1 174 ? 4.578   13.716  -4.291  1.00 18.51 ? 155  GLU A C   1 
ATOM   1159 O O   . GLU A 1 174 ? 4.764   13.708  -5.514  1.00 16.70 ? 155  GLU A O   1 
ATOM   1160 C CB  . GLU A 1 174 ? 2.206   13.200  -3.685  1.00 11.80 ? 155  GLU A CB  1 
ATOM   1161 C CG  . GLU A 1 174 ? 1.643   13.334  -5.091  1.00 14.92 ? 155  GLU A CG  1 
ATOM   1162 C CD  . GLU A 1 174 ? 0.343   14.114  -5.132  1.00 15.11 ? 155  GLU A CD  1 
ATOM   1163 O OE1 . GLU A 1 174 ? -0.036  14.686  -4.069  1.00 15.59 ? 155  GLU A OE1 1 
ATOM   1164 O OE2 . GLU A 1 174 ? -0.264  14.171  -6.217  1.00 17.62 ? 155  GLU A OE2 1 
ATOM   1165 N N   . ASN A 1 175 ? 5.110   14.609  -3.469  1.00 19.27 ? 156  ASN A N   1 
ATOM   1166 C CA  . ASN A 1 175 ? 5.951   15.709  -3.921  1.00 19.90 ? 156  ASN A CA  1 
ATOM   1167 C C   . ASN A 1 175 ? 7.465   15.364  -3.981  1.00 21.29 ? 156  ASN A C   1 
ATOM   1168 O O   . ASN A 1 175 ? 8.307   16.246  -4.223  1.00 19.33 ? 156  ASN A O   1 
ATOM   1169 C CB  . ASN A 1 175 ? 5.718   16.923  -2.995  1.00 23.58 ? 156  ASN A CB  1 
ATOM   1170 C CG  . ASN A 1 175 ? 4.467   17.721  -3.363  1.00 25.11 ? 156  ASN A CG  1 
ATOM   1171 O OD1 . ASN A 1 175 ? 4.029   17.734  -4.531  1.00 23.49 ? 156  ASN A OD1 1 
ATOM   1172 N ND2 . ASN A 1 175 ? 3.904   18.432  -2.374  1.00 27.26 ? 156  ASN A ND2 1 
ATOM   1173 N N   . GLN A 1 176 ? 7.811   14.101  -3.774  1.00 17.11 ? 157  GLN A N   1 
ATOM   1174 C CA  . GLN A 1 176 ? 9.236   13.728  -3.813  1.00 17.69 ? 157  GLN A CA  1 
ATOM   1175 C C   . GLN A 1 176 ? 9.714   13.877  -5.256  1.00 11.51 ? 157  GLN A C   1 
ATOM   1176 O O   . GLN A 1 176 ? 8.998   13.526  -6.197  1.00 16.06 ? 157  GLN A O   1 
ATOM   1177 C CB  . GLN A 1 176 ? 9.472   12.298  -3.296  1.00 13.07 ? 157  GLN A CB  1 
ATOM   1178 C CG  . GLN A 1 176 ? 9.436   12.148  -1.796  1.00 16.26 ? 157  GLN A CG  1 
ATOM   1179 C CD  . GLN A 1 176 ? 10.142  13.290  -1.078  1.00 16.87 ? 157  GLN A CD  1 
ATOM   1180 O OE1 . GLN A 1 176 ? 11.354  13.442  -1.199  1.00 14.13 ? 157  GLN A OE1 1 
ATOM   1181 N NE2 . GLN A 1 176 ? 9.368   14.134  -0.378  1.00 13.13 ? 157  GLN A NE2 1 
ATOM   1182 N N   . LYS A 1 177 ? 10.928  14.409  -5.439  1.00 15.67 ? 158  LYS A N   1 
ATOM   1183 C CA  . LYS A 1 177 ? 11.596  14.290  -6.750  1.00 15.29 ? 158  LYS A CA  1 
ATOM   1184 C C   . LYS A 1 177 ? 11.952  12.811  -7.011  1.00 16.77 ? 158  LYS A C   1 
ATOM   1185 O O   . LYS A 1 177 ? 12.468  12.096  -6.124  1.00 16.10 ? 158  LYS A O   1 
ATOM   1186 C CB  . LYS A 1 177 ? 12.858  15.163  -6.838  1.00 15.77 ? 158  LYS A CB  1 
ATOM   1187 C CG  . LYS A 1 177 ? 13.439  15.245  -8.266  1.00 15.97 ? 158  LYS A CG  1 
ATOM   1188 C CD  . LYS A 1 177 ? 14.780  15.969  -8.288  1.00 16.87 ? 158  LYS A CD  1 
ATOM   1189 C CE  . LYS A 1 177 ? 14.616  17.467  -8.089  1.00 17.92 ? 158  LYS A CE  1 
ATOM   1190 N NZ  . LYS A 1 177 ? 13.718  18.090  -9.112  1.00 15.79 ? 158  LYS A NZ  1 
ATOM   1191 N N   . THR A 1 178 ? 11.660  12.358  -8.220  1.00 12.11 ? 159  THR A N   1 
ATOM   1192 C CA  . THR A 1 178 ? 11.876  10.987  -8.595  1.00 13.30 ? 159  THR A CA  1 
ATOM   1193 C C   . THR A 1 178 ? 12.905  10.839  -9.733  1.00 13.35 ? 159  THR A C   1 
ATOM   1194 O O   . THR A 1 178 ? 13.259  11.810  -10.451 1.00 18.66 ? 159  THR A O   1 
ATOM   1195 C CB  . THR A 1 178 ? 10.519  10.289  -8.969  1.00 13.15 ? 159  THR A CB  1 
ATOM   1196 O OG1 . THR A 1 178 ? 9.963   10.958  -10.098 1.00 15.13 ? 159  THR A OG1 1 
ATOM   1197 C CG2 . THR A 1 178 ? 9.487   10.303  -7.775  1.00 13.05 ? 159  THR A CG2 1 
ATOM   1198 N N   . ASP A 1 179 ? 13.362  9.598   -9.900  1.00 15.80 ? 160  ASP A N   1 
ATOM   1199 C CA  . ASP A 1 179 ? 14.312  9.191   -10.922 1.00 14.79 ? 160  ASP A CA  1 
ATOM   1200 C C   . ASP A 1 179 ? 13.568  8.736   -12.178 1.00 16.01 ? 160  ASP A C   1 
ATOM   1201 O O   . ASP A 1 179 ? 12.377  9.005   -12.306 1.00 13.41 ? 160  ASP A O   1 
ATOM   1202 C CB  . ASP A 1 179 ? 15.270  8.115   -10.365 1.00 15.96 ? 160  ASP A CB  1 
ATOM   1203 C CG  . ASP A 1 179 ? 14.617  6.713   -10.180 1.00 16.06 ? 160  ASP A CG  1 
ATOM   1204 O OD1 . ASP A 1 179 ? 13.461  6.529   -10.513 1.00 17.42 ? 160  ASP A OD1 1 
ATOM   1205 O OD2 . ASP A 1 179 ? 15.284  5.791   -9.634  1.00 19.81 ? 160  ASP A OD2 1 
ATOM   1206 N N   . ALA A 1 180 ? 14.263  8.083   -13.107 1.00 15.52 ? 161  ALA A N   1 
ATOM   1207 C CA  . ALA A 1 180 ? 13.661  7.792   -14.429 1.00 20.14 ? 161  ALA A CA  1 
ATOM   1208 C C   . ALA A 1 180 ? 12.572  6.721   -14.325 1.00 18.18 ? 161  ALA A C   1 
ATOM   1209 O O   . ALA A 1 180 ? 11.702  6.667   -15.171 1.00 24.39 ? 161  ALA A O   1 
ATOM   1210 C CB  . ALA A 1 180 ? 14.722  7.413   -15.475 1.00 15.92 ? 161  ALA A CB  1 
ATOM   1211 N N   . ALA A 1 181 ? 12.612  5.900   -13.282 1.00 14.71 ? 162  ALA A N   1 
ATOM   1212 C CA  . ALA A 1 181 ? 11.531  4.946   -13.033 1.00 17.13 ? 162  ALA A CA  1 
ATOM   1213 C C   . ALA A 1 181 ? 10.470  5.457   -12.039 1.00 13.41 ? 162  ALA A C   1 
ATOM   1214 O O   . ALA A 1 181 ? 9.726   4.647   -11.507 1.00 17.58 ? 162  ALA A O   1 
ATOM   1215 C CB  . ALA A 1 181 ? 12.109  3.622   -12.548 1.00 18.93 ? 162  ALA A CB  1 
ATOM   1216 N N   . SER A 1 182 ? 10.461  6.756   -11.717 1.00 16.55 ? 163  SER A N   1 
ATOM   1217 C CA  . SER A 1 182 ? 9.492   7.360   -10.747 1.00 12.66 ? 163  SER A CA  1 
ATOM   1218 C C   . SER A 1 182 ? 9.700   6.893   -9.296  1.00 16.79 ? 163  SER A C   1 
ATOM   1219 O O   . SER A 1 182 ? 8.782   6.964   -8.463  1.00 18.84 ? 163  SER A O   1 
ATOM   1220 C CB  . SER A 1 182 ? 8.041   7.136   -11.209 1.00 17.97 ? 163  SER A CB  1 
ATOM   1221 O OG  . SER A 1 182 ? 7.749   7.904   -12.374 1.00 20.14 ? 163  SER A OG  1 
ATOM   1222 N N   . LYS A 1 183 ? 10.930  6.464   -9.012  1.00 17.29 ? 164  LYS A N   1 
ATOM   1223 C CA  . LYS A 1 183 ? 11.380  6.078   -7.689  1.00 17.83 ? 164  LYS A CA  1 
ATOM   1224 C C   . LYS A 1 183 ? 11.991  7.302   -7.048  1.00 15.75 ? 164  LYS A C   1 
ATOM   1225 O O   . LYS A 1 183 ? 12.904  7.923   -7.619  1.00 15.52 ? 164  LYS A O   1 
ATOM   1226 C CB  . LYS A 1 183 ? 12.436  4.968   -7.743  1.00 16.62 ? 164  LYS A CB  1 
ATOM   1227 C CG  . LYS A 1 183 ? 12.878  4.456   -6.355  1.00 18.74 ? 164  LYS A CG  1 
ATOM   1228 C CD  . LYS A 1 183 ? 13.820  3.230   -6.474  1.00 19.66 ? 164  LYS A CD  1 
ATOM   1229 C CE  . LYS A 1 183 ? 13.900  2.460   -5.194  1.00 21.55 ? 164  LYS A CE  1 
ATOM   1230 N NZ  . LYS A 1 183 ? 13.967  0.994   -5.453  1.00 26.35 ? 164  LYS A NZ  1 
ATOM   1231 N N   . PRO A 1 184 ? 11.518  7.645   -5.845  1.00 16.68 ? 165  PRO A N   1 
ATOM   1232 C CA  . PRO A 1 184 ? 12.060  8.829   -5.171  1.00 15.88 ? 165  PRO A CA  1 
ATOM   1233 C C   . PRO A 1 184 ? 13.582  8.785   -4.984  1.00 14.16 ? 165  PRO A C   1 
ATOM   1234 O O   . PRO A 1 184 ? 14.161  7.744   -4.599  1.00 10.59 ? 165  PRO A O   1 
ATOM   1235 C CB  . PRO A 1 184 ? 11.339  8.818   -3.807  1.00 16.56 ? 165  PRO A CB  1 
ATOM   1236 C CG  . PRO A 1 184 ? 10.029  8.104   -4.086  1.00 16.57 ? 165  PRO A CG  1 
ATOM   1237 C CD  . PRO A 1 184 ? 10.452  7.010   -5.055  1.00 15.06 ? 165  PRO A CD  1 
ATOM   1238 N N   . PHE A 1 185 ? 14.222  9.923   -5.234  1.00 15.60 ? 166  PHE A N   1 
ATOM   1239 C CA  . PHE A 1 185 ? 15.650  10.067  -4.900  1.00 16.09 ? 166  PHE A CA  1 
ATOM   1240 C C   . PHE A 1 185 ? 15.847  9.943   -3.409  1.00 15.70 ? 166  PHE A C   1 
ATOM   1241 O O   . PHE A 1 185 ? 16.845  9.404   -2.976  1.00 13.17 ? 166  PHE A O   1 
ATOM   1242 C CB  . PHE A 1 185 ? 16.232  11.398  -5.385  1.00 17.09 ? 166  PHE A CB  1 
ATOM   1243 C CG  . PHE A 1 185 ? 16.484  11.456  -6.858  1.00 13.70 ? 166  PHE A CG  1 
ATOM   1244 C CD1 . PHE A 1 185 ? 17.172  10.444  -7.504  1.00 16.65 ? 166  PHE A CD1 1 
ATOM   1245 C CD2 . PHE A 1 185 ? 16.029  12.530  -7.605  1.00 15.36 ? 166  PHE A CD2 1 
ATOM   1246 C CE1 . PHE A 1 185 ? 17.379  10.490  -8.870  1.00 17.60 ? 166  PHE A CE1 1 
ATOM   1247 C CE2 . PHE A 1 185 ? 16.266  12.590  -8.981  1.00 14.81 ? 166  PHE A CE2 1 
ATOM   1248 C CZ  . PHE A 1 185 ? 16.943  11.580  -9.604  1.00 14.63 ? 166  PHE A CZ  1 
ATOM   1249 N N   . ALA A 1 186 ? 14.903  10.468  -2.621  1.00 19.67 ? 167  ALA A N   1 
ATOM   1250 C CA  . ALA A 1 186 ? 14.981  10.344  -1.160  1.00 20.16 ? 167  ALA A CA  1 
ATOM   1251 C C   . ALA A 1 186 ? 14.287  9.059   -0.765  1.00 23.39 ? 167  ALA A C   1 
ATOM   1252 O O   . ALA A 1 186 ? 13.215  8.753   -1.281  1.00 25.65 ? 167  ALA A O   1 
ATOM   1253 C CB  . ALA A 1 186 ? 14.321  11.550  -0.466  1.00 20.76 ? 167  ALA A CB  1 
ATOM   1254 N N   . GLU A 1 187 ? 14.894  8.295   0.141   1.00 22.06 ? 168  GLU A N   1 
ATOM   1255 C CA  . GLU A 1 187 ? 14.265  7.068   0.622   1.00 21.84 ? 168  GLU A CA  1 
ATOM   1256 C C   . GLU A 1 187 ? 12.951  7.441   1.377   1.00 19.75 ? 168  GLU A C   1 
ATOM   1257 O O   . GLU A 1 187 ? 12.983  8.256   2.286   1.00 19.73 ? 168  GLU A O   1 
ATOM   1258 C CB  . GLU A 1 187 ? 15.284  6.281   1.486   1.00 24.05 ? 168  GLU A CB  1 
ATOM   1259 C CG  . GLU A 1 187 ? 14.691  5.243   2.435   1.00 24.65 ? 168  GLU A CG  1 
ATOM   1260 C CD  . GLU A 1 187 ? 15.717  4.692   3.415   1.00 28.33 ? 168  GLU A CD  1 
ATOM   1261 O OE1 . GLU A 1 187 ? 15.565  4.928   4.651   1.00 23.14 ? 168  GLU A OE1 1 
ATOM   1262 O OE2 . GLU A 1 187 ? 16.691  4.039   2.935   1.00 30.91 ? 168  GLU A OE2 1 
ATOM   1263 N N   . VAL A 1 188 ? 11.807  6.917   0.912   1.00 18.89 ? 169  VAL A N   1 
ATOM   1264 C CA  . VAL A 1 188 ? 10.497  7.058   1.577   1.00 13.17 ? 169  VAL A CA  1 
ATOM   1265 C C   . VAL A 1 188 ? 10.155  5.673   2.156   1.00 14.85 ? 169  VAL A C   1 
ATOM   1266 O O   . VAL A 1 188 ? 9.708   4.786   1.458   1.00 13.74 ? 169  VAL A O   1 
ATOM   1267 C CB  . VAL A 1 188 ? 9.378   7.571   0.614   1.00 13.47 ? 169  VAL A CB  1 
ATOM   1268 C CG1 . VAL A 1 188 ? 7.975   7.525   1.285   1.00 10.91 ? 169  VAL A CG1 1 
ATOM   1269 C CG2 . VAL A 1 188 ? 9.709   8.994   0.112   1.00 13.33 ? 169  VAL A CG2 1 
ATOM   1270 N N   . ARG A 1 189 ? 10.353  5.524   3.454   1.00 12.81 ? 170  ARG A N   1 
ATOM   1271 C CA  . ARG A 1 189 ? 10.384  4.238   4.115   1.00 13.79 ? 170  ARG A CA  1 
ATOM   1272 C C   . ARG A 1 189 ? 9.365   4.155   5.234   1.00 11.94 ? 170  ARG A C   1 
ATOM   1273 O O   . ARG A 1 189 ? 9.162   5.113   6.001   1.00 14.59 ? 170  ARG A O   1 
ATOM   1274 C CB  . ARG A 1 189 ? 11.778  3.980   4.695   1.00 18.86 ? 170  ARG A CB  1 
ATOM   1275 C CG  . ARG A 1 189 ? 12.059  2.495   4.983   1.00 17.01 ? 170  ARG A CG  1 
ATOM   1276 C CD  . ARG A 1 189 ? 13.552  2.196   5.042   1.00 21.04 ? 170  ARG A CD  1 
ATOM   1277 N NE  . ARG A 1 189 ? 14.148  2.811   6.222   1.00 20.22 ? 170  ARG A NE  1 
ATOM   1278 N N   . ILE A 1 190 ? 8.695   3.011   5.311   1.00 17.37 ? 171  ILE A N   1 
ATOM   1279 C CA  . ILE A 1 190 ? 7.843   2.678   6.447   1.00 14.68 ? 171  ILE A CA  1 
ATOM   1280 C C   . ILE A 1 190 ? 8.785   2.216   7.606   1.00 18.20 ? 171  ILE A C   1 
ATOM   1281 O O   . ILE A 1 190 ? 9.331   1.114   7.575   1.00 18.53 ? 171  ILE A O   1 
ATOM   1282 C CB  . ILE A 1 190 ? 6.761   1.604   6.064   1.00 12.86 ? 171  ILE A CB  1 
ATOM   1283 C CG1 . ILE A 1 190 ? 5.861   2.141   4.955   1.00 14.15 ? 171  ILE A CG1 1 
ATOM   1284 C CG2 . ILE A 1 190 ? 5.887   1.183   7.281   1.00 13.27 ? 171  ILE A CG2 1 
ATOM   1285 C CD1 . ILE A 1 190 ? 5.227   1.083   4.122   1.00 15.41 ? 171  ILE A CD1 1 
ATOM   1286 N N   . LEU A 1 191 ? 8.976   3.083   8.599   1.00 18.26 ? 172  LEU A N   1 
ATOM   1287 C CA  . LEU A 1 191 ? 9.892   2.803   9.726   1.00 19.47 ? 172  LEU A CA  1 
ATOM   1288 C C   . LEU A 1 191 ? 9.238   1.924   10.780  1.00 18.43 ? 172  LEU A C   1 
ATOM   1289 O O   . LEU A 1 191 ? 9.895   1.074   11.394  1.00 21.22 ? 172  LEU A O   1 
ATOM   1290 C CB  . LEU A 1 191 ? 10.419  4.099   10.381  1.00 26.17 ? 172  LEU A CB  1 
ATOM   1291 C CG  . LEU A 1 191 ? 11.450  4.938   9.600   1.00 29.75 ? 172  LEU A CG  1 
ATOM   1292 C CD1 . LEU A 1 191 ? 12.124  5.892   10.533  1.00 32.24 ? 172  LEU A CD1 1 
ATOM   1293 C CD2 . LEU A 1 191 ? 12.522  4.103   8.797   1.00 33.29 ? 172  LEU A CD2 1 
ATOM   1294 N N   . SER A 1 192 ? 7.942   2.136   10.975  1.00 18.45 ? 173  SER A N   1 
ATOM   1295 C CA  . SER A 1 192 ? 7.108   1.306   11.802  1.00 16.46 ? 173  SER A CA  1 
ATOM   1296 C C   . SER A 1 192 ? 5.740   1.192   11.146  1.00 16.28 ? 173  SER A C   1 
ATOM   1297 O O   . SER A 1 192 ? 5.328   2.069   10.356  1.00 14.62 ? 173  SER A O   1 
ATOM   1298 C CB  . SER A 1 192 ? 6.911   1.903   13.199  1.00 17.13 ? 173  SER A CB  1 
ATOM   1299 O OG  . SER A 1 192 ? 8.128   2.329   13.763  1.00 28.04 ? 173  SER A OG  1 
ATOM   1300 N N   . CYS A 1 193 ? 5.040   0.128   11.506  1.00 14.42 ? 174  CYS A N   1 
ATOM   1301 C CA  . CYS A 1 193 ? 3.661   -0.121  11.047  1.00 14.06 ? 174  CYS A CA  1 
ATOM   1302 C C   . CYS A 1 193 ? 2.960   -1.055  12.007  1.00 12.00 ? 174  CYS A C   1 
ATOM   1303 O O   . CYS A 1 193 ? 3.593   -1.699  12.843  1.00 12.37 ? 174  CYS A O   1 
ATOM   1304 C CB  . CYS A 1 193 ? 3.668   -0.755  9.635   1.00 17.48 ? 174  CYS A CB  1 
ATOM   1305 S SG  . CYS A 1 193 ? 4.746   -2.164  9.486   1.00 15.48 ? 174  CYS A SG  1 
ATOM   1306 N N   . GLY A 1 194 ? 1.634   -1.104  11.911  1.00 14.00 ? 175  GLY A N   1 
ATOM   1307 C CA  . GLY A 1 194 ? 0.838   -2.124  12.594  1.00 13.76 ? 175  GLY A CA  1 
ATOM   1308 C C   . GLY A 1 194 ? -0.628  -1.815  12.538  1.00 12.94 ? 175  GLY A C   1 
ATOM   1309 O O   . GLY A 1 194 ? -1.090  -1.051  11.669  1.00 13.69 ? 175  GLY A O   1 
ATOM   1310 N N   . GLU A 1 195 ? -1.347  -2.395  13.487  1.00 15.33 ? 176  GLU A N   1 
ATOM   1311 C CA  . GLU A 1 195 ? -2.779  -2.248  13.587  1.00 15.26 ? 176  GLU A CA  1 
ATOM   1312 C C   . GLU A 1 195 ? -3.092  -1.499  14.865  1.00 20.43 ? 176  GLU A C   1 
ATOM   1313 O O   . GLU A 1 195 ? -2.504  -1.779  15.958  1.00 19.71 ? 176  GLU A O   1 
ATOM   1314 C CB  . GLU A 1 195 ? -3.472  -3.624  13.605  1.00 14.76 ? 176  GLU A CB  1 
ATOM   1315 C CG  . GLU A 1 195 ? -5.001  -3.506  13.830  1.00 15.65 ? 176  GLU A CG  1 
ATOM   1316 C CD  . GLU A 1 195 ? -5.744  -4.791  13.660  1.00 16.64 ? 176  GLU A CD  1 
ATOM   1317 O OE1 . GLU A 1 195 ? -5.108  -5.852  13.756  1.00 14.00 ? 176  GLU A OE1 1 
ATOM   1318 O OE2 . GLU A 1 195 ? -6.971  -4.700  13.442  1.00 13.73 ? 176  GLU A OE2 1 
ATOM   1319 N N   . LEU A 1 196 ? -4.013  -0.558  14.737  1.00 15.77 ? 177  LEU A N   1 
ATOM   1320 C CA  . LEU A 1 196 ? -4.546  0.171   15.874  1.00 21.05 ? 177  LEU A CA  1 
ATOM   1321 C C   . LEU A 1 196 ? -5.654  -0.676  16.503  1.00 24.61 ? 177  LEU A C   1 
ATOM   1322 O O   . LEU A 1 196 ? -6.726  -0.813  15.934  1.00 21.03 ? 177  LEU A O   1 
ATOM   1323 C CB  . LEU A 1 196 ? -5.059  1.569   15.448  1.00 17.42 ? 177  LEU A CB  1 
ATOM   1324 C CG  . LEU A 1 196 ? -4.015  2.630   14.983  1.00 12.27 ? 177  LEU A CG  1 
ATOM   1325 C CD1 . LEU A 1 196 ? -4.664  4.044   14.687  1.00 13.32 ? 177  LEU A CD1 1 
ATOM   1326 C CD2 . LEU A 1 196 ? -2.844  2.769   15.956  1.00 18.48 ? 177  LEU A CD2 1 
ATOM   1327 N N   . ILE A 1 197 ? -5.375  -1.282  17.660  1.00 31.14 ? 178  ILE A N   1 
ATOM   1328 C CA  . ILE A 1 197 ? -6.395  -2.098  18.358  1.00 35.03 ? 178  ILE A CA  1 
ATOM   1329 C C   . ILE A 1 197 ? -7.288  -1.169  19.204  1.00 38.31 ? 178  ILE A C   1 
ATOM   1330 O O   . ILE A 1 197 ? -6.816  -0.507  20.134  1.00 37.19 ? 178  ILE A O   1 
ATOM   1331 C CB  . ILE A 1 197 ? -5.789  -3.248  19.214  1.00 36.13 ? 178  ILE A CB  1 
ATOM   1332 C CG1 . ILE A 1 197 ? -5.133  -4.301  18.308  1.00 37.78 ? 178  ILE A CG1 1 
ATOM   1333 C CG2 . ILE A 1 197 ? -6.883  -3.920  20.051  1.00 35.67 ? 178  ILE A CG2 1 
ATOM   1334 C CD1 . ILE A 1 197 ? -4.148  -5.232  19.002  1.00 36.47 ? 178  ILE A CD1 1 
ATOM   1335 N N   . PRO A 1 198 ? -8.593  -1.124  18.889  1.00 42.06 ? 179  PRO A N   1 
ATOM   1336 C CA  . PRO A 1 198 ? -9.391  -0.093  19.564  1.00 43.21 ? 179  PRO A CA  1 
ATOM   1337 C C   . PRO A 1 198 ? -9.633  -0.443  21.039  1.00 45.87 ? 179  PRO A C   1 
ATOM   1338 O O   . PRO A 1 198 ? -9.682  0.431   21.907  1.00 45.86 ? 179  PRO A O   1 
ATOM   1339 C CB  . PRO A 1 198 ? -10.704 -0.056  18.764  1.00 43.43 ? 179  PRO A CB  1 
ATOM   1340 C CG  . PRO A 1 198 ? -10.646 -1.200  17.768  1.00 44.27 ? 179  PRO A CG  1 
ATOM   1341 C CD  . PRO A 1 198 ? -9.397  -1.988  18.001  1.00 42.56 ? 179  PRO A CD  1 
ATOM   1342 O OXT . PRO A 1 198 ? -9.752  -1.618  21.396  1.00 47.64 ? 179  PRO A OXT 1 
HETATM 1343 X UNK . UNX B 2 .   ? -5.017  18.331  0.154   0.01 2.00  ? 1001 UNX A UNK 1 
HETATM 1344 X UNK . UNX C 2 .   ? 9.289   -4.542  4.409   0.01 2.00  ? 1002 UNX A UNK 1 
HETATM 1345 X UNK . UNX D 2 .   ? -0.248  -1.328  -10.362 0.01 2.00  ? 1003 UNX A UNK 1 
HETATM 1346 X UNK . UNX E 2 .   ? -16.882 -7.894  -7.974  0.01 2.00  ? 1004 UNX A UNK 1 
HETATM 1347 O O   . HOH F 3 .   ? 3.183   -7.752  -4.992  1.00 5.84  ? 201  HOH A O   1 
HETATM 1348 O O   . HOH F 3 .   ? 2.267   -10.998 7.862   1.00 9.93  ? 202  HOH A O   1 
HETATM 1349 O O   . HOH F 3 .   ? -7.441  -6.664  -12.270 1.00 15.61 ? 203  HOH A O   1 
HETATM 1350 O O   . HOH F 3 .   ? -4.229  -6.589  0.339   1.00 14.31 ? 204  HOH A O   1 
HETATM 1351 O O   . HOH F 3 .   ? 4.708   -4.162  13.109  1.00 17.96 ? 205  HOH A O   1 
HETATM 1352 O O   . HOH F 3 .   ? -8.655  -15.677 -3.550  1.00 17.60 ? 206  HOH A O   1 
HETATM 1353 O O   . HOH F 3 .   ? 10.012  16.224  1.761   1.00 15.92 ? 207  HOH A O   1 
HETATM 1354 O O   . HOH F 3 .   ? -14.872 5.946   -3.212  1.00 19.34 ? 208  HOH A O   1 
HETATM 1355 O O   . HOH F 3 .   ? 14.952  3.184   -10.354 1.00 15.67 ? 209  HOH A O   1 
HETATM 1356 O O   . HOH F 3 .   ? -13.916 -8.116  -8.351  1.00 15.42 ? 210  HOH A O   1 
HETATM 1357 O O   . HOH F 3 .   ? 5.337   8.893   12.809  1.00 21.01 ? 211  HOH A O   1 
HETATM 1358 O O   . HOH F 3 .   ? -6.506  -5.348  -7.699  1.00 13.62 ? 212  HOH A O   1 
HETATM 1359 O O   . HOH F 3 .   ? 0.148   -4.005  15.221  1.00 15.68 ? 213  HOH A O   1 
HETATM 1360 O O   . HOH F 3 .   ? -5.132  -8.218  -9.762  1.00 10.68 ? 214  HOH A O   1 
HETATM 1361 O O   . HOH F 3 .   ? -9.657  -12.949 -3.392  1.00 14.85 ? 215  HOH A O   1 
HETATM 1362 O O   . HOH F 3 .   ? 11.559  5.446   -1.431  1.00 11.43 ? 216  HOH A O   1 
HETATM 1363 O O   . HOH F 3 .   ? -12.257 -1.275  -9.129  1.00 20.73 ? 217  HOH A O   1 
HETATM 1364 O O   . HOH F 3 .   ? 1.972   -17.356 3.714   1.00 16.99 ? 218  HOH A O   1 
HETATM 1365 O O   . HOH F 3 .   ? 13.331  14.930  0.284   1.00 17.53 ? 219  HOH A O   1 
HETATM 1366 O O   . HOH F 3 .   ? 10.729  -1.927  -0.409  1.00 23.70 ? 220  HOH A O   1 
HETATM 1367 O O   . HOH F 3 .   ? -0.007  -6.392  -5.064  1.00 15.09 ? 221  HOH A O   1 
HETATM 1368 O O   . HOH F 3 .   ? -8.712  -8.343  -4.488  1.00 17.40 ? 222  HOH A O   1 
HETATM 1369 O O   . HOH F 3 .   ? 3.270   -15.980 1.373   1.00 19.07 ? 223  HOH A O   1 
HETATM 1370 O O   . HOH F 3 .   ? 7.523   10.862  -10.587 1.00 24.32 ? 224  HOH A O   1 
HETATM 1371 O O   . HOH F 3 .   ? -8.296  -2.083  14.009  1.00 21.68 ? 225  HOH A O   1 
HETATM 1372 O O   . HOH F 3 .   ? 18.991  8.982   -4.844  1.00 21.91 ? 226  HOH A O   1 
HETATM 1373 O O   . HOH F 3 .   ? -13.220 -13.178 -13.057 1.00 15.06 ? 227  HOH A O   1 
HETATM 1374 O O   . HOH F 3 .   ? -2.820  -14.451 12.017  1.00 23.13 ? 228  HOH A O   1 
HETATM 1375 O O   . HOH F 3 .   ? 7.879   -0.980  -2.434  1.00 21.29 ? 229  HOH A O   1 
HETATM 1376 O O   . HOH F 3 .   ? 10.577  17.248  -8.924  1.00 19.89 ? 230  HOH A O   1 
HETATM 1377 O O   . HOH F 3 .   ? -14.292 -11.639 -8.018  1.00 20.90 ? 231  HOH A O   1 
HETATM 1378 O O   . HOH F 3 .   ? -10.051 -18.292 0.828   1.00 19.28 ? 232  HOH A O   1 
HETATM 1379 O O   . HOH F 3 .   ? -11.043 -8.753  6.544   1.00 13.36 ? 233  HOH A O   1 
HETATM 1380 O O   . HOH F 3 .   ? 9.568   3.072   -9.409  1.00 19.97 ? 234  HOH A O   1 
HETATM 1381 O O   . HOH F 3 .   ? -12.783 -1.286  -6.134  1.00 12.97 ? 235  HOH A O   1 
HETATM 1382 O O   . HOH F 3 .   ? 12.607  14.422  5.143   1.00 17.72 ? 236  HOH A O   1 
HETATM 1383 O O   . HOH F 3 .   ? 13.760  5.461   -3.155  1.00 19.32 ? 237  HOH A O   1 
HETATM 1384 O O   . HOH F 3 .   ? 17.326  7.104   -1.603  1.00 20.40 ? 238  HOH A O   1 
HETATM 1385 O O   . HOH F 3 .   ? -4.098  -17.139 -7.054  1.00 22.26 ? 239  HOH A O   1 
HETATM 1386 O O   . HOH F 3 .   ? -13.859 -2.437  -3.742  1.00 18.01 ? 240  HOH A O   1 
HETATM 1387 O O   . HOH F 3 .   ? -13.931 6.410   -9.759  1.00 20.43 ? 241  HOH A O   1 
HETATM 1388 O O   . HOH F 3 .   ? -10.713 -9.855  -11.833 1.00 19.23 ? 242  HOH A O   1 
HETATM 1389 O O   . HOH F 3 .   ? 13.638  -4.274  9.146   1.00 34.74 ? 243  HOH A O   1 
HETATM 1390 O O   . HOH F 3 .   ? 10.672  -10.972 -5.011  1.00 28.96 ? 244  HOH A O   1 
HETATM 1391 O O   . HOH F 3 .   ? 2.746   -23.681 0.886   1.00 15.77 ? 245  HOH A O   1 
HETATM 1392 O O   . HOH F 3 .   ? 13.063  12.464  -3.629  1.00 17.46 ? 246  HOH A O   1 
HETATM 1393 O O   . HOH F 3 .   ? -5.422  -15.176 -8.502  1.00 24.37 ? 247  HOH A O   1 
HETATM 1394 O O   . HOH F 3 .   ? 9.939   -7.992  4.656   1.00 12.72 ? 248  HOH A O   1 
HETATM 1395 O O   . HOH F 3 .   ? -11.128 -15.027 -11.073 1.00 28.85 ? 249  HOH A O   1 
HETATM 1396 O O   . HOH F 3 .   ? 13.059  19.096  10.686  1.00 30.17 ? 250  HOH A O   1 
HETATM 1397 O O   . HOH F 3 .   ? 13.559  7.331   5.167   1.00 16.60 ? 251  HOH A O   1 
HETATM 1398 O O   . HOH F 3 .   ? 6.649   14.061  -7.289  1.00 13.62 ? 252  HOH A O   1 
HETATM 1399 O O   . HOH F 3 .   ? -11.383 -12.280 -9.729  1.00 22.21 ? 253  HOH A O   1 
HETATM 1400 O O   . HOH F 3 .   ? -11.330 0.160   -18.322 1.00 26.02 ? 254  HOH A O   1 
HETATM 1401 O O   . HOH F 3 .   ? 2.071   12.159  12.422  1.00 21.15 ? 255  HOH A O   1 
HETATM 1402 O O   . HOH F 3 .   ? -12.476 -13.283 -3.709  1.00 16.06 ? 256  HOH A O   1 
HETATM 1403 O O   . HOH F 3 .   ? 6.592   -11.207 9.057   1.00 17.17 ? 257  HOH A O   1 
HETATM 1404 O O   . HOH F 3 .   ? -9.246  -8.111  8.544   1.00 16.35 ? 258  HOH A O   1 
HETATM 1405 O O   . HOH F 3 .   ? -13.307 11.039  -0.188  1.00 16.78 ? 259  HOH A O   1 
HETATM 1406 O O   . HOH F 3 .   ? -9.394  -6.494  -14.075 1.00 20.00 ? 260  HOH A O   1 
HETATM 1407 O O   . HOH F 3 .   ? 15.083  2.387   -13.064 1.00 24.19 ? 261  HOH A O   1 
HETATM 1408 O O   . HOH F 3 .   ? -17.430 8.963   -8.550  1.00 18.92 ? 262  HOH A O   1 
HETATM 1409 O O   . HOH F 3 .   ? 8.556   -14.554 -5.170  1.00 24.70 ? 263  HOH A O   1 
HETATM 1410 O O   . HOH F 3 .   ? 1.352   -1.853  16.514  1.00 29.37 ? 264  HOH A O   1 
HETATM 1411 O O   . HOH F 3 .   ? 10.634  14.277  -9.998  1.00 17.24 ? 265  HOH A O   1 
HETATM 1412 O O   . HOH F 3 .   ? 3.950   -19.039 -3.091  1.00 23.08 ? 266  HOH A O   1 
HETATM 1413 O O   . HOH F 3 .   ? -2.410  6.652   15.605  1.00 19.09 ? 267  HOH A O   1 
HETATM 1414 O O   . HOH F 3 .   ? 5.913   12.911  -9.845  1.00 24.30 ? 268  HOH A O   1 
HETATM 1415 O O   . HOH F 3 .   ? 1.442   16.876  -3.230  1.00 26.30 ? 269  HOH A O   1 
HETATM 1416 O O   . HOH F 3 .   ? -20.556 1.048   -4.927  1.00 24.12 ? 270  HOH A O   1 
HETATM 1417 O O   . HOH F 3 .   ? -10.781 9.744   0.273   1.00 18.19 ? 271  HOH A O   1 
HETATM 1418 O O   . HOH F 3 .   ? 10.178  14.207  6.186   1.00 19.54 ? 272  HOH A O   1 
HETATM 1419 O O   . HOH F 3 .   ? 6.937   -1.731  13.229  1.00 19.97 ? 273  HOH A O   1 
HETATM 1420 O O   . HOH F 3 .   ? 11.071  15.013  11.855  1.00 20.67 ? 274  HOH A O   1 
HETATM 1421 O O   . HOH F 3 .   ? -1.682  16.430  -6.667  1.00 24.45 ? 275  HOH A O   1 
HETATM 1422 O O   . HOH F 3 .   ? 15.817  4.667   -1.712  1.00 21.04 ? 276  HOH A O   1 
HETATM 1423 O O   . HOH F 3 .   ? -3.165  -16.556 -2.978  1.00 28.14 ? 277  HOH A O   1 
HETATM 1424 O O   . HOH F 3 .   ? -14.392 12.158  -8.587  1.00 21.04 ? 278  HOH A O   1 
HETATM 1425 O O   . HOH F 3 .   ? 7.207   9.396   11.042  1.00 24.73 ? 279  HOH A O   1 
HETATM 1426 O O   . HOH F 3 .   ? 3.858   -23.778 4.177   1.00 22.32 ? 280  HOH A O   1 
HETATM 1427 O O   . HOH F 3 .   ? -17.725 7.743   -2.643  1.00 21.32 ? 281  HOH A O   1 
HETATM 1428 O O   . HOH F 3 .   ? -3.930  14.378  9.468   1.00 24.74 ? 282  HOH A O   1 
HETATM 1429 O O   . HOH F 3 .   ? 13.018  4.095   -16.647 1.00 26.30 ? 283  HOH A O   1 
HETATM 1430 O O   . HOH F 3 .   ? -11.240 -8.782  -14.420 1.00 16.78 ? 284  HOH A O   1 
HETATM 1431 O O   . HOH F 3 .   ? -4.508  -11.323 14.287  1.00 21.24 ? 285  HOH A O   1 
HETATM 1432 O O   . HOH F 3 .   ? 1.479   -7.953  -7.079  1.00 21.38 ? 286  HOH A O   1 
HETATM 1433 O O   . HOH F 3 .   ? 3.790   -17.384 5.658   1.00 26.08 ? 287  HOH A O   1 
HETATM 1434 O O   . HOH F 3 .   ? 3.509   7.021   17.362  1.00 32.92 ? 288  HOH A O   1 
HETATM 1435 O O   . HOH F 3 .   ? -16.552 -9.046  5.630   1.00 21.12 ? 289  HOH A O   1 
HETATM 1436 O O   . HOH F 3 .   ? 0.808   -16.324 12.521  1.00 22.26 ? 290  HOH A O   1 
HETATM 1437 O O   . HOH F 3 .   ? 0.269   20.505  -10.557 1.00 30.78 ? 291  HOH A O   1 
HETATM 1438 O O   . HOH F 3 .   ? 18.339  7.878   1.197   1.00 20.94 ? 292  HOH A O   1 
HETATM 1439 O O   . HOH F 3 .   ? -15.111 4.676   -13.430 1.00 30.18 ? 293  HOH A O   1 
HETATM 1440 O O   . HOH F 3 .   ? 7.740   -10.249 12.190  1.00 34.20 ? 294  HOH A O   1 
HETATM 1441 O O   . HOH F 3 .   ? 15.448  -14.993 1.982   1.00 24.18 ? 295  HOH A O   1 
HETATM 1442 O O   . HOH F 3 .   ? -13.908 10.871  -10.857 1.00 21.95 ? 296  HOH A O   1 
HETATM 1443 O O   . HOH F 3 .   ? -8.802  8.620   -15.006 1.00 38.45 ? 297  HOH A O   1 
HETATM 1444 O O   . HOH F 3 .   ? -18.975 1.202   -8.304  1.00 15.23 ? 298  HOH A O   1 
HETATM 1445 O O   . HOH F 3 .   ? -11.059 -0.196  14.514  1.00 33.31 ? 299  HOH A O   1 
HETATM 1446 O O   . HOH F 3 .   ? -8.794  0.757   15.437  1.00 29.54 ? 300  HOH A O   1 
HETATM 1447 O O   . HOH F 3 .   ? -1.782  10.561  11.572  1.00 19.72 ? 301  HOH A O   1 
HETATM 1448 O O   . HOH F 3 .   ? 10.464  -6.520  7.122   1.00 21.38 ? 302  HOH A O   1 
HETATM 1449 O O   . HOH F 3 .   ? 0.921   -18.011 10.166  1.00 23.23 ? 303  HOH A O   1 
# 
loop_
_pdbx_poly_seq_scheme.asym_id 
_pdbx_poly_seq_scheme.entity_id 
_pdbx_poly_seq_scheme.seq_id 
_pdbx_poly_seq_scheme.mon_id 
_pdbx_poly_seq_scheme.ndb_seq_num 
_pdbx_poly_seq_scheme.pdb_seq_num 
_pdbx_poly_seq_scheme.auth_seq_num 
_pdbx_poly_seq_scheme.pdb_mon_id 
_pdbx_poly_seq_scheme.auth_mon_id 
_pdbx_poly_seq_scheme.pdb_strand_id 
_pdbx_poly_seq_scheme.pdb_ins_code 
_pdbx_poly_seq_scheme.hetero 
A 1 1   MET 1   -18 ?   ?   ?   A . n 
A 1 2   GLY 2   -17 ?   ?   ?   A . n 
A 1 3   SER 3   -16 ?   ?   ?   A . n 
A 1 4   SER 4   -15 ?   ?   ?   A . n 
A 1 5   HIS 5   -14 ?   ?   ?   A . n 
A 1 6   HIS 6   -13 ?   ?   ?   A . n 
A 1 7   HIS 7   -12 ?   ?   ?   A . n 
A 1 8   HIS 8   -11 ?   ?   ?   A . n 
A 1 9   HIS 9   -10 ?   ?   ?   A . n 
A 1 10  HIS 10  -9  ?   ?   ?   A . n 
A 1 11  SER 11  -8  ?   ?   ?   A . n 
A 1 12  SER 12  -7  ?   ?   ?   A . n 
A 1 13  GLY 13  -6  ?   ?   ?   A . n 
A 1 14  LEU 14  -5  ?   ?   ?   A . n 
A 1 15  VAL 15  -4  ?   ?   ?   A . n 
A 1 16  PRO 16  -3  ?   ?   ?   A . n 
A 1 17  ARG 17  -2  ?   ?   ?   A . n 
A 1 18  GLY 18  -1  ?   ?   ?   A . n 
A 1 19  SER 19  0   ?   ?   ?   A . n 
A 1 20  MET 20  1   ?   ?   ?   A . n 
A 1 21  GLY 21  2   ?   ?   ?   A . n 
A 1 22  ILE 22  3   ?   ?   ?   A . n 
A 1 23  LYS 23  4   ?   ?   ?   A . n 
A 1 24  VAL 24  5   ?   ?   ?   A . n 
A 1 25  GLN 25  6   ?   ?   ?   A . n 
A 1 26  ARG 26  7   7   ARG ARG A . n 
A 1 27  PRO 27  8   8   PRO PRO A . n 
A 1 28  ARG 28  9   9   ARG ARG A . n 
A 1 29  CYS 29  10  10  CYS CYS A . n 
A 1 30  PHE 30  11  11  PHE PHE A . n 
A 1 31  PHE 31  12  12  PHE PHE A . n 
A 1 32  ASP 32  13  13  ASP ASP A . n 
A 1 33  ILE 33  14  14  ILE ILE A . n 
A 1 34  ALA 34  15  15  ALA ALA A . n 
A 1 35  ILE 35  16  16  ILE ILE A . n 
A 1 36  ASN 36  17  17  ASN ASN A . n 
A 1 37  ASN 37  18  18  ASN ASN A . n 
A 1 38  GLN 38  19  19  GLN GLN A . n 
A 1 39  PRO 39  20  20  PRO PRO A . n 
A 1 40  ALA 40  21  21  ALA ALA A . n 
A 1 41  GLY 41  22  22  GLY GLY A . n 
A 1 42  ARG 42  23  23  ARG ARG A . n 
A 1 43  VAL 43  24  24  VAL VAL A . n 
A 1 44  VAL 44  25  25  VAL VAL A . n 
A 1 45  PHE 45  26  26  PHE PHE A . n 
A 1 46  GLU 46  27  27  GLU GLU A . n 
A 1 47  LEU 47  28  28  LEU LEU A . n 
A 1 48  PHE 48  29  29  PHE PHE A . n 
A 1 49  SER 49  30  30  SER SER A . n 
A 1 50  ASP 50  31  31  ASP ASP A . n 
A 1 51  VAL 51  32  32  VAL VAL A . n 
A 1 52  CYS 52  33  33  CYS CYS A . n 
A 1 53  PRO 53  34  34  PRO PRO A . n 
A 1 54  LYS 54  35  35  LYS LYS A . n 
A 1 55  THR 55  36  36  THR THR A . n 
A 1 56  CYS 56  37  37  CYS CYS A . n 
A 1 57  GLU 57  38  38  GLU GLU A . n 
A 1 58  ASN 58  39  39  ASN ASN A . n 
A 1 59  PHE 59  40  40  PHE PHE A . n 
A 1 60  ARG 60  41  41  ARG ARG A . n 
A 1 61  CYS 61  42  42  CYS CYS A . n 
A 1 62  LEU 62  43  43  LEU LEU A . n 
A 1 63  CYS 63  44  44  CYS CYS A . n 
A 1 64  THR 64  45  45  THR THR A . n 
A 1 65  GLY 65  46  46  GLY GLY A . n 
A 1 66  GLU 66  47  47  GLU GLU A . n 
A 1 67  LYS 67  48  48  LYS LYS A . n 
A 1 68  GLY 68  49  49  GLY GLY A . n 
A 1 69  THR 69  50  50  THR THR A . n 
A 1 70  GLY 70  51  51  GLY GLY A . n 
A 1 71  LYS 71  52  52  LYS LYS A . n 
A 1 72  SER 72  53  53  SER SER A . n 
A 1 73  THR 73  54  54  THR THR A . n 
A 1 74  GLN 74  55  55  GLN GLN A . n 
A 1 75  LYS 75  56  56  LYS LYS A . n 
A 1 76  PRO 76  57  57  PRO PRO A . n 
A 1 77  LEU 77  58  58  LEU LEU A . n 
A 1 78  HIS 78  59  59  HIS HIS A . n 
A 1 79  TYR 79  60  60  TYR TYR A . n 
A 1 80  LYS 80  61  61  LYS LYS A . n 
A 1 81  SER 81  62  62  SER SER A . n 
A 1 82  CYS 82  63  63  CYS CYS A . n 
A 1 83  LEU 83  64  64  LEU LEU A . n 
A 1 84  PHE 84  65  65  PHE PHE A . n 
A 1 85  HIS 85  66  66  HIS HIS A . n 
A 1 86  ARG 86  67  67  ARG ARG A . n 
A 1 87  VAL 87  68  68  VAL VAL A . n 
A 1 88  VAL 88  69  69  VAL VAL A . n 
A 1 89  LYS 89  70  70  LYS LYS A . n 
A 1 90  ASP 90  71  71  ASP ASP A . n 
A 1 91  PHE 91  72  72  PHE PHE A . n 
A 1 92  MET 92  73  73  MET MET A . n 
A 1 93  VAL 93  74  74  VAL VAL A . n 
A 1 94  GLN 94  75  75  GLN GLN A . n 
A 1 95  GLY 95  76  76  GLY GLY A . n 
A 1 96  GLY 96  77  77  GLY GLY A . n 
A 1 97  ASP 97  78  78  ASP ASP A . n 
A 1 98  PHE 98  79  79  PHE PHE A . n 
A 1 99  SER 99  80  80  SER SER A . n 
A 1 100 GLU 100 81  81  GLU GLU A . n 
A 1 101 GLY 101 82  82  GLY GLY A . n 
A 1 102 ASN 102 83  83  ASN ASN A . n 
A 1 103 GLY 103 84  84  GLY GLY A . n 
A 1 104 ARG 104 85  85  ARG ARG A . n 
A 1 105 GLY 105 86  86  GLY GLY A . n 
A 1 106 GLY 106 87  87  GLY GLY A . n 
A 1 107 GLU 107 88  88  GLU GLU A . n 
A 1 108 SER 108 89  89  SER SER A . n 
A 1 109 ILE 109 90  90  ILE ILE A . n 
A 1 110 TYR 110 91  91  TYR TYR A . n 
A 1 111 GLY 111 92  92  GLY GLY A . n 
A 1 112 GLY 112 93  93  GLY GLY A . n 
A 1 113 PHE 113 94  94  PHE PHE A . n 
A 1 114 PHE 114 95  95  PHE PHE A . n 
A 1 115 GLU 115 96  96  GLU GLU A . n 
A 1 116 ASP 116 97  97  ASP ASP A . n 
A 1 117 GLU 117 98  98  GLU GLU A . n 
A 1 118 SER 118 99  99  SER SER A . n 
A 1 119 PHE 119 100 100 PHE PHE A . n 
A 1 120 ALA 120 101 101 ALA ALA A . n 
A 1 121 VAL 121 102 102 VAL VAL A . n 
A 1 122 LYS 122 103 103 LYS LYS A . n 
A 1 123 HIS 123 104 104 HIS HIS A . n 
A 1 124 ASN 124 105 105 ASN ASN A . n 
A 1 125 ALA 125 106 106 ALA ALA A . n 
A 1 126 ALA 126 107 107 ALA ALA A . n 
A 1 127 PHE 127 108 108 PHE PHE A . n 
A 1 128 LEU 128 109 109 LEU LEU A . n 
A 1 129 LEU 129 110 110 LEU LEU A . n 
A 1 130 SER 130 111 111 SER SER A . n 
A 1 131 MET 131 112 112 MET MET A . n 
A 1 132 ALA 132 113 113 ALA ALA A . n 
A 1 133 ASN 133 114 114 ASN ASN A . n 
A 1 134 ARG 134 115 115 ARG ARG A . n 
A 1 135 GLY 135 116 116 GLY GLY A . n 
A 1 136 LYS 136 117 117 LYS LYS A . n 
A 1 137 ASP 137 118 118 ASP ASP A . n 
A 1 138 THR 138 119 119 THR THR A . n 
A 1 139 ASN 139 120 120 ASN ASN A . n 
A 1 140 GLY 140 121 121 GLY GLY A . n 
A 1 141 SER 141 122 122 SER SER A . n 
A 1 142 GLN 142 123 123 GLN GLN A . n 
A 1 143 PHE 143 124 124 PHE PHE A . n 
A 1 144 PHE 144 125 125 PHE PHE A . n 
A 1 145 ILE 145 126 126 ILE ILE A . n 
A 1 146 THR 146 127 127 THR THR A . n 
A 1 147 THR 147 128 128 THR THR A . n 
A 1 148 LYS 148 129 129 LYS LYS A . n 
A 1 149 PRO 149 130 130 PRO PRO A . n 
A 1 150 THR 150 131 131 THR THR A . n 
A 1 151 PRO 151 132 132 PRO PRO A . n 
A 1 152 HIS 152 133 133 HIS HIS A . n 
A 1 153 LEU 153 134 134 LEU LEU A . n 
A 1 154 ASP 154 135 135 ASP ASP A . n 
A 1 155 GLY 155 136 136 GLY GLY A . n 
A 1 156 HIS 156 137 137 HIS HIS A . n 
A 1 157 HIS 157 138 138 HIS HIS A . n 
A 1 158 VAL 158 139 139 VAL VAL A . n 
A 1 159 VAL 159 140 140 VAL VAL A . n 
A 1 160 PHE 160 141 141 PHE PHE A . n 
A 1 161 GLY 161 142 142 GLY GLY A . n 
A 1 162 GLN 162 143 143 GLN GLN A . n 
A 1 163 VAL 163 144 144 VAL VAL A . n 
A 1 164 ILE 164 145 145 ILE ILE A . n 
A 1 165 SER 165 146 146 SER SER A . n 
A 1 166 GLY 166 147 147 GLY GLY A . n 
A 1 167 GLN 167 148 148 GLN GLN A . n 
A 1 168 GLU 168 149 149 GLU GLU A . n 
A 1 169 VAL 169 150 150 VAL VAL A . n 
A 1 170 VAL 170 151 151 VAL VAL A . n 
A 1 171 ARG 171 152 152 ARG ARG A . n 
A 1 172 GLU 172 153 153 GLU GLU A . n 
A 1 173 ILE 173 154 154 ILE ILE A . n 
A 1 174 GLU 174 155 155 GLU GLU A . n 
A 1 175 ASN 175 156 156 ASN ASN A . n 
A 1 176 GLN 176 157 157 GLN GLN A . n 
A 1 177 LYS 177 158 158 LYS LYS A . n 
A 1 178 THR 178 159 159 THR THR A . n 
A 1 179 ASP 179 160 160 ASP ASP A . n 
A 1 180 ALA 180 161 161 ALA ALA A . n 
A 1 181 ALA 181 162 162 ALA ALA A . n 
A 1 182 SER 182 163 163 SER SER A . n 
A 1 183 LYS 183 164 164 LYS LYS A . n 
A 1 184 PRO 184 165 165 PRO PRO A . n 
A 1 185 PHE 185 166 166 PHE PHE A . n 
A 1 186 ALA 186 167 167 ALA ALA A . n 
A 1 187 GLU 187 168 168 GLU GLU A . n 
A 1 188 VAL 188 169 169 VAL VAL A . n 
A 1 189 ARG 189 170 170 ARG ARG A . n 
A 1 190 ILE 190 171 171 ILE ILE A . n 
A 1 191 LEU 191 172 172 LEU LEU A . n 
A 1 192 SER 192 173 173 SER SER A . n 
A 1 193 CYS 193 174 174 CYS CYS A . n 
A 1 194 GLY 194 175 175 GLY GLY A . n 
A 1 195 GLU 195 176 176 GLU GLU A . n 
A 1 196 LEU 196 177 177 LEU LEU A . n 
A 1 197 ILE 197 178 178 ILE ILE A . n 
A 1 198 PRO 198 179 179 PRO PRO A . n 
# 
_pdbx_SG_project.id                    1 
_pdbx_SG_project.project_name          ? 
_pdbx_SG_project.full_name_of_center   'Structural Genomics Consortium' 
_pdbx_SG_project.initial_of_center     SGC 
# 
loop_
_pdbx_nonpoly_scheme.asym_id 
_pdbx_nonpoly_scheme.entity_id 
_pdbx_nonpoly_scheme.mon_id 
_pdbx_nonpoly_scheme.ndb_seq_num 
_pdbx_nonpoly_scheme.pdb_seq_num 
_pdbx_nonpoly_scheme.auth_seq_num 
_pdbx_nonpoly_scheme.pdb_mon_id 
_pdbx_nonpoly_scheme.auth_mon_id 
_pdbx_nonpoly_scheme.pdb_strand_id 
_pdbx_nonpoly_scheme.pdb_ins_code 
B 2 UNX 1   1001 1001 UNX UNX A . 
C 2 UNX 1   1002 1002 UNX UNX A . 
D 2 UNX 1   1003 1003 UNX UNX A . 
E 2 UNX 1   1004 1004 UNX UNX A . 
F 3 HOH 1   201  201  HOH HOH A . 
F 3 HOH 2   202  202  HOH HOH A . 
F 3 HOH 3   203  203  HOH HOH A . 
F 3 HOH 4   204  204  HOH HOH A . 
F 3 HOH 5   205  205  HOH HOH A . 
F 3 HOH 6   206  206  HOH HOH A . 
F 3 HOH 7   207  207  HOH HOH A . 
F 3 HOH 8   208  208  HOH HOH A . 
F 3 HOH 9   209  209  HOH HOH A . 
F 3 HOH 10  210  210  HOH HOH A . 
F 3 HOH 11  211  211  HOH HOH A . 
F 3 HOH 12  212  212  HOH HOH A . 
F 3 HOH 13  213  213  HOH HOH A . 
F 3 HOH 14  214  214  HOH HOH A . 
F 3 HOH 15  215  215  HOH HOH A . 
F 3 HOH 16  216  216  HOH HOH A . 
F 3 HOH 17  217  217  HOH HOH A . 
F 3 HOH 18  218  218  HOH HOH A . 
F 3 HOH 19  219  219  HOH HOH A . 
F 3 HOH 20  220  220  HOH HOH A . 
F 3 HOH 21  221  221  HOH HOH A . 
F 3 HOH 22  222  222  HOH HOH A . 
F 3 HOH 23  223  223  HOH HOH A . 
F 3 HOH 24  224  224  HOH HOH A . 
F 3 HOH 25  225  225  HOH HOH A . 
F 3 HOH 26  226  226  HOH HOH A . 
F 3 HOH 27  227  227  HOH HOH A . 
F 3 HOH 28  228  228  HOH HOH A . 
F 3 HOH 29  229  229  HOH HOH A . 
F 3 HOH 30  230  230  HOH HOH A . 
F 3 HOH 31  231  231  HOH HOH A . 
F 3 HOH 32  232  232  HOH HOH A . 
F 3 HOH 33  233  233  HOH HOH A . 
F 3 HOH 34  234  234  HOH HOH A . 
F 3 HOH 35  235  235  HOH HOH A . 
F 3 HOH 36  236  236  HOH HOH A . 
F 3 HOH 37  237  237  HOH HOH A . 
F 3 HOH 38  238  238  HOH HOH A . 
F 3 HOH 39  239  239  HOH HOH A . 
F 3 HOH 40  240  240  HOH HOH A . 
F 3 HOH 41  241  241  HOH HOH A . 
F 3 HOH 42  242  242  HOH HOH A . 
F 3 HOH 43  243  243  HOH HOH A . 
F 3 HOH 44  244  244  HOH HOH A . 
F 3 HOH 45  245  245  HOH HOH A . 
F 3 HOH 46  246  246  HOH HOH A . 
F 3 HOH 47  247  247  HOH HOH A . 
F 3 HOH 48  248  248  HOH HOH A . 
F 3 HOH 49  249  249  HOH HOH A . 
F 3 HOH 50  250  250  HOH HOH A . 
F 3 HOH 51  251  251  HOH HOH A . 
F 3 HOH 52  252  252  HOH HOH A . 
F 3 HOH 53  253  253  HOH HOH A . 
F 3 HOH 54  254  254  HOH HOH A . 
F 3 HOH 55  255  255  HOH HOH A . 
F 3 HOH 56  256  256  HOH HOH A . 
F 3 HOH 57  257  257  HOH HOH A . 
F 3 HOH 58  258  258  HOH HOH A . 
F 3 HOH 59  259  259  HOH HOH A . 
F 3 HOH 60  260  260  HOH HOH A . 
F 3 HOH 61  261  261  HOH HOH A . 
F 3 HOH 62  262  262  HOH HOH A . 
F 3 HOH 63  263  263  HOH HOH A . 
F 3 HOH 64  264  264  HOH HOH A . 
F 3 HOH 65  265  265  HOH HOH A . 
F 3 HOH 66  266  266  HOH HOH A . 
F 3 HOH 67  267  267  HOH HOH A . 
F 3 HOH 68  268  268  HOH HOH A . 
F 3 HOH 69  269  269  HOH HOH A . 
F 3 HOH 70  270  270  HOH HOH A . 
F 3 HOH 71  271  271  HOH HOH A . 
F 3 HOH 72  272  272  HOH HOH A . 
F 3 HOH 73  273  273  HOH HOH A . 
F 3 HOH 74  274  274  HOH HOH A . 
F 3 HOH 75  275  275  HOH HOH A . 
F 3 HOH 76  276  276  HOH HOH A . 
F 3 HOH 77  277  277  HOH HOH A . 
F 3 HOH 78  278  278  HOH HOH A . 
F 3 HOH 79  279  279  HOH HOH A . 
F 3 HOH 80  280  280  HOH HOH A . 
F 3 HOH 81  281  281  HOH HOH A . 
F 3 HOH 82  282  282  HOH HOH A . 
F 3 HOH 83  283  283  HOH HOH A . 
F 3 HOH 84  284  284  HOH HOH A . 
F 3 HOH 85  285  285  HOH HOH A . 
F 3 HOH 86  286  286  HOH HOH A . 
F 3 HOH 87  287  287  HOH HOH A . 
F 3 HOH 88  288  288  HOH HOH A . 
F 3 HOH 89  289  289  HOH HOH A . 
F 3 HOH 90  290  290  HOH HOH A . 
F 3 HOH 91  291  291  HOH HOH A . 
F 3 HOH 92  292  292  HOH HOH A . 
F 3 HOH 93  293  293  HOH HOH A . 
F 3 HOH 94  294  294  HOH HOH A . 
F 3 HOH 95  295  295  HOH HOH A . 
F 3 HOH 96  296  296  HOH HOH A . 
F 3 HOH 97  297  297  HOH HOH A . 
F 3 HOH 98  298  298  HOH HOH A . 
F 3 HOH 99  299  299  HOH HOH A . 
F 3 HOH 100 300  300  HOH HOH A . 
F 3 HOH 101 301  301  HOH HOH A . 
F 3 HOH 102 302  302  HOH HOH A . 
F 3 HOH 103 303  303  HOH HOH A . 
# 
_pdbx_struct_assembly.id                   1 
_pdbx_struct_assembly.details              author_defined_assembly 
_pdbx_struct_assembly.method_details       ? 
_pdbx_struct_assembly.oligomeric_details   monomeric 
_pdbx_struct_assembly.oligomeric_count     1 
# 
_pdbx_struct_assembly_gen.assembly_id       1 
_pdbx_struct_assembly_gen.oper_expression   1 
_pdbx_struct_assembly_gen.asym_id_list      A,B,C,D,E,F 
# 
_pdbx_struct_oper_list.id                   1 
_pdbx_struct_oper_list.type                 'identity operation' 
_pdbx_struct_oper_list.name                 1_555 
_pdbx_struct_oper_list.symmetry_operation   x,y,z 
_pdbx_struct_oper_list.matrix[1][1]         1.0000000000 
_pdbx_struct_oper_list.matrix[1][2]         0.0000000000 
_pdbx_struct_oper_list.matrix[1][3]         0.0000000000 
_pdbx_struct_oper_list.vector[1]            0.0000000000 
_pdbx_struct_oper_list.matrix[2][1]         0.0000000000 
_pdbx_struct_oper_list.matrix[2][2]         1.0000000000 
_pdbx_struct_oper_list.matrix[2][3]         0.0000000000 
_pdbx_struct_oper_list.vector[2]            0.0000000000 
_pdbx_struct_oper_list.matrix[3][1]         0.0000000000 
_pdbx_struct_oper_list.matrix[3][2]         0.0000000000 
_pdbx_struct_oper_list.matrix[3][3]         1.0000000000 
_pdbx_struct_oper_list.vector[3]            0.0000000000 
# 
loop_
_pdbx_audit_revision_history.ordinal 
_pdbx_audit_revision_history.data_content_type 
_pdbx_audit_revision_history.major_revision 
_pdbx_audit_revision_history.minor_revision 
_pdbx_audit_revision_history.revision_date 
1 'Structure model' 1 0 2006-06-13 
2 'Structure model' 1 1 2008-05-01 
3 'Structure model' 1 2 2011-07-13 
4 'Structure model' 1 3 2017-10-18 
5 'Structure model' 1 4 2018-02-07 
6 'Structure model' 1 5 2021-10-20 
7 'Structure model' 1 6 2023-08-30 
# 
_pdbx_audit_revision_details.ordinal             1 
_pdbx_audit_revision_details.revision_ordinal    1 
_pdbx_audit_revision_details.data_content_type   'Structure model' 
_pdbx_audit_revision_details.provider            repository 
_pdbx_audit_revision_details.type                'Initial release' 
_pdbx_audit_revision_details.description         ? 
_pdbx_audit_revision_details.details             ? 
# 
loop_
_pdbx_audit_revision_group.ordinal 
_pdbx_audit_revision_group.revision_ordinal 
_pdbx_audit_revision_group.data_content_type 
_pdbx_audit_revision_group.group 
1 2 'Structure model' 'Version format compliance' 
2 3 'Structure model' 'Version format compliance' 
3 4 'Structure model' 'Refinement description'    
4 5 'Structure model' 'Database references'       
5 6 'Structure model' 'Database references'       
6 6 'Structure model' 'Derived calculations'      
7 7 'Structure model' 'Data collection'           
8 7 'Structure model' 'Refinement description'    
# 
loop_
_pdbx_audit_revision_category.ordinal 
_pdbx_audit_revision_category.revision_ordinal 
_pdbx_audit_revision_category.data_content_type 
_pdbx_audit_revision_category.category 
1 4 'Structure model' software                      
2 5 'Structure model' citation                      
3 5 'Structure model' citation_author               
4 6 'Structure model' database_2                    
5 6 'Structure model' struct_ref_seq_dif            
6 6 'Structure model' struct_site                   
7 7 'Structure model' chem_comp_atom                
8 7 'Structure model' chem_comp_bond                
9 7 'Structure model' pdbx_initial_refinement_model 
# 
loop_
_pdbx_audit_revision_item.ordinal 
_pdbx_audit_revision_item.revision_ordinal 
_pdbx_audit_revision_item.data_content_type 
_pdbx_audit_revision_item.item 
1  4 'Structure model' '_software.classification'            
2  4 'Structure model' '_software.contact_author'            
3  4 'Structure model' '_software.contact_author_email'      
4  4 'Structure model' '_software.date'                      
5  4 'Structure model' '_software.language'                  
6  4 'Structure model' '_software.location'                  
7  4 'Structure model' '_software.name'                      
8  4 'Structure model' '_software.type'                      
9  4 'Structure model' '_software.version'                   
10 5 'Structure model' '_citation.country'                   
11 5 'Structure model' '_citation.journal_abbrev'            
12 5 'Structure model' '_citation.journal_id_CSD'            
13 5 'Structure model' '_citation.journal_id_ISSN'           
14 5 'Structure model' '_citation.journal_volume'            
15 5 'Structure model' '_citation.page_first'                
16 5 'Structure model' '_citation.page_last'                 
17 5 'Structure model' '_citation.pdbx_database_id_DOI'      
18 5 'Structure model' '_citation.pdbx_database_id_PubMed'   
19 5 'Structure model' '_citation.title'                     
20 5 'Structure model' '_citation.year'                      
21 6 'Structure model' '_database_2.pdbx_DOI'                
22 6 'Structure model' '_database_2.pdbx_database_accession' 
23 6 'Structure model' '_struct_ref_seq_dif.details'         
24 6 'Structure model' '_struct_site.pdbx_auth_asym_id'      
25 6 'Structure model' '_struct_site.pdbx_auth_comp_id'      
26 6 'Structure model' '_struct_site.pdbx_auth_seq_id'       
# 
loop_
_software.name 
_software.version 
_software.date 
_software.type 
_software.contact_author 
_software.contact_author_email 
_software.classification 
_software.location 
_software.language 
_software.citation_id 
_software.pdbx_ordinal 
DENZO       .               ?              package 'Zbyszek Otwinowski' zbyszek@mix.swmed.edu       'data reduction'  
http://www.lnls.br/infra/linhasluz/denzo-hkl.htm ?       ? 1 
SCALEPACK   .               ?              package 'Zbyszek Otwinowski' zbyszek@mix.swmed.edu       'data scaling'    
http://www.lnls.br/infra/linhasluz/denzo-hkl.htm ?       ? 2 
PHASER      .               ?              ?       'R. J. Read'         cimr-phaser@lists.cam.ac.uk phasing           
http://www-structmed.cimr.cam.ac.uk/phaser/      ?       ? 3 
REFMAC      refmac_5.2.0019 24/04/2001     ?       'Murshudov, G.N.'    ccp4@dl.ac.uk               refinement        
http://www.ccp4.ac.uk/main.html                  Fortran ? 4 
PDB_EXTRACT 1.701           'Nov. 1, 2005' package PDB                  sw-help@rcsb.rutgers.edu    'data extraction' 
http://pdb.rutgers.edu/software/                 C++     ? 5 
# 
_pdbx_database_remark.id     300 
_pdbx_database_remark.text   
;BIOMOLECULE:
THIS ENTRY CONTAINS THE CRYSTALLOGRAPHIC ASYMMETRIC UNIT
WHICH CONSISTS OF 1 CHAIN(S). THE BIOLOGICAL MOLECULE
FOR THE PROTEIN IS UNKNOWN.
;
# 
_pdbx_validate_rmsd_bond.id                        1 
_pdbx_validate_rmsd_bond.PDB_model_num             1 
_pdbx_validate_rmsd_bond.auth_atom_id_1            CB 
_pdbx_validate_rmsd_bond.auth_asym_id_1            A 
_pdbx_validate_rmsd_bond.auth_comp_id_1            CYS 
_pdbx_validate_rmsd_bond.auth_seq_id_1             42 
_pdbx_validate_rmsd_bond.PDB_ins_code_1            ? 
_pdbx_validate_rmsd_bond.label_alt_id_1            ? 
_pdbx_validate_rmsd_bond.auth_atom_id_2            SG 
_pdbx_validate_rmsd_bond.auth_asym_id_2            A 
_pdbx_validate_rmsd_bond.auth_comp_id_2            CYS 
_pdbx_validate_rmsd_bond.auth_seq_id_2             42 
_pdbx_validate_rmsd_bond.PDB_ins_code_2            ? 
_pdbx_validate_rmsd_bond.label_alt_id_2            ? 
_pdbx_validate_rmsd_bond.bond_value                1.712 
_pdbx_validate_rmsd_bond.bond_target_value         1.812 
_pdbx_validate_rmsd_bond.bond_deviation            -0.100 
_pdbx_validate_rmsd_bond.bond_standard_deviation   0.016 
_pdbx_validate_rmsd_bond.linker_flag               N 
# 
_pdbx_validate_torsion.id              1 
_pdbx_validate_torsion.PDB_model_num   1 
_pdbx_validate_torsion.auth_comp_id    PHE 
_pdbx_validate_torsion.auth_asym_id    A 
_pdbx_validate_torsion.auth_seq_id     72 
_pdbx_validate_torsion.PDB_ins_code    ? 
_pdbx_validate_torsion.label_alt_id    ? 
_pdbx_validate_torsion.phi             -137.62 
_pdbx_validate_torsion.psi             -70.58 
# 
loop_
_pdbx_unobs_or_zero_occ_atoms.id 
_pdbx_unobs_or_zero_occ_atoms.PDB_model_num 
_pdbx_unobs_or_zero_occ_atoms.polymer_flag 
_pdbx_unobs_or_zero_occ_atoms.occupancy_flag 
_pdbx_unobs_or_zero_occ_atoms.auth_asym_id 
_pdbx_unobs_or_zero_occ_atoms.auth_comp_id 
_pdbx_unobs_or_zero_occ_atoms.auth_seq_id 
_pdbx_unobs_or_zero_occ_atoms.PDB_ins_code 
_pdbx_unobs_or_zero_occ_atoms.auth_atom_id 
_pdbx_unobs_or_zero_occ_atoms.label_alt_id 
_pdbx_unobs_or_zero_occ_atoms.label_asym_id 
_pdbx_unobs_or_zero_occ_atoms.label_comp_id 
_pdbx_unobs_or_zero_occ_atoms.label_seq_id 
_pdbx_unobs_or_zero_occ_atoms.label_atom_id 
1 1 Y 1 A ARG 85  ? CZ  ? A ARG 104 CZ  
2 1 Y 1 A ARG 85  ? NH1 ? A ARG 104 NH1 
3 1 Y 1 A ARG 85  ? NH2 ? A ARG 104 NH2 
4 1 Y 1 A ARG 170 ? CZ  ? A ARG 189 CZ  
5 1 Y 1 A ARG 170 ? NH1 ? A ARG 189 NH1 
6 1 Y 1 A ARG 170 ? NH2 ? A ARG 189 NH2 
# 
loop_
_pdbx_unobs_or_zero_occ_residues.id 
_pdbx_unobs_or_zero_occ_residues.PDB_model_num 
_pdbx_unobs_or_zero_occ_residues.polymer_flag 
_pdbx_unobs_or_zero_occ_residues.occupancy_flag 
_pdbx_unobs_or_zero_occ_residues.auth_asym_id 
_pdbx_unobs_or_zero_occ_residues.auth_comp_id 
_pdbx_unobs_or_zero_occ_residues.auth_seq_id 
_pdbx_unobs_or_zero_occ_residues.PDB_ins_code 
_pdbx_unobs_or_zero_occ_residues.label_asym_id 
_pdbx_unobs_or_zero_occ_residues.label_comp_id 
_pdbx_unobs_or_zero_occ_residues.label_seq_id 
1  1 Y 1 A MET -18 ? A MET 1  
2  1 Y 1 A GLY -17 ? A GLY 2  
3  1 Y 1 A SER -16 ? A SER 3  
4  1 Y 1 A SER -15 ? A SER 4  
5  1 Y 1 A HIS -14 ? A HIS 5  
6  1 Y 1 A HIS -13 ? A HIS 6  
7  1 Y 1 A HIS -12 ? A HIS 7  
8  1 Y 1 A HIS -11 ? A HIS 8  
9  1 Y 1 A HIS -10 ? A HIS 9  
10 1 Y 1 A HIS -9  ? A HIS 10 
11 1 Y 1 A SER -8  ? A SER 11 
12 1 Y 1 A SER -7  ? A SER 12 
13 1 Y 1 A GLY -6  ? A GLY 13 
14 1 Y 1 A LEU -5  ? A LEU 14 
15 1 Y 1 A VAL -4  ? A VAL 15 
16 1 Y 1 A PRO -3  ? A PRO 16 
17 1 Y 1 A ARG -2  ? A ARG 17 
18 1 Y 1 A GLY -1  ? A GLY 18 
19 1 Y 1 A SER 0   ? A SER 19 
20 1 Y 1 A MET 1   ? A MET 20 
21 1 Y 1 A GLY 2   ? A GLY 21 
22 1 Y 1 A ILE 3   ? A ILE 22 
23 1 Y 1 A LYS 4   ? A LYS 23 
24 1 Y 1 A VAL 5   ? A VAL 24 
25 1 Y 1 A GLN 6   ? A GLN 25 
# 
loop_
_chem_comp_atom.comp_id 
_chem_comp_atom.atom_id 
_chem_comp_atom.type_symbol 
_chem_comp_atom.pdbx_aromatic_flag 
_chem_comp_atom.pdbx_stereo_config 
_chem_comp_atom.pdbx_ordinal 
ALA N    N N N 1   
ALA CA   C N S 2   
ALA C    C N N 3   
ALA O    O N N 4   
ALA CB   C N N 5   
ALA OXT  O N N 6   
ALA H    H N N 7   
ALA H2   H N N 8   
ALA HA   H N N 9   
ALA HB1  H N N 10  
ALA HB2  H N N 11  
ALA HB3  H N N 12  
ALA HXT  H N N 13  
ARG N    N N N 14  
ARG CA   C N S 15  
ARG C    C N N 16  
ARG O    O N N 17  
ARG CB   C N N 18  
ARG CG   C N N 19  
ARG CD   C N N 20  
ARG NE   N N N 21  
ARG CZ   C N N 22  
ARG NH1  N N N 23  
ARG NH2  N N N 24  
ARG OXT  O N N 25  
ARG H    H N N 26  
ARG H2   H N N 27  
ARG HA   H N N 28  
ARG HB2  H N N 29  
ARG HB3  H N N 30  
ARG HG2  H N N 31  
ARG HG3  H N N 32  
ARG HD2  H N N 33  
ARG HD3  H N N 34  
ARG HE   H N N 35  
ARG HH11 H N N 36  
ARG HH12 H N N 37  
ARG HH21 H N N 38  
ARG HH22 H N N 39  
ARG HXT  H N N 40  
ASN N    N N N 41  
ASN CA   C N S 42  
ASN C    C N N 43  
ASN O    O N N 44  
ASN CB   C N N 45  
ASN CG   C N N 46  
ASN OD1  O N N 47  
ASN ND2  N N N 48  
ASN OXT  O N N 49  
ASN H    H N N 50  
ASN H2   H N N 51  
ASN HA   H N N 52  
ASN HB2  H N N 53  
ASN HB3  H N N 54  
ASN HD21 H N N 55  
ASN HD22 H N N 56  
ASN HXT  H N N 57  
ASP N    N N N 58  
ASP CA   C N S 59  
ASP C    C N N 60  
ASP O    O N N 61  
ASP CB   C N N 62  
ASP CG   C N N 63  
ASP OD1  O N N 64  
ASP OD2  O N N 65  
ASP OXT  O N N 66  
ASP H    H N N 67  
ASP H2   H N N 68  
ASP HA   H N N 69  
ASP HB2  H N N 70  
ASP HB3  H N N 71  
ASP HD2  H N N 72  
ASP HXT  H N N 73  
CYS N    N N N 74  
CYS CA   C N R 75  
CYS C    C N N 76  
CYS O    O N N 77  
CYS CB   C N N 78  
CYS SG   S N N 79  
CYS OXT  O N N 80  
CYS H    H N N 81  
CYS H2   H N N 82  
CYS HA   H N N 83  
CYS HB2  H N N 84  
CYS HB3  H N N 85  
CYS HG   H N N 86  
CYS HXT  H N N 87  
GLN N    N N N 88  
GLN CA   C N S 89  
GLN C    C N N 90  
GLN O    O N N 91  
GLN CB   C N N 92  
GLN CG   C N N 93  
GLN CD   C N N 94  
GLN OE1  O N N 95  
GLN NE2  N N N 96  
GLN OXT  O N N 97  
GLN H    H N N 98  
GLN H2   H N N 99  
GLN HA   H N N 100 
GLN HB2  H N N 101 
GLN HB3  H N N 102 
GLN HG2  H N N 103 
GLN HG3  H N N 104 
GLN HE21 H N N 105 
GLN HE22 H N N 106 
GLN HXT  H N N 107 
GLU N    N N N 108 
GLU CA   C N S 109 
GLU C    C N N 110 
GLU O    O N N 111 
GLU CB   C N N 112 
GLU CG   C N N 113 
GLU CD   C N N 114 
GLU OE1  O N N 115 
GLU OE2  O N N 116 
GLU OXT  O N N 117 
GLU H    H N N 118 
GLU H2   H N N 119 
GLU HA   H N N 120 
GLU HB2  H N N 121 
GLU HB3  H N N 122 
GLU HG2  H N N 123 
GLU HG3  H N N 124 
GLU HE2  H N N 125 
GLU HXT  H N N 126 
GLY N    N N N 127 
GLY CA   C N N 128 
GLY C    C N N 129 
GLY O    O N N 130 
GLY OXT  O N N 131 
GLY H    H N N 132 
GLY H2   H N N 133 
GLY HA2  H N N 134 
GLY HA3  H N N 135 
GLY HXT  H N N 136 
HIS N    N N N 137 
HIS CA   C N S 138 
HIS C    C N N 139 
HIS O    O N N 140 
HIS CB   C N N 141 
HIS CG   C Y N 142 
HIS ND1  N Y N 143 
HIS CD2  C Y N 144 
HIS CE1  C Y N 145 
HIS NE2  N Y N 146 
HIS OXT  O N N 147 
HIS H    H N N 148 
HIS H2   H N N 149 
HIS HA   H N N 150 
HIS HB2  H N N 151 
HIS HB3  H N N 152 
HIS HD1  H N N 153 
HIS HD2  H N N 154 
HIS HE1  H N N 155 
HIS HE2  H N N 156 
HIS HXT  H N N 157 
HOH O    O N N 158 
HOH H1   H N N 159 
HOH H2   H N N 160 
ILE N    N N N 161 
ILE CA   C N S 162 
ILE C    C N N 163 
ILE O    O N N 164 
ILE CB   C N S 165 
ILE CG1  C N N 166 
ILE CG2  C N N 167 
ILE CD1  C N N 168 
ILE OXT  O N N 169 
ILE H    H N N 170 
ILE H2   H N N 171 
ILE HA   H N N 172 
ILE HB   H N N 173 
ILE HG12 H N N 174 
ILE HG13 H N N 175 
ILE HG21 H N N 176 
ILE HG22 H N N 177 
ILE HG23 H N N 178 
ILE HD11 H N N 179 
ILE HD12 H N N 180 
ILE HD13 H N N 181 
ILE HXT  H N N 182 
LEU N    N N N 183 
LEU CA   C N S 184 
LEU C    C N N 185 
LEU O    O N N 186 
LEU CB   C N N 187 
LEU CG   C N N 188 
LEU CD1  C N N 189 
LEU CD2  C N N 190 
LEU OXT  O N N 191 
LEU H    H N N 192 
LEU H2   H N N 193 
LEU HA   H N N 194 
LEU HB2  H N N 195 
LEU HB3  H N N 196 
LEU HG   H N N 197 
LEU HD11 H N N 198 
LEU HD12 H N N 199 
LEU HD13 H N N 200 
LEU HD21 H N N 201 
LEU HD22 H N N 202 
LEU HD23 H N N 203 
LEU HXT  H N N 204 
LYS N    N N N 205 
LYS CA   C N S 206 
LYS C    C N N 207 
LYS O    O N N 208 
LYS CB   C N N 209 
LYS CG   C N N 210 
LYS CD   C N N 211 
LYS CE   C N N 212 
LYS NZ   N N N 213 
LYS OXT  O N N 214 
LYS H    H N N 215 
LYS H2   H N N 216 
LYS HA   H N N 217 
LYS HB2  H N N 218 
LYS HB3  H N N 219 
LYS HG2  H N N 220 
LYS HG3  H N N 221 
LYS HD2  H N N 222 
LYS HD3  H N N 223 
LYS HE2  H N N 224 
LYS HE3  H N N 225 
LYS HZ1  H N N 226 
LYS HZ2  H N N 227 
LYS HZ3  H N N 228 
LYS HXT  H N N 229 
MET N    N N N 230 
MET CA   C N S 231 
MET C    C N N 232 
MET O    O N N 233 
MET CB   C N N 234 
MET CG   C N N 235 
MET SD   S N N 236 
MET CE   C N N 237 
MET OXT  O N N 238 
MET H    H N N 239 
MET H2   H N N 240 
MET HA   H N N 241 
MET HB2  H N N 242 
MET HB3  H N N 243 
MET HG2  H N N 244 
MET HG3  H N N 245 
MET HE1  H N N 246 
MET HE2  H N N 247 
MET HE3  H N N 248 
MET HXT  H N N 249 
PHE N    N N N 250 
PHE CA   C N S 251 
PHE C    C N N 252 
PHE O    O N N 253 
PHE CB   C N N 254 
PHE CG   C Y N 255 
PHE CD1  C Y N 256 
PHE CD2  C Y N 257 
PHE CE1  C Y N 258 
PHE CE2  C Y N 259 
PHE CZ   C Y N 260 
PHE OXT  O N N 261 
PHE H    H N N 262 
PHE H2   H N N 263 
PHE HA   H N N 264 
PHE HB2  H N N 265 
PHE HB3  H N N 266 
PHE HD1  H N N 267 
PHE HD2  H N N 268 
PHE HE1  H N N 269 
PHE HE2  H N N 270 
PHE HZ   H N N 271 
PHE HXT  H N N 272 
PRO N    N N N 273 
PRO CA   C N S 274 
PRO C    C N N 275 
PRO O    O N N 276 
PRO CB   C N N 277 
PRO CG   C N N 278 
PRO CD   C N N 279 
PRO OXT  O N N 280 
PRO H    H N N 281 
PRO HA   H N N 282 
PRO HB2  H N N 283 
PRO HB3  H N N 284 
PRO HG2  H N N 285 
PRO HG3  H N N 286 
PRO HD2  H N N 287 
PRO HD3  H N N 288 
PRO HXT  H N N 289 
SER N    N N N 290 
SER CA   C N S 291 
SER C    C N N 292 
SER O    O N N 293 
SER CB   C N N 294 
SER OG   O N N 295 
SER OXT  O N N 296 
SER H    H N N 297 
SER H2   H N N 298 
SER HA   H N N 299 
SER HB2  H N N 300 
SER HB3  H N N 301 
SER HG   H N N 302 
SER HXT  H N N 303 
THR N    N N N 304 
THR CA   C N S 305 
THR C    C N N 306 
THR O    O N N 307 
THR CB   C N R 308 
THR OG1  O N N 309 
THR CG2  C N N 310 
THR OXT  O N N 311 
THR H    H N N 312 
THR H2   H N N 313 
THR HA   H N N 314 
THR HB   H N N 315 
THR HG1  H N N 316 
THR HG21 H N N 317 
THR HG22 H N N 318 
THR HG23 H N N 319 
THR HXT  H N N 320 
TYR N    N N N 321 
TYR CA   C N S 322 
TYR C    C N N 323 
TYR O    O N N 324 
TYR CB   C N N 325 
TYR CG   C Y N 326 
TYR CD1  C Y N 327 
TYR CD2  C Y N 328 
TYR CE1  C Y N 329 
TYR CE2  C Y N 330 
TYR CZ   C Y N 331 
TYR OH   O N N 332 
TYR OXT  O N N 333 
TYR H    H N N 334 
TYR H2   H N N 335 
TYR HA   H N N 336 
TYR HB2  H N N 337 
TYR HB3  H N N 338 
TYR HD1  H N N 339 
TYR HD2  H N N 340 
TYR HE1  H N N 341 
TYR HE2  H N N 342 
TYR HH   H N N 343 
TYR HXT  H N N 344 
VAL N    N N N 345 
VAL CA   C N S 346 
VAL C    C N N 347 
VAL O    O N N 348 
VAL CB   C N N 349 
VAL CG1  C N N 350 
VAL CG2  C N N 351 
VAL OXT  O N N 352 
VAL H    H N N 353 
VAL H2   H N N 354 
VAL HA   H N N 355 
VAL HB   H N N 356 
VAL HG11 H N N 357 
VAL HG12 H N N 358 
VAL HG13 H N N 359 
VAL HG21 H N N 360 
VAL HG22 H N N 361 
VAL HG23 H N N 362 
VAL HXT  H N N 363 
# 
loop_
_chem_comp_bond.comp_id 
_chem_comp_bond.atom_id_1 
_chem_comp_bond.atom_id_2 
_chem_comp_bond.value_order 
_chem_comp_bond.pdbx_aromatic_flag 
_chem_comp_bond.pdbx_stereo_config 
_chem_comp_bond.pdbx_ordinal 
ALA N   CA   sing N N 1   
ALA N   H    sing N N 2   
ALA N   H2   sing N N 3   
ALA CA  C    sing N N 4   
ALA CA  CB   sing N N 5   
ALA CA  HA   sing N N 6   
ALA C   O    doub N N 7   
ALA C   OXT  sing N N 8   
ALA CB  HB1  sing N N 9   
ALA CB  HB2  sing N N 10  
ALA CB  HB3  sing N N 11  
ALA OXT HXT  sing N N 12  
ARG N   CA   sing N N 13  
ARG N   H    sing N N 14  
ARG N   H2   sing N N 15  
ARG CA  C    sing N N 16  
ARG CA  CB   sing N N 17  
ARG CA  HA   sing N N 18  
ARG C   O    doub N N 19  
ARG C   OXT  sing N N 20  
ARG CB  CG   sing N N 21  
ARG CB  HB2  sing N N 22  
ARG CB  HB3  sing N N 23  
ARG CG  CD   sing N N 24  
ARG CG  HG2  sing N N 25  
ARG CG  HG3  sing N N 26  
ARG CD  NE   sing N N 27  
ARG CD  HD2  sing N N 28  
ARG CD  HD3  sing N N 29  
ARG NE  CZ   sing N N 30  
ARG NE  HE   sing N N 31  
ARG CZ  NH1  sing N N 32  
ARG CZ  NH2  doub N N 33  
ARG NH1 HH11 sing N N 34  
ARG NH1 HH12 sing N N 35  
ARG NH2 HH21 sing N N 36  
ARG NH2 HH22 sing N N 37  
ARG OXT HXT  sing N N 38  
ASN N   CA   sing N N 39  
ASN N   H    sing N N 40  
ASN N   H2   sing N N 41  
ASN CA  C    sing N N 42  
ASN CA  CB   sing N N 43  
ASN CA  HA   sing N N 44  
ASN C   O    doub N N 45  
ASN C   OXT  sing N N 46  
ASN CB  CG   sing N N 47  
ASN CB  HB2  sing N N 48  
ASN CB  HB3  sing N N 49  
ASN CG  OD1  doub N N 50  
ASN CG  ND2  sing N N 51  
ASN ND2 HD21 sing N N 52  
ASN ND2 HD22 sing N N 53  
ASN OXT HXT  sing N N 54  
ASP N   CA   sing N N 55  
ASP N   H    sing N N 56  
ASP N   H2   sing N N 57  
ASP CA  C    sing N N 58  
ASP CA  CB   sing N N 59  
ASP CA  HA   sing N N 60  
ASP C   O    doub N N 61  
ASP C   OXT  sing N N 62  
ASP CB  CG   sing N N 63  
ASP CB  HB2  sing N N 64  
ASP CB  HB3  sing N N 65  
ASP CG  OD1  doub N N 66  
ASP CG  OD2  sing N N 67  
ASP OD2 HD2  sing N N 68  
ASP OXT HXT  sing N N 69  
CYS N   CA   sing N N 70  
CYS N   H    sing N N 71  
CYS N   H2   sing N N 72  
CYS CA  C    sing N N 73  
CYS CA  CB   sing N N 74  
CYS CA  HA   sing N N 75  
CYS C   O    doub N N 76  
CYS C   OXT  sing N N 77  
CYS CB  SG   sing N N 78  
CYS CB  HB2  sing N N 79  
CYS CB  HB3  sing N N 80  
CYS SG  HG   sing N N 81  
CYS OXT HXT  sing N N 82  
GLN N   CA   sing N N 83  
GLN N   H    sing N N 84  
GLN N   H2   sing N N 85  
GLN CA  C    sing N N 86  
GLN CA  CB   sing N N 87  
GLN CA  HA   sing N N 88  
GLN C   O    doub N N 89  
GLN C   OXT  sing N N 90  
GLN CB  CG   sing N N 91  
GLN CB  HB2  sing N N 92  
GLN CB  HB3  sing N N 93  
GLN CG  CD   sing N N 94  
GLN CG  HG2  sing N N 95  
GLN CG  HG3  sing N N 96  
GLN CD  OE1  doub N N 97  
GLN CD  NE2  sing N N 98  
GLN NE2 HE21 sing N N 99  
GLN NE2 HE22 sing N N 100 
GLN OXT HXT  sing N N 101 
GLU N   CA   sing N N 102 
GLU N   H    sing N N 103 
GLU N   H2   sing N N 104 
GLU CA  C    sing N N 105 
GLU CA  CB   sing N N 106 
GLU CA  HA   sing N N 107 
GLU C   O    doub N N 108 
GLU C   OXT  sing N N 109 
GLU CB  CG   sing N N 110 
GLU CB  HB2  sing N N 111 
GLU CB  HB3  sing N N 112 
GLU CG  CD   sing N N 113 
GLU CG  HG2  sing N N 114 
GLU CG  HG3  sing N N 115 
GLU CD  OE1  doub N N 116 
GLU CD  OE2  sing N N 117 
GLU OE2 HE2  sing N N 118 
GLU OXT HXT  sing N N 119 
GLY N   CA   sing N N 120 
GLY N   H    sing N N 121 
GLY N   H2   sing N N 122 
GLY CA  C    sing N N 123 
GLY CA  HA2  sing N N 124 
GLY CA  HA3  sing N N 125 
GLY C   O    doub N N 126 
GLY C   OXT  sing N N 127 
GLY OXT HXT  sing N N 128 
HIS N   CA   sing N N 129 
HIS N   H    sing N N 130 
HIS N   H2   sing N N 131 
HIS CA  C    sing N N 132 
HIS CA  CB   sing N N 133 
HIS CA  HA   sing N N 134 
HIS C   O    doub N N 135 
HIS C   OXT  sing N N 136 
HIS CB  CG   sing N N 137 
HIS CB  HB2  sing N N 138 
HIS CB  HB3  sing N N 139 
HIS CG  ND1  sing Y N 140 
HIS CG  CD2  doub Y N 141 
HIS ND1 CE1  doub Y N 142 
HIS ND1 HD1  sing N N 143 
HIS CD2 NE2  sing Y N 144 
HIS CD2 HD2  sing N N 145 
HIS CE1 NE2  sing Y N 146 
HIS CE1 HE1  sing N N 147 
HIS NE2 HE2  sing N N 148 
HIS OXT HXT  sing N N 149 
HOH O   H1   sing N N 150 
HOH O   H2   sing N N 151 
ILE N   CA   sing N N 152 
ILE N   H    sing N N 153 
ILE N   H2   sing N N 154 
ILE CA  C    sing N N 155 
ILE CA  CB   sing N N 156 
ILE CA  HA   sing N N 157 
ILE C   O    doub N N 158 
ILE C   OXT  sing N N 159 
ILE CB  CG1  sing N N 160 
ILE CB  CG2  sing N N 161 
ILE CB  HB   sing N N 162 
ILE CG1 CD1  sing N N 163 
ILE CG1 HG12 sing N N 164 
ILE CG1 HG13 sing N N 165 
ILE CG2 HG21 sing N N 166 
ILE CG2 HG22 sing N N 167 
ILE CG2 HG23 sing N N 168 
ILE CD1 HD11 sing N N 169 
ILE CD1 HD12 sing N N 170 
ILE CD1 HD13 sing N N 171 
ILE OXT HXT  sing N N 172 
LEU N   CA   sing N N 173 
LEU N   H    sing N N 174 
LEU N   H2   sing N N 175 
LEU CA  C    sing N N 176 
LEU CA  CB   sing N N 177 
LEU CA  HA   sing N N 178 
LEU C   O    doub N N 179 
LEU C   OXT  sing N N 180 
LEU CB  CG   sing N N 181 
LEU CB  HB2  sing N N 182 
LEU CB  HB3  sing N N 183 
LEU CG  CD1  sing N N 184 
LEU CG  CD2  sing N N 185 
LEU CG  HG   sing N N 186 
LEU CD1 HD11 sing N N 187 
LEU CD1 HD12 sing N N 188 
LEU CD1 HD13 sing N N 189 
LEU CD2 HD21 sing N N 190 
LEU CD2 HD22 sing N N 191 
LEU CD2 HD23 sing N N 192 
LEU OXT HXT  sing N N 193 
LYS N   CA   sing N N 194 
LYS N   H    sing N N 195 
LYS N   H2   sing N N 196 
LYS CA  C    sing N N 197 
LYS CA  CB   sing N N 198 
LYS CA  HA   sing N N 199 
LYS C   O    doub N N 200 
LYS C   OXT  sing N N 201 
LYS CB  CG   sing N N 202 
LYS CB  HB2  sing N N 203 
LYS CB  HB3  sing N N 204 
LYS CG  CD   sing N N 205 
LYS CG  HG2  sing N N 206 
LYS CG  HG3  sing N N 207 
LYS CD  CE   sing N N 208 
LYS CD  HD2  sing N N 209 
LYS CD  HD3  sing N N 210 
LYS CE  NZ   sing N N 211 
LYS CE  HE2  sing N N 212 
LYS CE  HE3  sing N N 213 
LYS NZ  HZ1  sing N N 214 
LYS NZ  HZ2  sing N N 215 
LYS NZ  HZ3  sing N N 216 
LYS OXT HXT  sing N N 217 
MET N   CA   sing N N 218 
MET N   H    sing N N 219 
MET N   H2   sing N N 220 
MET CA  C    sing N N 221 
MET CA  CB   sing N N 222 
MET CA  HA   sing N N 223 
MET C   O    doub N N 224 
MET C   OXT  sing N N 225 
MET CB  CG   sing N N 226 
MET CB  HB2  sing N N 227 
MET CB  HB3  sing N N 228 
MET CG  SD   sing N N 229 
MET CG  HG2  sing N N 230 
MET CG  HG3  sing N N 231 
MET SD  CE   sing N N 232 
MET CE  HE1  sing N N 233 
MET CE  HE2  sing N N 234 
MET CE  HE3  sing N N 235 
MET OXT HXT  sing N N 236 
PHE N   CA   sing N N 237 
PHE N   H    sing N N 238 
PHE N   H2   sing N N 239 
PHE CA  C    sing N N 240 
PHE CA  CB   sing N N 241 
PHE CA  HA   sing N N 242 
PHE C   O    doub N N 243 
PHE C   OXT  sing N N 244 
PHE CB  CG   sing N N 245 
PHE CB  HB2  sing N N 246 
PHE CB  HB3  sing N N 247 
PHE CG  CD1  doub Y N 248 
PHE CG  CD2  sing Y N 249 
PHE CD1 CE1  sing Y N 250 
PHE CD1 HD1  sing N N 251 
PHE CD2 CE2  doub Y N 252 
PHE CD2 HD2  sing N N 253 
PHE CE1 CZ   doub Y N 254 
PHE CE1 HE1  sing N N 255 
PHE CE2 CZ   sing Y N 256 
PHE CE2 HE2  sing N N 257 
PHE CZ  HZ   sing N N 258 
PHE OXT HXT  sing N N 259 
PRO N   CA   sing N N 260 
PRO N   CD   sing N N 261 
PRO N   H    sing N N 262 
PRO CA  C    sing N N 263 
PRO CA  CB   sing N N 264 
PRO CA  HA   sing N N 265 
PRO C   O    doub N N 266 
PRO C   OXT  sing N N 267 
PRO CB  CG   sing N N 268 
PRO CB  HB2  sing N N 269 
PRO CB  HB3  sing N N 270 
PRO CG  CD   sing N N 271 
PRO CG  HG2  sing N N 272 
PRO CG  HG3  sing N N 273 
PRO CD  HD2  sing N N 274 
PRO CD  HD3  sing N N 275 
PRO OXT HXT  sing N N 276 
SER N   CA   sing N N 277 
SER N   H    sing N N 278 
SER N   H2   sing N N 279 
SER CA  C    sing N N 280 
SER CA  CB   sing N N 281 
SER CA  HA   sing N N 282 
SER C   O    doub N N 283 
SER C   OXT  sing N N 284 
SER CB  OG   sing N N 285 
SER CB  HB2  sing N N 286 
SER CB  HB3  sing N N 287 
SER OG  HG   sing N N 288 
SER OXT HXT  sing N N 289 
THR N   CA   sing N N 290 
THR N   H    sing N N 291 
THR N   H2   sing N N 292 
THR CA  C    sing N N 293 
THR CA  CB   sing N N 294 
THR CA  HA   sing N N 295 
THR C   O    doub N N 296 
THR C   OXT  sing N N 297 
THR CB  OG1  sing N N 298 
THR CB  CG2  sing N N 299 
THR CB  HB   sing N N 300 
THR OG1 HG1  sing N N 301 
THR CG2 HG21 sing N N 302 
THR CG2 HG22 sing N N 303 
THR CG2 HG23 sing N N 304 
THR OXT HXT  sing N N 305 
TYR N   CA   sing N N 306 
TYR N   H    sing N N 307 
TYR N   H2   sing N N 308 
TYR CA  C    sing N N 309 
TYR CA  CB   sing N N 310 
TYR CA  HA   sing N N 311 
TYR C   O    doub N N 312 
TYR C   OXT  sing N N 313 
TYR CB  CG   sing N N 314 
TYR CB  HB2  sing N N 315 
TYR CB  HB3  sing N N 316 
TYR CG  CD1  doub Y N 317 
TYR CG  CD2  sing Y N 318 
TYR CD1 CE1  sing Y N 319 
TYR CD1 HD1  sing N N 320 
TYR CD2 CE2  doub Y N 321 
TYR CD2 HD2  sing N N 322 
TYR CE1 CZ   doub Y N 323 
TYR CE1 HE1  sing N N 324 
TYR CE2 CZ   sing Y N 325 
TYR CE2 HE2  sing N N 326 
TYR CZ  OH   sing N N 327 
TYR OH  HH   sing N N 328 
TYR OXT HXT  sing N N 329 
VAL N   CA   sing N N 330 
VAL N   H    sing N N 331 
VAL N   H2   sing N N 332 
VAL CA  C    sing N N 333 
VAL CA  CB   sing N N 334 
VAL CA  HA   sing N N 335 
VAL C   O    doub N N 336 
VAL C   OXT  sing N N 337 
VAL CB  CG1  sing N N 338 
VAL CB  CG2  sing N N 339 
VAL CB  HB   sing N N 340 
VAL CG1 HG11 sing N N 341 
VAL CG1 HG12 sing N N 342 
VAL CG1 HG13 sing N N 343 
VAL CG2 HG21 sing N N 344 
VAL CG2 HG22 sing N N 345 
VAL CG2 HG23 sing N N 346 
VAL OXT HXT  sing N N 347 
# 
loop_
_pdbx_entity_nonpoly.entity_id 
_pdbx_entity_nonpoly.name 
_pdbx_entity_nonpoly.comp_id 
2 'UNKNOWN ATOM OR ION' UNX 
3 water                 HOH 
# 
_pdbx_initial_refinement_model.id               1 
_pdbx_initial_refinement_model.entity_id_list   ? 
_pdbx_initial_refinement_model.type             'experimental model' 
_pdbx_initial_refinement_model.source_name      PDB 
_pdbx_initial_refinement_model.accession_code   1A58 
_pdbx_initial_refinement_model.details          'pdb entry 1A58' 
# 
